data_4Z2C
#
_entry.id   4Z2C
#
_cell.length_a   92.030
_cell.length_b   94.950
_cell.length_c   274.290
_cell.angle_alpha   90.00
_cell.angle_beta   90.00
_cell.angle_gamma   90.00
#
_symmetry.space_group_name_H-M   'P 21 21 21'
#
loop_
_entity.id
_entity.type
_entity.pdbx_description
1 polymer 'DNA gyrase subunit A'
2 polymer 'DNA gyrase subunit B'
3 polymer 'Symmetrized E-site DNA'
4 polymer 'Symmetrized E-site DNA'
5 non-polymer '1-cyclopropyl-6-fluoro-8-methoxy-7-[(4aS,7aS)-octahydro-6H-pyrrolo[3,4-b]pyridin-6-yl]-4-oxo-1,4-dihydroquinoline-3-carboxylic acid'
6 non-polymer 'MAGNESIUM ION'
7 water water
#
loop_
_entity_poly.entity_id
_entity_poly.type
_entity_poly.pdbx_seq_one_letter_code
_entity_poly.pdbx_strand_id
1 'polypeptide(L)'
;MQDKNLVNVNLTKEMKASFIDYAMSVIVARALPDVRDGLKPVHRRILYGMNELGVTPDKPHKKSARITGDVMGKYHPHGD
SSIYEAMVRMAQWWSYRYMLVDGHGNFGSMDGDSAAAQRYTEARMSKIALEMLRDINKNTVDFVDNYDANEREPLVLPAR
FPNLLVNGATGIAVGMATNIPPHNLGETIDAVKLVMDNPEVTTKDLMEVLPGPDFPTGALVMGKSGIHKAYETGKGSIVL
RSRTEIETTKTGRERIVVTEFPYMVNKTKVHEHIVRLVQEKRIEGITAVRDESNREGVRFVIEVKRDASANVILNNLFKM
TQMQTNFGFNMLAIQNGIPKILSLRQILDAYIEHQKEVVVRRTRFDKEKAEARAHILEGLLIALDHIDEVIRIIRASETD
AEAQAELMSKFKLSERQSQAILDMRLRRLTGLERDKIQSEYDDLLALIADLADILAKPERVSQIIKDELDEVKRKFSDKR
RTELMVGQILSLEHHHHHH
;
A,B
2 'polypeptide(L)'
;MGHHHHHHHHHHSSGHIDDDDKHMKSGLEISNLPGKLADCSSNNPAETELFIVEGDSAGGSAKSGRNREFQAILPIRGKI
LNVEKASMDKILANEEIRSLFTAMGTGFGAEFDVSKARYQKLVLMTDADVDGAHIRTLLLTLIYRYMKPILEAGYVYIAQ
PPIYGVKVGSEIKEYIQPGADQEIKLQEALARYSEGRTKPTIQRYKGLGEMDDHQLWETTMDPEHRLMARVSVDDAAEAD
KIFDMLMGDRVEPRREFIEENAVYSTLDV
;
C,D
3 'polydeoxyribonucleotide' (DC)(DG)(DT)(DA)(DT)(DT)(DA)(DC)(DG)(DT)(DT)(DG)(DT)(DA)(DT) E,G
4 'polydeoxyribonucleotide' (DG)(DA)(DT)(DC)(DA)(DT)(DA)(DC)(DA)(DA)(DC)(DG)(DT)(DA)(DA)(DT)(DA)(DC)(DG) F,H
#
loop_
_chem_comp.id
_chem_comp.type
_chem_comp.name
_chem_comp.formula
DA DNA linking 2'-DEOXYADENOSINE-5'-MONOPHOSPHATE 'C10 H14 N5 O6 P'
DC DNA linking 2'-DEOXYCYTIDINE-5'-MONOPHOSPHATE 'C9 H14 N3 O7 P'
DG DNA linking 2'-DEOXYGUANOSINE-5'-MONOPHOSPHATE 'C10 H14 N5 O7 P'
DT DNA linking THYMIDINE-5'-MONOPHOSPHATE 'C10 H15 N2 O8 P'
MFX non-polymer '1-cyclopropyl-6-fluoro-8-methoxy-7-[(4aS,7aS)-octahydro-6H-pyrrolo[3,4-b]pyridin-6-yl]-4-oxo-1,4-dihydroquinoline-3-carboxylic acid' 'C21 H24 F N3 O4'
MG non-polymer 'MAGNESIUM ION' 'Mg 2'
#
# COMPACT_ATOMS: atom_id res chain seq x y z
N GLN A 2 14.84 40.45 -2.14
CA GLN A 2 13.70 39.95 -1.38
C GLN A 2 12.51 39.72 -2.31
N ASP A 3 11.30 39.91 -1.79
CA ASP A 3 10.08 39.67 -2.55
C ASP A 3 9.53 40.92 -3.22
N LYS A 4 8.26 40.87 -3.58
CA LYS A 4 7.58 41.99 -4.21
C LYS A 4 6.16 42.16 -3.65
N ASN A 5 5.33 41.15 -3.88
CA ASN A 5 3.97 41.16 -3.38
C ASN A 5 3.87 40.57 -1.98
N LEU A 6 3.87 41.44 -0.98
CA LEU A 6 3.86 41.00 0.42
C LEU A 6 2.60 41.45 1.16
N VAL A 7 1.71 40.50 1.42
CA VAL A 7 0.52 40.77 2.20
C VAL A 7 0.87 40.80 3.68
N ASN A 8 -0.09 41.15 4.52
CA ASN A 8 0.14 41.22 5.95
C ASN A 8 -0.91 40.43 6.75
N VAL A 9 -0.43 39.59 7.64
CA VAL A 9 -1.32 38.73 8.43
C VAL A 9 -1.19 39.01 9.93
N ASN A 10 -2.32 39.28 10.57
CA ASN A 10 -2.35 39.43 12.03
C ASN A 10 -2.30 38.07 12.69
N LEU A 11 -1.50 37.95 13.75
CA LEU A 11 -1.26 36.67 14.41
C LEU A 11 -2.55 35.98 14.88
N THR A 12 -3.33 36.70 15.68
CA THR A 12 -4.58 36.18 16.23
C THR A 12 -5.55 35.73 15.13
N LYS A 13 -5.56 36.48 14.02
CA LYS A 13 -6.44 36.19 12.90
C LYS A 13 -6.13 34.83 12.27
N GLU A 14 -4.89 34.67 11.82
CA GLU A 14 -4.45 33.43 11.18
C GLU A 14 -4.52 32.26 12.15
N MET A 15 -4.21 32.53 13.43
CA MET A 15 -4.31 31.51 14.46
C MET A 15 -5.74 30.99 14.58
N LYS A 16 -6.68 31.91 14.79
CA LYS A 16 -8.09 31.56 14.91
C LYS A 16 -8.60 30.84 13.65
N ALA A 17 -8.20 31.32 12.49
CA ALA A 17 -8.62 30.75 11.22
C ALA A 17 -8.14 29.31 11.07
N SER A 18 -6.83 29.12 11.10
CA SER A 18 -6.23 27.80 10.96
C SER A 18 -6.75 26.83 12.01
N PHE A 19 -6.89 27.31 13.24
CA PHE A 19 -7.37 26.46 14.31
C PHE A 19 -8.82 26.03 14.11
N ILE A 20 -9.66 26.96 13.68
CA ILE A 20 -11.05 26.64 13.38
C ILE A 20 -11.10 25.60 12.27
N ASP A 21 -10.23 25.79 11.27
CA ASP A 21 -10.09 24.87 10.16
C ASP A 21 -9.81 23.45 10.65
N TYR A 22 -8.65 23.26 11.27
CA TYR A 22 -8.24 21.94 11.75
C TYR A 22 -9.26 21.32 12.71
N ALA A 23 -9.75 22.14 13.64
CA ALA A 23 -10.74 21.71 14.61
C ALA A 23 -11.97 21.12 13.91
N MET A 24 -12.63 21.93 13.09
CA MET A 24 -13.83 21.48 12.38
C MET A 24 -13.55 20.24 11.54
N SER A 25 -12.39 20.22 10.87
CA SER A 25 -11.99 19.07 10.06
C SER A 25 -11.92 17.78 10.88
N VAL A 26 -11.35 17.88 12.08
CA VAL A 26 -11.22 16.72 12.97
C VAL A 26 -12.57 16.30 13.55
N ILE A 27 -13.35 17.29 13.98
CA ILE A 27 -14.64 17.04 14.59
C ILE A 27 -15.62 16.36 13.64
N VAL A 28 -15.80 16.97 12.47
CA VAL A 28 -16.83 16.52 11.54
C VAL A 28 -16.38 15.44 10.56
N ALA A 29 -15.09 15.17 10.50
CA ALA A 29 -14.58 14.25 9.48
C ALA A 29 -13.32 13.47 9.85
N ARG A 30 -13.23 13.00 11.09
CA ARG A 30 -12.10 12.17 11.52
C ARG A 30 -12.35 11.47 12.85
N ALA A 31 -12.71 12.24 13.86
CA ALA A 31 -12.75 11.74 15.23
C ALA A 31 -14.11 11.23 15.67
N LEU A 32 -15.18 11.84 15.17
CA LEU A 32 -16.52 11.51 15.63
C LEU A 32 -17.35 10.89 14.52
N PRO A 33 -18.16 9.87 14.86
CA PRO A 33 -18.98 9.16 13.87
C PRO A 33 -20.34 9.81 13.65
N ASP A 34 -20.84 9.67 12.43
CA ASP A 34 -22.20 10.09 12.11
C ASP A 34 -23.19 9.19 12.83
N VAL A 35 -24.16 9.78 13.51
CA VAL A 35 -25.08 9.05 14.36
C VAL A 35 -25.88 7.96 13.63
N ARG A 36 -26.18 8.19 12.36
CA ARG A 36 -27.03 7.29 11.59
C ARG A 36 -26.43 5.90 11.38
N ASP A 37 -25.17 5.85 10.93
CA ASP A 37 -24.51 4.58 10.69
C ASP A 37 -23.40 4.29 11.71
N GLY A 38 -23.16 5.24 12.60
CA GLY A 38 -22.16 5.08 13.64
C GLY A 38 -20.76 4.83 13.12
N LEU A 39 -20.43 5.46 11.99
CA LEU A 39 -19.13 5.25 11.37
C LEU A 39 -18.33 6.53 11.20
N LYS A 40 -17.01 6.40 11.31
CA LYS A 40 -16.08 7.47 10.96
C LYS A 40 -15.77 7.34 9.47
N PRO A 41 -15.28 8.42 8.85
CA PRO A 41 -14.92 8.41 7.42
C PRO A 41 -14.02 7.25 7.02
N VAL A 42 -13.01 6.93 7.82
CA VAL A 42 -12.07 5.87 7.47
C VAL A 42 -12.72 4.49 7.42
N HIS A 43 -13.55 4.18 8.41
CA HIS A 43 -14.23 2.89 8.46
C HIS A 43 -15.26 2.76 7.34
N ARG A 44 -15.98 3.86 7.10
CA ARG A 44 -16.99 3.90 6.04
C ARG A 44 -16.32 3.69 4.69
N ARG A 45 -15.14 4.29 4.52
CA ARG A 45 -14.39 4.17 3.28
C ARG A 45 -13.75 2.80 3.10
N ILE A 46 -13.41 2.15 4.21
CA ILE A 46 -12.88 0.79 4.14
C ILE A 46 -14.01 -0.18 3.77
N LEU A 47 -15.18 0.01 4.36
CA LEU A 47 -16.33 -0.83 4.05
C LEU A 47 -16.82 -0.65 2.61
N TYR A 48 -17.01 0.60 2.20
CA TYR A 48 -17.46 0.88 0.84
C TYR A 48 -16.40 0.45 -0.17
N GLY A 49 -15.14 0.70 0.16
CA GLY A 49 -14.04 0.30 -0.69
C GLY A 49 -14.00 -1.21 -0.86
N MET A 50 -14.28 -1.93 0.21
CA MET A 50 -14.34 -3.38 0.17
C MET A 50 -15.53 -3.84 -0.65
N ASN A 51 -16.63 -3.08 -0.59
CA ASN A 51 -17.81 -3.42 -1.38
C ASN A 51 -17.53 -3.29 -2.87
N GLU A 52 -16.94 -2.17 -3.25
CA GLU A 52 -16.58 -1.94 -4.65
C GLU A 52 -15.49 -2.89 -5.11
N LEU A 53 -14.68 -3.36 -4.17
CA LEU A 53 -13.63 -4.32 -4.48
C LEU A 53 -14.23 -5.69 -4.77
N GLY A 54 -15.44 -5.91 -4.25
CA GLY A 54 -16.10 -7.18 -4.43
C GLY A 54 -15.63 -8.24 -3.46
N VAL A 55 -15.02 -7.80 -2.36
CA VAL A 55 -14.65 -8.73 -1.29
C VAL A 55 -15.79 -8.87 -0.29
N THR A 56 -16.97 -9.21 -0.80
CA THR A 56 -18.15 -9.49 0.01
C THR A 56 -17.98 -10.86 0.66
N PRO A 57 -18.79 -11.16 1.70
CA PRO A 57 -18.74 -12.46 2.39
C PRO A 57 -18.60 -13.67 1.47
N ASP A 58 -19.38 -13.72 0.40
CA ASP A 58 -19.34 -14.86 -0.51
C ASP A 58 -18.02 -14.97 -1.27
N LYS A 59 -17.61 -13.87 -1.92
CA LYS A 59 -16.36 -13.85 -2.67
C LYS A 59 -15.15 -14.00 -1.76
N PRO A 60 -14.07 -14.63 -2.27
CA PRO A 60 -12.88 -14.91 -1.46
C PRO A 60 -12.14 -13.66 -0.99
N HIS A 61 -11.14 -13.86 -0.13
CA HIS A 61 -10.36 -12.76 0.42
C HIS A 61 -9.46 -12.13 -0.63
N LYS A 62 -9.02 -10.91 -0.35
CA LYS A 62 -8.02 -10.25 -1.18
C LYS A 62 -6.95 -9.66 -0.27
N LYS A 63 -5.72 -9.59 -0.77
CA LYS A 63 -4.58 -9.07 -0.02
C LYS A 63 -4.87 -7.70 0.59
N SER A 64 -4.48 -7.51 1.84
CA SER A 64 -4.79 -6.29 2.58
C SER A 64 -4.24 -5.04 1.89
N ALA A 65 -3.05 -5.15 1.33
CA ALA A 65 -2.39 -4.03 0.66
C ALA A 65 -3.19 -3.55 -0.56
N ARG A 66 -3.95 -4.46 -1.16
CA ARG A 66 -4.80 -4.09 -2.29
C ARG A 66 -6.00 -3.28 -1.82
N ILE A 67 -6.63 -3.76 -0.76
CA ILE A 67 -7.77 -3.08 -0.16
C ILE A 67 -7.39 -1.68 0.31
N THR A 68 -6.27 -1.59 1.03
CA THR A 68 -5.79 -0.30 1.53
C THR A 68 -5.31 0.60 0.40
N GLY A 69 -4.75 -0.01 -0.64
CA GLY A 69 -4.32 0.74 -1.80
C GLY A 69 -5.49 1.39 -2.51
N ASP A 70 -6.58 0.64 -2.64
CA ASP A 70 -7.79 1.16 -3.27
C ASP A 70 -8.49 2.20 -2.40
N VAL A 71 -8.59 1.92 -1.10
CA VAL A 71 -9.21 2.85 -0.16
C VAL A 71 -8.46 4.17 -0.15
N MET A 72 -7.14 4.10 -0.11
CA MET A 72 -6.30 5.28 -0.14
C MET A 72 -6.44 6.04 -1.46
N GLY A 73 -6.28 5.32 -2.57
CA GLY A 73 -6.27 5.95 -3.88
C GLY A 73 -7.59 6.57 -4.27
N LYS A 74 -8.69 5.94 -3.87
CA LYS A 74 -10.02 6.37 -4.30
C LYS A 74 -10.76 7.23 -3.29
N TYR A 75 -10.64 6.90 -2.01
CA TYR A 75 -11.51 7.53 -1.01
C TYR A 75 -10.80 8.23 0.15
N HIS A 76 -9.86 7.54 0.79
CA HIS A 76 -9.25 8.06 2.02
C HIS A 76 -7.84 8.62 1.79
N PRO A 77 -7.73 9.96 1.75
CA PRO A 77 -6.48 10.64 1.43
C PRO A 77 -5.54 10.79 2.61
N HIS A 78 -5.13 9.69 3.22
CA HIS A 78 -4.19 9.73 4.34
C HIS A 78 -3.21 8.55 4.27
N GLY A 79 -2.59 8.26 5.41
CA GLY A 79 -1.59 7.21 5.47
C GLY A 79 -2.15 5.81 5.24
N ASP A 80 -1.34 4.98 4.59
CA ASP A 80 -1.67 3.58 4.37
C ASP A 80 -1.81 2.89 5.73
N SER A 81 -0.92 3.28 6.64
CA SER A 81 -0.87 2.74 7.99
C SER A 81 -2.17 2.95 8.75
N SER A 82 -2.73 4.15 8.64
CA SER A 82 -3.97 4.48 9.34
C SER A 82 -5.12 3.59 8.88
N ILE A 83 -5.24 3.46 7.56
CA ILE A 83 -6.28 2.63 6.96
C ILE A 83 -6.13 1.17 7.36
N TYR A 84 -4.93 0.61 7.15
CA TYR A 84 -4.69 -0.79 7.49
C TYR A 84 -4.93 -1.06 8.97
N GLU A 85 -4.52 -0.13 9.81
CA GLU A 85 -4.73 -0.23 11.26
C GLU A 85 -6.21 -0.24 11.59
N ALA A 86 -6.96 0.65 10.94
CA ALA A 86 -8.40 0.74 11.16
C ALA A 86 -9.07 -0.57 10.79
N MET A 87 -8.72 -1.10 9.62
CA MET A 87 -9.28 -2.36 9.13
C MET A 87 -8.97 -3.52 10.08
N VAL A 88 -7.69 -3.66 10.42
CA VAL A 88 -7.24 -4.67 11.36
C VAL A 88 -8.02 -4.58 12.67
N ARG A 89 -8.25 -3.36 13.14
CA ARG A 89 -9.02 -3.15 14.35
C ARG A 89 -10.46 -3.62 14.18
N MET A 90 -11.08 -3.30 13.05
CA MET A 90 -12.45 -3.76 12.82
C MET A 90 -12.50 -5.21 12.37
N ALA A 91 -11.35 -5.88 12.43
CA ALA A 91 -11.31 -7.34 12.24
C ALA A 91 -11.14 -8.09 13.56
N GLN A 92 -10.91 -7.37 14.65
CA GLN A 92 -10.64 -8.00 15.94
C GLN A 92 -11.88 -8.15 16.83
N TRP A 93 -12.12 -9.38 17.30
CA TRP A 93 -13.30 -9.69 18.10
C TRP A 93 -13.31 -8.98 19.44
N TRP A 94 -12.13 -8.75 20.00
CA TRP A 94 -12.02 -8.12 21.31
C TRP A 94 -12.01 -6.59 21.22
N SER A 95 -12.09 -6.09 19.99
CA SER A 95 -12.12 -4.65 19.75
C SER A 95 -13.48 -4.24 19.19
N TYR A 96 -14.02 -5.08 18.33
CA TYR A 96 -15.36 -4.86 17.78
C TYR A 96 -16.32 -5.92 18.29
N ARG A 97 -17.38 -5.45 18.96
CA ARG A 97 -18.40 -6.33 19.51
C ARG A 97 -18.99 -7.23 18.43
N TYR A 98 -19.20 -6.64 17.26
CA TYR A 98 -19.59 -7.40 16.08
C TYR A 98 -18.69 -6.99 14.92
N MET A 99 -17.69 -7.82 14.66
CA MET A 99 -16.66 -7.54 13.66
C MET A 99 -17.24 -7.26 12.27
N LEU A 100 -16.68 -6.24 11.61
CA LEU A 100 -17.14 -5.84 10.30
C LEU A 100 -16.21 -6.38 9.22
N VAL A 101 -15.17 -7.10 9.63
CA VAL A 101 -14.17 -7.62 8.70
C VAL A 101 -13.73 -9.03 9.05
N ASP A 102 -13.71 -9.91 8.06
CA ASP A 102 -13.10 -11.22 8.21
C ASP A 102 -11.68 -11.17 7.67
N GLY A 103 -10.73 -11.67 8.47
CA GLY A 103 -9.33 -11.64 8.08
C GLY A 103 -8.67 -13.00 8.06
N HIS A 104 -7.49 -13.08 7.48
CA HIS A 104 -6.72 -14.31 7.41
C HIS A 104 -5.25 -14.04 7.69
N GLY A 105 -4.69 -14.76 8.65
CA GLY A 105 -3.31 -14.57 9.06
C GLY A 105 -3.23 -13.80 10.36
N ASN A 106 -2.01 -13.40 10.72
CA ASN A 106 -1.78 -12.67 11.96
C ASN A 106 -2.45 -11.30 11.95
N PHE A 107 -3.57 -11.21 12.67
CA PHE A 107 -4.33 -9.95 12.75
C PHE A 107 -4.22 -9.33 14.14
N GLY A 108 -3.25 -9.80 14.92
CA GLY A 108 -3.01 -9.26 16.24
C GLY A 108 -3.57 -10.13 17.35
N SER A 109 -3.18 -9.84 18.59
CA SER A 109 -3.66 -10.57 19.75
C SER A 109 -4.11 -9.62 20.84
N MET A 110 -4.82 -10.16 21.84
CA MET A 110 -5.31 -9.37 22.95
C MET A 110 -4.15 -8.88 23.81
N ASP A 111 -3.02 -9.56 23.72
CA ASP A 111 -1.83 -9.21 24.50
C ASP A 111 -1.21 -7.91 24.03
N GLY A 112 -1.69 -7.40 22.90
CA GLY A 112 -1.21 -6.14 22.37
C GLY A 112 -0.31 -6.30 21.17
N ASP A 113 -0.08 -7.54 20.77
CA ASP A 113 0.75 -7.83 19.61
C ASP A 113 0.10 -7.28 18.34
N SER A 114 0.89 -6.56 17.54
CA SER A 114 0.39 -5.95 16.32
C SER A 114 0.08 -7.01 15.26
N ALA A 115 -0.70 -6.61 14.26
CA ALA A 115 -1.00 -7.49 13.13
C ALA A 115 0.22 -7.66 12.25
N ALA A 116 0.19 -8.68 11.40
CA ALA A 116 1.27 -8.91 10.45
C ALA A 116 1.28 -7.82 9.39
N ALA A 117 2.37 -7.76 8.62
CA ALA A 117 2.47 -6.79 7.54
C ALA A 117 1.41 -7.08 6.48
N GLN A 118 1.04 -6.05 5.72
CA GLN A 118 -0.06 -6.14 4.76
C GLN A 118 0.21 -7.13 3.63
N ARG A 119 1.47 -7.52 3.48
CA ARG A 119 1.86 -8.44 2.42
CA ARG A 119 1.88 -8.44 2.43
C ARG A 119 1.72 -9.89 2.85
N TYR A 120 1.07 -10.11 3.99
CA TYR A 120 0.84 -11.46 4.51
C TYR A 120 -0.65 -11.68 4.77
N THR A 121 -1.31 -10.63 5.23
CA THR A 121 -2.72 -10.72 5.60
C THR A 121 -3.66 -10.36 4.45
N GLU A 122 -4.77 -11.09 4.36
CA GLU A 122 -5.83 -10.75 3.42
C GLU A 122 -7.14 -10.58 4.20
N ALA A 123 -8.14 -9.95 3.57
CA ALA A 123 -9.37 -9.63 4.27
C ALA A 123 -10.58 -9.53 3.38
N ARG A 124 -11.74 -9.40 4.00
CA ARG A 124 -13.01 -9.19 3.31
C ARG A 124 -14.07 -8.74 4.29
N MET A 125 -15.29 -8.55 3.80
CA MET A 125 -16.40 -8.14 4.65
C MET A 125 -16.89 -9.31 5.49
N SER A 126 -17.33 -9.01 6.71
CA SER A 126 -18.01 -10.00 7.53
C SER A 126 -19.45 -10.08 7.06
N LYS A 127 -20.13 -11.16 7.39
CA LYS A 127 -21.50 -11.38 6.95
C LYS A 127 -22.45 -10.31 7.48
N ILE A 128 -22.06 -9.65 8.57
CA ILE A 128 -22.91 -8.63 9.19
C ILE A 128 -22.68 -7.24 8.57
N ALA A 129 -21.49 -7.01 8.04
CA ALA A 129 -21.18 -5.73 7.38
C ALA A 129 -21.98 -5.59 6.09
N LEU A 130 -22.38 -6.73 5.54
CA LEU A 130 -23.23 -6.74 4.36
C LEU A 130 -24.55 -6.04 4.66
N GLU A 131 -24.96 -6.08 5.93
CA GLU A 131 -26.14 -5.36 6.37
C GLU A 131 -25.83 -3.88 6.47
N MET A 132 -24.59 -3.53 6.80
CA MET A 132 -24.16 -2.14 6.79
C MET A 132 -24.19 -1.59 5.38
N LEU A 133 -24.03 -2.48 4.40
CA LEU A 133 -23.99 -2.06 3.00
C LEU A 133 -25.22 -2.43 2.19
N ARG A 134 -26.16 -3.16 2.80
CA ARG A 134 -27.32 -3.69 2.09
C ARG A 134 -28.15 -2.61 1.40
N ASP A 135 -28.49 -2.85 0.14
CA ASP A 135 -29.29 -1.94 -0.68
C ASP A 135 -28.60 -0.60 -0.91
N ILE A 136 -27.28 -0.63 -1.06
CA ILE A 136 -26.50 0.57 -1.34
C ILE A 136 -26.75 1.05 -2.77
N ASN A 137 -27.11 0.12 -3.65
CA ASN A 137 -27.30 0.42 -5.07
C ASN A 137 -28.77 0.67 -5.46
N LYS A 138 -29.53 1.26 -4.55
CA LYS A 138 -30.93 1.59 -4.84
C LYS A 138 -31.25 3.01 -4.40
N ASN A 139 -30.24 3.87 -4.47
CA ASN A 139 -30.36 5.28 -4.06
C ASN A 139 -30.97 5.46 -2.67
N THR A 140 -30.54 4.61 -1.73
CA THR A 140 -30.98 4.71 -0.35
C THR A 140 -30.06 5.68 0.40
N VAL A 141 -29.03 6.13 -0.28
CA VAL A 141 -27.97 6.91 0.35
C VAL A 141 -27.36 7.91 -0.62
N ASP A 142 -27.08 9.12 -0.13
CA ASP A 142 -26.46 10.17 -0.93
C ASP A 142 -24.99 9.91 -1.22
N PHE A 143 -24.49 10.49 -2.31
CA PHE A 143 -23.09 10.37 -2.68
C PHE A 143 -22.47 11.73 -2.90
N VAL A 144 -21.14 11.80 -2.84
CA VAL A 144 -20.39 13.03 -3.08
C VAL A 144 -19.11 12.72 -3.83
N ASP A 145 -18.43 13.76 -4.29
CA ASP A 145 -17.15 13.59 -4.98
C ASP A 145 -16.05 13.22 -4.00
N ASN A 146 -15.12 12.37 -4.42
CA ASN A 146 -13.95 12.07 -3.62
C ASN A 146 -13.00 13.26 -3.63
N TYR A 147 -11.93 13.19 -2.85
CA TYR A 147 -10.98 14.29 -2.74
C TYR A 147 -10.34 14.63 -4.10
N ASP A 148 -10.13 13.61 -4.92
CA ASP A 148 -9.52 13.79 -6.23
C ASP A 148 -10.56 14.25 -7.25
N ALA A 149 -11.83 14.23 -6.83
CA ALA A 149 -12.95 14.63 -7.67
C ALA A 149 -13.06 13.82 -8.96
N ASN A 150 -12.69 12.55 -8.89
CA ASN A 150 -12.83 11.62 -10.01
C ASN A 150 -13.37 10.27 -9.59
N GLU A 151 -13.90 10.21 -8.38
CA GLU A 151 -14.64 9.04 -7.88
C GLU A 151 -15.80 9.55 -7.04
N ARG A 152 -16.69 8.65 -6.63
CA ARG A 152 -17.79 9.06 -5.75
C ARG A 152 -17.93 8.15 -4.53
N GLU A 153 -18.29 8.74 -3.39
CA GLU A 153 -18.39 7.98 -2.14
C GLU A 153 -19.68 8.31 -1.38
N PRO A 154 -20.23 7.33 -0.67
CA PRO A 154 -21.42 7.51 0.16
C PRO A 154 -21.15 8.37 1.39
N LEU A 155 -22.03 9.33 1.66
CA LEU A 155 -21.91 10.19 2.83
C LEU A 155 -22.18 9.39 4.09
N VAL A 156 -23.26 8.60 4.05
CA VAL A 156 -23.63 7.73 5.16
C VAL A 156 -23.92 6.36 4.55
N LEU A 157 -23.91 5.32 5.37
CA LEU A 157 -24.26 3.99 4.90
C LEU A 157 -25.69 3.66 5.29
N PRO A 158 -26.31 2.67 4.60
CA PRO A 158 -27.65 2.24 4.98
C PRO A 158 -27.71 1.80 6.44
N ALA A 159 -26.75 0.97 6.85
CA ALA A 159 -26.65 0.48 8.22
C ALA A 159 -27.94 -0.16 8.71
N ARG A 160 -28.14 -1.43 8.34
CA ARG A 160 -29.39 -2.11 8.67
C ARG A 160 -29.37 -2.74 10.07
N PHE A 161 -28.37 -2.37 10.86
CA PHE A 161 -28.39 -2.65 12.30
C PHE A 161 -27.78 -1.47 13.04
N PRO A 162 -28.36 -1.11 14.20
CA PRO A 162 -27.93 0.06 14.97
C PRO A 162 -26.47 -0.02 15.39
N ASN A 163 -25.56 0.25 14.46
CA ASN A 163 -24.13 0.03 14.66
C ASN A 163 -23.49 0.93 15.71
N LEU A 164 -24.04 2.13 15.88
CA LEU A 164 -23.49 3.08 16.85
C LEU A 164 -23.52 2.51 18.26
N LEU A 165 -24.72 2.17 18.74
CA LEU A 165 -24.87 1.62 20.08
C LEU A 165 -24.29 0.22 20.20
N VAL A 166 -24.50 -0.59 19.17
CA VAL A 166 -24.08 -1.99 19.17
C VAL A 166 -22.56 -2.15 19.21
N ASN A 167 -21.84 -1.37 18.40
CA ASN A 167 -20.38 -1.46 18.36
C ASN A 167 -19.64 -0.41 19.19
N GLY A 168 -20.36 0.63 19.62
CA GLY A 168 -19.76 1.69 20.40
C GLY A 168 -18.91 2.63 19.55
N ALA A 169 -18.31 3.63 20.19
CA ALA A 169 -17.52 4.62 19.46
C ALA A 169 -16.48 5.35 20.33
N THR A 170 -15.38 5.73 19.71
CA THR A 170 -14.29 6.45 20.37
C THR A 170 -13.30 7.00 19.33
N GLY A 171 -12.81 8.23 19.52
CA GLY A 171 -13.17 9.03 20.67
C GLY A 171 -12.67 10.48 20.65
N ILE A 172 -11.36 10.66 20.54
CA ILE A 172 -10.73 11.96 20.78
C ILE A 172 -10.78 12.94 19.62
N ALA A 173 -11.43 14.09 19.83
CA ALA A 173 -11.52 15.14 18.82
C ALA A 173 -10.72 16.37 19.23
N VAL A 174 -11.29 17.55 18.98
CA VAL A 174 -10.69 18.81 19.44
C VAL A 174 -11.75 19.64 20.16
N GLY A 175 -11.60 19.75 21.48
CA GLY A 175 -12.59 20.44 22.29
C GLY A 175 -13.68 19.48 22.74
N MET A 176 -13.64 18.27 22.19
CA MET A 176 -14.62 17.23 22.51
C MET A 176 -13.98 15.86 22.48
N ALA A 177 -14.71 14.86 22.99
CA ALA A 177 -14.29 13.47 22.96
C ALA A 177 -15.49 12.57 23.21
N THR A 178 -15.72 11.61 22.32
CA THR A 178 -16.86 10.71 22.48
C THR A 178 -16.45 9.40 23.13
N ASN A 179 -17.38 8.81 23.88
CA ASN A 179 -17.16 7.49 24.47
C ASN A 179 -18.48 6.75 24.62
N ILE A 180 -18.66 5.73 23.78
CA ILE A 180 -19.87 4.92 23.79
C ILE A 180 -19.48 3.45 23.85
N PRO A 181 -20.09 2.70 24.78
CA PRO A 181 -19.76 1.28 24.92
C PRO A 181 -20.52 0.46 23.90
N PRO A 182 -20.00 -0.73 23.56
CA PRO A 182 -20.73 -1.64 22.68
C PRO A 182 -22.00 -2.16 23.36
N HIS A 183 -22.96 -2.63 22.57
CA HIS A 183 -24.18 -3.20 23.13
C HIS A 183 -24.53 -4.50 22.43
N ASN A 184 -25.40 -5.29 23.04
CA ASN A 184 -25.88 -6.52 22.42
C ASN A 184 -26.81 -6.21 21.25
N LEU A 185 -26.67 -6.98 20.16
CA LEU A 185 -27.46 -6.76 18.95
C LEU A 185 -28.96 -6.89 19.24
N GLY A 186 -29.37 -8.08 19.65
CA GLY A 186 -30.77 -8.38 19.91
C GLY A 186 -31.43 -7.41 20.85
N GLU A 187 -30.72 -7.00 21.89
CA GLU A 187 -31.25 -6.07 22.88
C GLU A 187 -31.48 -4.68 22.29
N THR A 188 -30.49 -4.18 21.56
CA THR A 188 -30.58 -2.87 20.93
C THR A 188 -31.72 -2.85 19.92
N ILE A 189 -31.87 -3.96 19.19
CA ILE A 189 -32.97 -4.09 18.23
C ILE A 189 -34.33 -4.13 18.95
N ASP A 190 -34.38 -4.83 20.07
CA ASP A 190 -35.60 -4.88 20.87
C ASP A 190 -35.98 -3.48 21.36
N ALA A 191 -34.97 -2.70 21.74
CA ALA A 191 -35.19 -1.33 22.18
C ALA A 191 -35.67 -0.45 21.03
N VAL A 192 -35.09 -0.65 19.85
CA VAL A 192 -35.50 0.08 18.65
C VAL A 192 -36.95 -0.18 18.30
N LYS A 193 -37.32 -1.46 18.26
CA LYS A 193 -38.70 -1.86 17.99
C LYS A 193 -39.63 -1.33 19.08
N LEU A 194 -39.14 -1.32 20.32
CA LEU A 194 -39.92 -0.86 21.45
C LEU A 194 -40.27 0.61 21.27
N VAL A 195 -39.26 1.42 20.99
CA VAL A 195 -39.45 2.85 20.76
C VAL A 195 -40.33 3.08 19.53
N MET A 196 -40.20 2.22 18.53
CA MET A 196 -41.04 2.31 17.34
C MET A 196 -42.51 2.11 17.67
N ASP A 197 -42.80 1.15 18.53
CA ASP A 197 -44.18 0.86 18.89
C ASP A 197 -44.75 1.85 19.91
N ASN A 198 -44.19 1.85 21.11
CA ASN A 198 -44.60 2.80 22.14
C ASN A 198 -43.65 3.99 22.22
N PRO A 199 -44.06 5.13 21.66
CA PRO A 199 -43.20 6.32 21.56
C PRO A 199 -43.16 7.12 22.84
N GLU A 200 -44.08 6.83 23.76
CA GLU A 200 -44.11 7.51 25.05
C GLU A 200 -43.38 6.68 26.11
N VAL A 201 -42.46 5.84 25.64
CA VAL A 201 -41.70 4.97 26.53
C VAL A 201 -40.67 5.76 27.33
N THR A 202 -40.56 5.44 28.61
CA THR A 202 -39.58 6.07 29.48
C THR A 202 -38.24 5.36 29.35
N THR A 203 -37.21 5.93 29.96
CA THR A 203 -35.87 5.34 29.92
C THR A 203 -35.85 3.98 30.63
N LYS A 204 -36.61 3.87 31.70
CA LYS A 204 -36.72 2.61 32.45
C LYS A 204 -37.29 1.50 31.58
N ASP A 205 -38.36 1.82 30.86
CA ASP A 205 -38.99 0.91 29.91
C ASP A 205 -37.96 0.42 28.88
N LEU A 206 -37.10 1.34 28.45
CA LEU A 206 -36.05 0.99 27.50
C LEU A 206 -35.01 0.08 28.15
N MET A 207 -34.72 0.31 29.42
CA MET A 207 -33.74 -0.49 30.14
C MET A 207 -34.28 -1.88 30.45
N GLU A 208 -35.61 -2.03 30.38
CA GLU A 208 -36.23 -3.33 30.55
C GLU A 208 -35.86 -4.30 29.43
N VAL A 209 -35.39 -3.76 28.31
CA VAL A 209 -34.93 -4.59 27.20
C VAL A 209 -33.48 -4.27 26.83
N LEU A 210 -33.03 -3.07 27.18
CA LEU A 210 -31.63 -2.71 27.06
C LEU A 210 -31.04 -2.47 28.45
N PRO A 211 -30.70 -3.55 29.15
CA PRO A 211 -30.24 -3.48 30.55
C PRO A 211 -29.01 -2.60 30.70
N GLY A 212 -28.10 -2.70 29.74
CA GLY A 212 -26.88 -1.91 29.76
C GLY A 212 -25.86 -2.40 28.75
N PRO A 213 -24.62 -1.90 28.85
CA PRO A 213 -23.53 -2.23 27.94
C PRO A 213 -23.23 -3.72 27.89
N ASP A 214 -22.81 -4.20 26.73
CA ASP A 214 -22.38 -5.59 26.59
C ASP A 214 -21.03 -5.60 25.88
N PHE A 215 -19.97 -5.63 26.68
CA PHE A 215 -18.60 -5.55 26.16
C PHE A 215 -18.15 -6.86 25.53
N PRO A 216 -17.30 -6.77 24.48
CA PRO A 216 -16.85 -7.94 23.72
C PRO A 216 -16.12 -8.97 24.57
N THR A 217 -15.43 -8.53 25.62
CA THR A 217 -14.71 -9.44 26.50
C THR A 217 -15.62 -9.98 27.60
N GLY A 218 -16.65 -9.19 27.94
CA GLY A 218 -17.60 -9.59 28.95
C GLY A 218 -17.41 -8.86 30.27
N ALA A 219 -16.76 -9.54 31.22
CA ALA A 219 -16.50 -8.99 32.55
C ALA A 219 -17.77 -8.59 33.31
N LEU A 220 -17.60 -7.80 34.36
CA LEU A 220 -18.68 -7.44 35.25
C LEU A 220 -18.87 -5.92 35.32
N VAL A 221 -20.09 -5.50 35.61
CA VAL A 221 -20.40 -4.07 35.77
C VAL A 221 -20.94 -3.78 37.16
N MET A 222 -20.36 -2.78 37.81
CA MET A 222 -20.81 -2.32 39.12
C MET A 222 -21.41 -0.91 38.97
N GLY A 223 -22.61 -0.74 39.51
CA GLY A 223 -23.29 0.54 39.47
C GLY A 223 -24.16 0.71 38.22
N LYS A 224 -25.44 0.40 38.35
CA LYS A 224 -26.39 0.56 37.25
C LYS A 224 -26.93 1.99 37.21
N SER A 225 -26.75 2.71 38.30
CA SER A 225 -27.16 4.11 38.39
C SER A 225 -26.46 4.92 37.32
N GLY A 226 -25.18 4.63 37.11
CA GLY A 226 -24.42 5.26 36.06
C GLY A 226 -24.98 4.93 34.69
N ILE A 227 -25.46 3.70 34.53
CA ILE A 227 -26.06 3.28 33.28
C ILE A 227 -27.34 4.07 32.99
N HIS A 228 -28.21 4.17 33.97
CA HIS A 228 -29.45 4.93 33.80
C HIS A 228 -29.17 6.41 33.53
N LYS A 229 -28.28 7.00 34.33
CA LYS A 229 -27.92 8.39 34.18
C LYS A 229 -27.37 8.64 32.78
N ALA A 230 -26.59 7.69 32.30
CA ALA A 230 -25.99 7.77 30.97
C ALA A 230 -27.03 7.69 29.87
N TYR A 231 -27.97 6.76 30.02
CA TYR A 231 -29.01 6.56 29.01
C TYR A 231 -30.02 7.68 29.03
N GLU A 232 -30.06 8.44 30.13
CA GLU A 232 -31.01 9.54 30.25
C GLU A 232 -30.39 10.89 29.92
N THR A 233 -29.06 10.98 29.99
CA THR A 233 -28.38 12.26 29.80
C THR A 233 -27.32 12.24 28.69
N GLY A 234 -26.70 11.08 28.50
CA GLY A 234 -25.61 10.96 27.54
C GLY A 234 -24.26 10.96 28.22
N LYS A 235 -24.25 11.38 29.48
CA LYS A 235 -23.05 11.36 30.30
C LYS A 235 -23.25 10.49 31.53
N GLY A 236 -22.21 9.78 31.93
CA GLY A 236 -22.30 8.98 33.15
C GLY A 236 -21.12 8.05 33.39
N SER A 237 -20.92 7.67 34.65
CA SER A 237 -19.79 6.81 35.00
C SER A 237 -20.24 5.47 35.57
N ILE A 238 -19.63 4.39 35.10
CA ILE A 238 -19.90 3.05 35.62
C ILE A 238 -18.61 2.33 35.97
N VAL A 239 -18.70 1.28 36.76
CA VAL A 239 -17.50 0.54 37.15
C VAL A 239 -17.41 -0.79 36.40
N LEU A 240 -16.21 -1.16 35.99
CA LEU A 240 -15.97 -2.43 35.32
C LEU A 240 -15.00 -3.28 36.13
N ARG A 241 -15.37 -4.52 36.42
CA ARG A 241 -14.51 -5.41 37.17
C ARG A 241 -14.25 -6.71 36.40
N SER A 242 -13.03 -7.23 36.53
CA SER A 242 -12.68 -8.50 35.89
C SER A 242 -13.48 -9.67 36.46
N ARG A 243 -14.02 -10.51 35.58
CA ARG A 243 -14.62 -11.76 36.00
C ARG A 243 -13.52 -12.70 36.48
N THR A 244 -13.57 -13.01 37.77
CA THR A 244 -12.56 -13.80 38.45
C THR A 244 -13.20 -14.90 39.29
N GLU A 245 -12.38 -15.81 39.78
CA GLU A 245 -12.83 -16.88 40.67
C GLU A 245 -11.65 -17.40 41.49
N ILE A 246 -11.95 -17.92 42.67
CA ILE A 246 -10.89 -18.42 43.55
C ILE A 246 -10.86 -19.94 43.52
N GLU A 247 -9.71 -20.49 43.15
CA GLU A 247 -9.52 -21.93 43.13
C GLU A 247 -8.62 -22.40 44.26
N THR A 248 -8.44 -23.71 44.35
CA THR A 248 -7.51 -24.29 45.30
C THR A 248 -6.56 -25.22 44.58
N THR A 249 -5.27 -24.99 44.75
CA THR A 249 -4.25 -25.83 44.13
C THR A 249 -4.34 -27.25 44.65
N LYS A 250 -3.61 -28.17 44.02
CA LYS A 250 -3.53 -29.53 44.50
C LYS A 250 -2.62 -29.59 45.73
N THR A 251 -2.10 -28.43 46.12
CA THR A 251 -1.19 -28.32 47.25
C THR A 251 -1.86 -27.65 48.44
N GLY A 252 -3.08 -27.14 48.24
CA GLY A 252 -3.89 -26.69 49.35
C GLY A 252 -4.05 -25.19 49.57
N ARG A 253 -3.31 -24.38 48.83
CA ARG A 253 -3.40 -22.93 49.01
C ARG A 253 -4.25 -22.24 47.96
N GLU A 254 -4.67 -21.00 48.26
CA GLU A 254 -5.59 -20.26 47.40
C GLU A 254 -5.00 -19.88 46.04
N ARG A 255 -5.87 -19.72 45.06
CA ARG A 255 -5.47 -19.37 43.70
C ARG A 255 -6.48 -18.43 43.08
N ILE A 256 -6.02 -17.27 42.60
CA ILE A 256 -6.89 -16.33 41.92
C ILE A 256 -6.89 -16.57 40.41
N VAL A 257 -8.06 -16.75 39.83
CA VAL A 257 -8.15 -17.01 38.40
C VAL A 257 -8.96 -15.93 37.68
N VAL A 258 -8.26 -15.04 36.99
CA VAL A 258 -8.93 -14.02 36.21
C VAL A 258 -9.28 -14.59 34.83
N THR A 259 -10.58 -14.64 34.54
CA THR A 259 -11.04 -15.22 33.28
C THR A 259 -11.52 -14.16 32.29
N GLU A 260 -11.99 -13.02 32.79
CA GLU A 260 -12.40 -11.94 31.88
C GLU A 260 -11.88 -10.58 32.31
N PHE A 261 -11.14 -9.90 31.43
CA PHE A 261 -10.64 -8.57 31.72
C PHE A 261 -11.58 -7.51 31.13
N PRO A 262 -11.57 -6.29 31.69
CA PRO A 262 -12.46 -5.23 31.21
C PRO A 262 -12.17 -4.74 29.80
N TYR A 263 -13.00 -3.84 29.32
CA TYR A 263 -12.90 -3.28 27.97
C TYR A 263 -11.59 -2.51 27.80
N MET A 264 -10.92 -2.76 26.67
CA MET A 264 -9.68 -2.07 26.33
C MET A 264 -8.58 -2.20 27.40
N VAL A 265 -8.42 -3.41 27.93
CA VAL A 265 -7.40 -3.66 28.94
C VAL A 265 -6.49 -4.81 28.52
N ASN A 266 -5.20 -4.54 28.47
CA ASN A 266 -4.21 -5.53 28.04
C ASN A 266 -3.82 -6.51 29.16
N LYS A 267 -3.96 -7.80 28.87
CA LYS A 267 -3.56 -8.86 29.80
C LYS A 267 -2.10 -8.74 30.20
N THR A 268 -1.24 -8.65 29.19
CA THR A 268 0.21 -8.57 29.40
C THR A 268 0.60 -7.36 30.23
N LYS A 269 -0.03 -6.22 29.95
CA LYS A 269 0.22 -4.99 30.69
C LYS A 269 -0.15 -5.16 32.16
N VAL A 270 -1.24 -5.88 32.40
CA VAL A 270 -1.66 -6.19 33.77
C VAL A 270 -0.64 -7.11 34.45
N HIS A 271 -0.13 -8.08 33.70
CA HIS A 271 0.89 -8.99 34.22
C HIS A 271 2.13 -8.20 34.66
N GLU A 272 2.61 -7.34 33.78
CA GLU A 272 3.79 -6.52 34.04
C GLU A 272 3.57 -5.58 35.22
N HIS A 273 2.42 -4.91 35.25
CA HIS A 273 2.07 -4.00 36.33
C HIS A 273 2.06 -4.73 37.67
N ILE A 274 1.44 -5.91 37.68
CA ILE A 274 1.37 -6.74 38.88
C ILE A 274 2.75 -7.17 39.35
N VAL A 275 3.59 -7.62 38.42
CA VAL A 275 4.96 -8.01 38.76
C VAL A 275 5.73 -6.85 39.37
N ARG A 276 5.64 -5.68 38.73
CA ARG A 276 6.29 -4.48 39.22
C ARG A 276 5.78 -4.07 40.59
N LEU A 277 4.51 -4.35 40.85
CA LEU A 277 3.91 -4.06 42.15
C LEU A 277 4.34 -5.06 43.22
N VAL A 278 4.69 -6.27 42.78
CA VAL A 278 5.06 -7.35 43.70
C VAL A 278 6.53 -7.26 44.11
N GLN A 279 7.40 -7.00 43.14
CA GLN A 279 8.83 -6.86 43.42
C GLN A 279 9.17 -5.47 43.96
N GLU A 280 8.16 -4.84 44.57
CA GLU A 280 8.29 -3.50 45.12
C GLU A 280 7.66 -3.49 46.51
N LYS A 281 7.08 -4.63 46.88
CA LYS A 281 6.43 -4.82 48.18
C LYS A 281 5.25 -3.87 48.40
N ARG A 282 4.67 -3.38 47.31
CA ARG A 282 3.48 -2.55 47.40
C ARG A 282 2.26 -3.46 47.44
N ILE A 283 2.48 -4.73 47.14
CA ILE A 283 1.48 -5.78 47.28
C ILE A 283 2.18 -7.04 47.78
N GLU A 284 1.56 -7.71 48.75
CA GLU A 284 2.21 -8.85 49.38
C GLU A 284 1.30 -10.08 49.51
N GLY A 285 1.90 -11.26 49.46
CA GLY A 285 1.18 -12.50 49.60
C GLY A 285 1.15 -13.33 48.33
N ILE A 286 1.76 -12.80 47.27
CA ILE A 286 1.72 -13.47 45.97
C ILE A 286 2.84 -14.50 45.80
N THR A 287 2.46 -15.73 45.50
CA THR A 287 3.40 -16.81 45.26
C THR A 287 3.81 -16.87 43.78
N ALA A 288 2.85 -16.72 42.89
CA ALA A 288 3.15 -16.80 41.45
C ALA A 288 2.18 -16.00 40.58
N VAL A 289 2.59 -15.71 39.35
CA VAL A 289 1.73 -15.05 38.37
C VAL A 289 1.92 -15.68 36.99
N ARG A 290 1.13 -16.72 36.70
CA ARG A 290 1.20 -17.38 35.41
C ARG A 290 0.12 -16.88 34.46
N ASP A 291 0.45 -16.81 33.17
CA ASP A 291 -0.54 -16.54 32.15
C ASP A 291 -0.86 -17.84 31.43
N GLU A 292 -2.00 -18.43 31.75
CA GLU A 292 -2.36 -19.75 31.23
C GLU A 292 -3.38 -19.70 30.10
N SER A 293 -3.57 -18.52 29.52
CA SER A 293 -4.54 -18.36 28.44
C SER A 293 -4.15 -19.16 27.21
N ASN A 294 -5.03 -20.08 26.81
CA ASN A 294 -4.83 -20.85 25.59
C ASN A 294 -5.77 -20.36 24.50
N ARG A 295 -5.49 -20.70 23.25
CA ARG A 295 -6.32 -20.27 22.13
C ARG A 295 -7.72 -20.88 22.16
N GLU A 296 -8.40 -20.71 23.29
CA GLU A 296 -9.73 -21.25 23.51
C GLU A 296 -10.31 -20.71 24.82
N GLY A 297 -9.59 -19.77 25.44
CA GLY A 297 -10.03 -19.17 26.68
C GLY A 297 -8.96 -18.40 27.42
N VAL A 298 -9.39 -17.45 28.25
CA VAL A 298 -8.47 -16.63 29.01
C VAL A 298 -8.34 -17.16 30.43
N ARG A 299 -7.09 -17.41 30.85
CA ARG A 299 -6.83 -17.86 32.22
C ARG A 299 -5.59 -17.18 32.80
N PHE A 300 -5.85 -16.16 33.63
CA PHE A 300 -4.77 -15.44 34.29
C PHE A 300 -4.69 -15.87 35.75
N VAL A 301 -3.60 -16.54 36.11
CA VAL A 301 -3.47 -17.12 37.44
C VAL A 301 -2.52 -16.33 38.35
N ILE A 302 -3.05 -15.91 39.49
CA ILE A 302 -2.24 -15.32 40.55
C ILE A 302 -2.29 -16.23 41.77
N GLU A 303 -1.24 -17.01 41.97
CA GLU A 303 -1.18 -17.95 43.08
C GLU A 303 -0.71 -17.30 44.37
N VAL A 304 -1.44 -17.57 45.45
CA VAL A 304 -1.20 -16.99 46.76
C VAL A 304 -0.49 -17.97 47.68
N LYS A 305 0.39 -17.46 48.53
CA LYS A 305 1.04 -18.29 49.54
C LYS A 305 0.07 -18.62 50.66
N ARG A 306 0.40 -19.64 51.45
CA ARG A 306 -0.39 -19.98 52.63
C ARG A 306 -0.27 -18.86 53.66
N ASP A 307 -1.21 -18.83 54.60
CA ASP A 307 -1.27 -17.79 55.62
C ASP A 307 -1.41 -16.40 55.00
N ALA A 308 -2.11 -16.33 53.88
CA ALA A 308 -2.39 -15.07 53.20
C ALA A 308 -3.74 -15.14 52.51
N SER A 309 -4.55 -14.10 52.66
CA SER A 309 -5.89 -14.08 52.11
C SER A 309 -5.90 -13.70 50.63
N ALA A 310 -6.59 -14.50 49.82
CA ALA A 310 -6.69 -14.23 48.39
C ALA A 310 -7.69 -13.11 48.13
N ASN A 311 -8.57 -12.85 49.09
CA ASN A 311 -9.55 -11.78 48.97
C ASN A 311 -8.90 -10.40 49.10
N VAL A 312 -8.02 -10.26 50.08
CA VAL A 312 -7.29 -9.01 50.29
C VAL A 312 -6.43 -8.70 49.07
N ILE A 313 -5.73 -9.71 48.59
CA ILE A 313 -4.92 -9.59 47.37
C ILE A 313 -5.81 -9.21 46.18
N LEU A 314 -6.97 -9.86 46.06
CA LEU A 314 -7.90 -9.61 44.97
C LEU A 314 -8.36 -8.15 44.95
N ASN A 315 -8.87 -7.69 46.08
CA ASN A 315 -9.34 -6.31 46.20
C ASN A 315 -8.22 -5.29 46.00
N ASN A 316 -7.03 -5.62 46.50
CA ASN A 316 -5.86 -4.77 46.27
C ASN A 316 -5.50 -4.69 44.79
N LEU A 317 -5.75 -5.77 44.06
CA LEU A 317 -5.53 -5.78 42.62
C LEU A 317 -6.59 -4.94 41.92
N PHE A 318 -7.83 -5.04 42.40
CA PHE A 318 -8.93 -4.25 41.87
C PHE A 318 -8.70 -2.76 42.11
N LYS A 319 -7.97 -2.44 43.16
CA LYS A 319 -7.72 -1.05 43.53
C LYS A 319 -6.48 -0.47 42.85
N MET A 320 -5.43 -1.29 42.74
CA MET A 320 -4.14 -0.80 42.27
C MET A 320 -3.86 -1.06 40.78
N THR A 321 -4.57 -2.01 40.19
CA THR A 321 -4.35 -2.35 38.79
C THR A 321 -5.59 -2.11 37.93
N GLN A 322 -5.46 -2.34 36.63
CA GLN A 322 -6.57 -2.19 35.70
C GLN A 322 -7.45 -3.45 35.65
N MET A 323 -7.38 -4.26 36.70
CA MET A 323 -8.24 -5.42 36.83
C MET A 323 -9.65 -4.91 37.12
N GLN A 324 -9.72 -3.68 37.62
CA GLN A 324 -10.97 -2.95 37.78
C GLN A 324 -10.79 -1.51 37.35
N THR A 325 -11.57 -1.09 36.35
CA THR A 325 -11.45 0.26 35.82
C THR A 325 -12.80 0.98 35.79
N ASN A 326 -12.81 2.21 35.29
CA ASN A 326 -14.04 2.97 35.14
C ASN A 326 -14.38 3.20 33.68
N PHE A 327 -15.67 3.35 33.39
CA PHE A 327 -16.10 3.70 32.04
C PHE A 327 -16.94 4.98 32.08
N GLY A 328 -16.54 5.95 31.27
CA GLY A 328 -17.22 7.23 31.22
C GLY A 328 -18.00 7.47 29.96
N PHE A 329 -19.26 7.05 29.97
CA PHE A 329 -20.24 7.40 28.96
C PHE A 329 -20.19 8.89 28.63
N ASN A 330 -19.70 9.21 27.44
CA ASN A 330 -19.85 10.55 26.88
C ASN A 330 -20.42 10.39 25.48
N MET A 331 -21.68 9.96 25.43
CA MET A 331 -22.33 9.64 24.15
C MET A 331 -22.44 10.86 23.25
N LEU A 332 -21.44 11.04 22.40
CA LEU A 332 -21.35 12.20 21.52
C LEU A 332 -21.24 11.72 20.07
N ALA A 333 -22.07 12.29 19.21
CA ALA A 333 -22.05 11.90 17.80
C ALA A 333 -22.45 13.06 16.90
N ILE A 334 -22.08 12.96 15.63
CA ILE A 334 -22.41 14.01 14.67
C ILE A 334 -23.82 13.80 14.12
N GLN A 335 -24.67 14.80 14.28
CA GLN A 335 -26.04 14.76 13.79
C GLN A 335 -26.37 16.09 13.13
N ASN A 336 -26.90 16.02 11.91
CA ASN A 336 -27.19 17.22 11.12
C ASN A 336 -25.95 18.09 10.90
N GLY A 337 -24.79 17.45 10.80
CA GLY A 337 -23.56 18.16 10.52
C GLY A 337 -22.92 18.82 11.73
N ILE A 338 -23.53 18.64 12.90
CA ILE A 338 -22.99 19.21 14.13
C ILE A 338 -22.79 18.14 15.20
N PRO A 339 -21.79 18.32 16.07
CA PRO A 339 -21.58 17.38 17.19
C PRO A 339 -22.59 17.60 18.30
N LYS A 340 -23.17 16.50 18.79
CA LYS A 340 -24.19 16.58 19.83
C LYS A 340 -24.03 15.47 20.88
N ILE A 341 -24.30 15.82 22.13
CA ILE A 341 -24.32 14.84 23.20
C ILE A 341 -25.74 14.30 23.34
N LEU A 342 -25.91 13.02 23.01
CA LEU A 342 -27.24 12.44 22.87
C LEU A 342 -27.60 11.46 23.97
N SER A 343 -28.88 11.43 24.31
CA SER A 343 -29.42 10.40 25.19
C SER A 343 -29.66 9.15 24.36
N LEU A 344 -30.03 8.05 25.02
CA LEU A 344 -30.30 6.80 24.33
C LEU A 344 -31.46 6.96 23.36
N ARG A 345 -32.53 7.59 23.83
CA ARG A 345 -33.74 7.79 23.05
C ARG A 345 -33.49 8.61 21.79
N GLN A 346 -32.61 9.62 21.91
CA GLN A 346 -32.28 10.47 20.78
C GLN A 346 -31.52 9.70 19.70
N ILE A 347 -30.57 8.87 20.14
CA ILE A 347 -29.81 8.02 19.22
C ILE A 347 -30.73 7.01 18.52
N LEU A 348 -31.56 6.34 19.30
CA LEU A 348 -32.54 5.40 18.76
C LEU A 348 -33.44 6.07 17.72
N ASP A 349 -33.94 7.26 18.07
CA ASP A 349 -34.78 8.04 17.17
C ASP A 349 -34.07 8.37 15.86
N ALA A 350 -32.83 8.84 15.97
CA ALA A 350 -32.02 9.13 14.81
C ALA A 350 -31.91 7.91 13.91
N TYR A 351 -31.61 6.77 14.52
CA TYR A 351 -31.49 5.52 13.76
C TYR A 351 -32.79 5.13 13.05
N ILE A 352 -33.91 5.24 13.76
CA ILE A 352 -35.21 4.89 13.19
C ILE A 352 -35.57 5.81 12.02
N GLU A 353 -35.28 7.10 12.17
CA GLU A 353 -35.53 8.07 11.10
C GLU A 353 -34.70 7.74 9.87
N HIS A 354 -33.40 7.56 10.07
CA HIS A 354 -32.50 7.20 8.99
C HIS A 354 -32.97 5.94 8.28
N GLN A 355 -33.45 4.98 9.07
CA GLN A 355 -33.96 3.71 8.56
C GLN A 355 -35.20 3.90 7.68
N LYS A 356 -36.12 4.75 8.15
CA LYS A 356 -37.32 5.07 7.39
C LYS A 356 -36.94 5.69 6.06
N GLU A 357 -35.99 6.63 6.10
CA GLU A 357 -35.49 7.24 4.88
C GLU A 357 -34.97 6.19 3.91
N VAL A 358 -34.11 5.30 4.41
CA VAL A 358 -33.54 4.24 3.59
C VAL A 358 -34.62 3.38 2.94
N VAL A 359 -35.54 2.86 3.75
CA VAL A 359 -36.61 1.99 3.24
C VAL A 359 -37.49 2.67 2.20
N VAL A 360 -37.95 3.89 2.51
CA VAL A 360 -38.76 4.65 1.57
C VAL A 360 -38.02 4.87 0.24
N ARG A 361 -36.78 5.32 0.33
CA ARG A 361 -35.93 5.50 -0.83
C ARG A 361 -35.85 4.23 -1.68
N ARG A 362 -35.56 3.12 -1.03
CA ARG A 362 -35.46 1.82 -1.70
C ARG A 362 -36.74 1.48 -2.46
N THR A 363 -37.87 1.63 -1.76
CA THR A 363 -39.18 1.34 -2.35
C THR A 363 -39.44 2.21 -3.58
N ARG A 364 -39.11 3.51 -3.48
CA ARG A 364 -39.25 4.42 -4.61
C ARG A 364 -38.41 3.97 -5.80
N PHE A 365 -37.15 3.62 -5.53
CA PHE A 365 -36.23 3.10 -6.54
C PHE A 365 -36.83 1.91 -7.27
N ASP A 366 -37.20 0.89 -6.50
CA ASP A 366 -37.80 -0.33 -7.04
C ASP A 366 -39.03 -0.03 -7.86
N LYS A 367 -39.86 0.90 -7.38
CA LYS A 367 -41.06 1.29 -8.11
C LYS A 367 -40.72 1.88 -9.48
N GLU A 368 -39.81 2.85 -9.48
CA GLU A 368 -39.38 3.49 -10.73
C GLU A 368 -38.86 2.45 -11.73
N LYS A 369 -37.96 1.59 -11.26
CA LYS A 369 -37.37 0.56 -12.12
C LYS A 369 -38.44 -0.37 -12.70
N ALA A 370 -39.30 -0.87 -11.82
CA ALA A 370 -40.38 -1.78 -12.22
C ALA A 370 -41.28 -1.15 -13.27
N GLU A 371 -41.66 0.11 -13.05
CA GLU A 371 -42.52 0.83 -13.99
C GLU A 371 -41.84 1.04 -15.34
N ALA A 372 -40.55 1.39 -15.32
CA ALA A 372 -39.80 1.54 -16.56
C ALA A 372 -39.79 0.23 -17.37
N ARG A 373 -39.37 -0.84 -16.70
CA ARG A 373 -39.31 -2.16 -17.32
C ARG A 373 -40.69 -2.57 -17.86
N ALA A 374 -41.74 -2.20 -17.15
CA ALA A 374 -43.11 -2.51 -17.57
C ALA A 374 -43.48 -1.74 -18.84
N HIS A 375 -43.08 -0.47 -18.90
CA HIS A 375 -43.30 0.37 -20.08
C HIS A 375 -42.63 -0.27 -21.30
N ILE A 376 -41.33 -0.52 -21.18
CA ILE A 376 -40.58 -1.16 -22.25
C ILE A 376 -41.23 -2.49 -22.65
N LEU A 377 -41.72 -3.22 -21.65
CA LEU A 377 -42.38 -4.50 -21.89
C LEU A 377 -43.67 -4.35 -22.70
N GLU A 378 -44.41 -3.27 -22.45
CA GLU A 378 -45.60 -2.97 -23.22
C GLU A 378 -45.21 -2.72 -24.67
N GLY A 379 -44.18 -1.90 -24.85
CA GLY A 379 -43.66 -1.65 -26.18
C GLY A 379 -43.35 -2.94 -26.93
N LEU A 380 -42.57 -3.80 -26.26
CA LEU A 380 -42.18 -5.09 -26.82
C LEU A 380 -43.39 -5.98 -27.12
N LEU A 381 -44.44 -5.85 -26.31
CA LEU A 381 -45.65 -6.63 -26.53
C LEU A 381 -46.36 -6.18 -27.81
N ILE A 382 -46.53 -4.86 -27.96
CA ILE A 382 -47.14 -4.33 -29.17
C ILE A 382 -46.33 -4.73 -30.41
N ALA A 383 -45.01 -4.59 -30.32
CA ALA A 383 -44.13 -4.98 -31.43
C ALA A 383 -44.30 -6.45 -31.79
N LEU A 384 -44.17 -7.31 -30.79
CA LEU A 384 -44.24 -8.76 -30.96
C LEU A 384 -45.63 -9.21 -31.38
N ASP A 385 -46.62 -8.33 -31.26
CA ASP A 385 -47.93 -8.59 -31.83
C ASP A 385 -47.93 -8.21 -33.32
N HIS A 386 -47.54 -6.98 -33.62
CA HIS A 386 -47.55 -6.50 -34.99
C HIS A 386 -46.16 -6.59 -35.63
N ILE A 387 -45.55 -7.77 -35.52
CA ILE A 387 -44.19 -8.02 -36.01
C ILE A 387 -44.02 -7.76 -37.50
N ASP A 388 -44.99 -8.20 -38.30
CA ASP A 388 -44.92 -8.01 -39.74
C ASP A 388 -44.87 -6.53 -40.11
N GLU A 389 -45.82 -5.77 -39.57
CA GLU A 389 -45.89 -4.33 -39.81
C GLU A 389 -44.61 -3.66 -39.33
N VAL A 390 -44.14 -4.03 -38.15
CA VAL A 390 -42.91 -3.46 -37.60
C VAL A 390 -41.71 -3.67 -38.53
N ILE A 391 -41.47 -4.93 -38.89
CA ILE A 391 -40.37 -5.32 -39.76
C ILE A 391 -40.47 -4.64 -41.11
N ARG A 392 -41.70 -4.43 -41.57
CA ARG A 392 -41.94 -3.72 -42.82
C ARG A 392 -41.53 -2.26 -42.72
N ILE A 393 -41.95 -1.60 -41.64
CA ILE A 393 -41.60 -0.21 -41.39
C ILE A 393 -40.08 -0.05 -41.30
N ILE A 394 -39.44 -1.02 -40.66
CA ILE A 394 -37.99 -1.01 -40.48
C ILE A 394 -37.25 -1.18 -41.81
N ARG A 395 -37.64 -2.21 -42.57
CA ARG A 395 -37.02 -2.49 -43.86
C ARG A 395 -37.21 -1.35 -44.84
N ALA A 396 -38.37 -0.71 -44.80
CA ALA A 396 -38.66 0.40 -45.69
C ALA A 396 -38.04 1.71 -45.21
N SER A 397 -37.14 1.61 -44.22
CA SER A 397 -36.48 2.78 -43.67
C SER A 397 -34.97 2.75 -43.92
N GLU A 398 -34.44 3.88 -44.39
CA GLU A 398 -33.00 4.00 -44.62
C GLU A 398 -32.29 4.34 -43.32
N THR A 399 -32.62 5.51 -42.75
CA THR A 399 -32.06 5.93 -41.48
C THR A 399 -32.73 5.18 -40.34
N ASP A 400 -32.06 5.08 -39.20
CA ASP A 400 -32.67 4.49 -38.02
C ASP A 400 -33.59 5.52 -37.35
N ALA A 401 -33.28 6.79 -37.56
CA ALA A 401 -34.09 7.88 -37.00
C ALA A 401 -35.49 7.87 -37.57
N GLU A 402 -35.61 7.67 -38.87
CA GLU A 402 -36.92 7.64 -39.53
C GLU A 402 -37.67 6.36 -39.20
N ALA A 403 -36.92 5.28 -38.96
CA ALA A 403 -37.52 4.01 -38.55
C ALA A 403 -38.16 4.17 -37.18
N GLN A 404 -37.40 4.75 -36.25
CA GLN A 404 -37.89 5.02 -34.91
C GLN A 404 -39.09 5.97 -34.95
N ALA A 405 -38.96 7.03 -35.74
CA ALA A 405 -40.01 8.03 -35.87
C ALA A 405 -41.31 7.42 -36.40
N GLU A 406 -41.19 6.55 -37.39
CA GLU A 406 -42.36 5.90 -37.99
C GLU A 406 -42.96 4.82 -37.09
N LEU A 407 -42.11 4.16 -36.30
CA LEU A 407 -42.60 3.19 -35.33
C LEU A 407 -43.42 3.91 -34.25
N MET A 408 -42.86 5.01 -33.75
CA MET A 408 -43.54 5.85 -32.77
C MET A 408 -44.85 6.41 -33.31
N SER A 409 -44.81 6.92 -34.53
CA SER A 409 -45.98 7.51 -35.17
C SER A 409 -47.08 6.46 -35.38
N LYS A 410 -46.69 5.28 -35.84
CA LYS A 410 -47.65 4.22 -36.14
C LYS A 410 -48.24 3.60 -34.87
N PHE A 411 -47.38 2.98 -34.06
CA PHE A 411 -47.87 2.22 -32.91
C PHE A 411 -48.09 3.07 -31.67
N LYS A 412 -48.02 4.39 -31.84
CA LYS A 412 -48.25 5.34 -30.75
C LYS A 412 -47.36 5.06 -29.55
N LEU A 413 -46.05 5.04 -29.77
CA LEU A 413 -45.11 4.65 -28.73
C LEU A 413 -44.16 5.78 -28.35
N SER A 414 -43.41 5.56 -27.28
CA SER A 414 -42.42 6.53 -26.83
C SER A 414 -41.11 6.32 -27.59
N GLU A 415 -40.12 7.15 -27.29
CA GLU A 415 -38.80 7.02 -27.91
C GLU A 415 -38.07 5.81 -27.33
N ARG A 416 -38.20 5.64 -26.02
CA ARG A 416 -37.56 4.53 -25.32
C ARG A 416 -38.09 3.19 -25.81
N GLN A 417 -39.41 3.08 -25.88
CA GLN A 417 -40.06 1.87 -26.37
C GLN A 417 -39.62 1.52 -27.79
N SER A 418 -39.64 2.53 -28.67
CA SER A 418 -39.26 2.34 -30.06
C SER A 418 -37.80 1.91 -30.18
N GLN A 419 -36.95 2.50 -29.34
CA GLN A 419 -35.54 2.14 -29.34
C GLN A 419 -35.36 0.69 -28.88
N ALA A 420 -36.18 0.29 -27.92
CA ALA A 420 -36.18 -1.08 -27.41
C ALA A 420 -36.61 -2.06 -28.50
N ILE A 421 -37.61 -1.66 -29.28
CA ILE A 421 -38.09 -2.48 -30.39
C ILE A 421 -37.01 -2.63 -31.46
N LEU A 422 -36.37 -1.51 -31.79
CA LEU A 422 -35.27 -1.51 -32.75
C LEU A 422 -34.09 -2.33 -32.25
N ASP A 423 -33.97 -2.46 -30.93
CA ASP A 423 -32.88 -3.21 -30.33
C ASP A 423 -33.21 -4.69 -30.09
N MET A 424 -34.38 -5.14 -30.53
CA MET A 424 -34.79 -6.53 -30.32
C MET A 424 -33.94 -7.52 -31.10
N ARG A 425 -33.48 -8.57 -30.41
CA ARG A 425 -32.82 -9.68 -31.07
C ARG A 425 -33.87 -10.48 -31.85
N LEU A 426 -33.46 -11.11 -32.94
CA LEU A 426 -34.38 -11.89 -33.77
C LEU A 426 -34.95 -13.10 -33.01
N ARG A 427 -34.16 -13.64 -32.09
CA ARG A 427 -34.58 -14.82 -31.33
C ARG A 427 -35.74 -14.52 -30.40
N ARG A 428 -36.06 -13.24 -30.22
CA ARG A 428 -37.17 -12.82 -29.38
C ARG A 428 -38.48 -12.82 -30.16
N LEU A 429 -38.44 -13.33 -31.39
CA LEU A 429 -39.63 -13.39 -32.23
C LEU A 429 -40.19 -14.81 -32.32
N THR A 430 -39.71 -15.69 -31.45
CA THR A 430 -40.20 -17.06 -31.38
C THR A 430 -41.61 -17.08 -30.81
N GLY A 431 -42.25 -18.24 -30.89
CA GLY A 431 -43.60 -18.39 -30.39
C GLY A 431 -43.70 -18.36 -28.89
N LEU A 432 -42.66 -18.87 -28.23
CA LEU A 432 -42.68 -19.01 -26.77
C LEU A 432 -42.16 -17.77 -26.03
N GLU A 433 -41.72 -16.77 -26.79
CA GLU A 433 -41.16 -15.57 -26.19
C GLU A 433 -42.23 -14.62 -25.65
N ARG A 434 -43.30 -14.45 -26.43
CA ARG A 434 -44.41 -13.55 -26.09
C ARG A 434 -45.01 -13.81 -24.70
N ASP A 435 -45.33 -15.08 -24.42
CA ASP A 435 -45.96 -15.47 -23.17
C ASP A 435 -45.10 -15.12 -21.96
N LYS A 436 -43.79 -15.36 -22.09
CA LYS A 436 -42.84 -15.04 -21.04
C LYS A 436 -42.89 -13.56 -20.69
N ILE A 437 -42.83 -12.73 -21.73
CA ILE A 437 -42.91 -11.29 -21.57
C ILE A 437 -44.22 -10.89 -20.90
N GLN A 438 -45.30 -11.56 -21.29
CA GLN A 438 -46.60 -11.33 -20.65
C GLN A 438 -46.56 -11.60 -19.15
N SER A 439 -46.05 -12.78 -18.77
CA SER A 439 -45.95 -13.16 -17.37
C SER A 439 -45.12 -12.15 -16.58
N GLU A 440 -43.95 -11.82 -17.11
CA GLU A 440 -43.08 -10.83 -16.49
C GLU A 440 -43.81 -9.51 -16.29
N TYR A 441 -44.57 -9.09 -17.30
CA TYR A 441 -45.34 -7.86 -17.24
C TYR A 441 -46.38 -7.89 -16.12
N ASP A 442 -47.13 -8.99 -16.04
CA ASP A 442 -48.14 -9.14 -14.99
C ASP A 442 -47.51 -9.08 -13.59
N ASP A 443 -46.44 -9.84 -13.41
CA ASP A 443 -45.69 -9.83 -12.15
C ASP A 443 -45.26 -8.41 -11.81
N LEU A 444 -44.82 -7.67 -12.83
CA LEU A 444 -44.44 -6.28 -12.66
C LEU A 444 -45.62 -5.43 -12.20
N LEU A 445 -46.80 -5.69 -12.74
CA LEU A 445 -48.00 -4.98 -12.29
C LEU A 445 -48.26 -5.22 -10.81
N ALA A 446 -48.23 -6.49 -10.42
CA ALA A 446 -48.39 -6.84 -9.00
C ALA A 446 -47.39 -6.08 -8.13
N LEU A 447 -46.11 -6.19 -8.48
CA LEU A 447 -45.05 -5.53 -7.74
C LEU A 447 -45.25 -4.02 -7.61
N ILE A 448 -45.58 -3.37 -8.73
CA ILE A 448 -45.82 -1.93 -8.73
C ILE A 448 -46.98 -1.56 -7.81
N ALA A 449 -48.05 -2.35 -7.87
CA ALA A 449 -49.18 -2.14 -6.95
C ALA A 449 -48.71 -2.19 -5.50
N ASP A 450 -47.97 -3.25 -5.17
CA ASP A 450 -47.45 -3.42 -3.82
C ASP A 450 -46.61 -2.23 -3.35
N LEU A 451 -45.61 -1.87 -4.16
CA LEU A 451 -44.70 -0.78 -3.82
C LEU A 451 -45.43 0.54 -3.68
N ALA A 452 -46.39 0.79 -4.56
CA ALA A 452 -47.21 1.99 -4.49
C ALA A 452 -47.96 2.01 -3.16
N ASP A 453 -48.51 0.87 -2.77
CA ASP A 453 -49.19 0.77 -1.48
C ASP A 453 -48.24 1.08 -0.33
N ILE A 454 -47.03 0.53 -0.40
CA ILE A 454 -46.02 0.76 0.63
C ILE A 454 -45.67 2.25 0.75
N LEU A 455 -45.55 2.92 -0.38
CA LEU A 455 -45.25 4.35 -0.38
C LEU A 455 -46.44 5.18 0.08
N ALA A 456 -47.64 4.63 -0.07
CA ALA A 456 -48.85 5.32 0.36
C ALA A 456 -49.06 5.20 1.86
N LYS A 457 -48.53 4.14 2.46
CA LYS A 457 -48.73 3.87 3.88
C LYS A 457 -47.43 3.81 4.68
N PRO A 458 -47.27 4.72 5.66
CA PRO A 458 -46.11 4.73 6.55
C PRO A 458 -46.05 3.49 7.43
N GLU A 459 -47.22 2.98 7.79
CA GLU A 459 -47.34 1.80 8.64
C GLU A 459 -46.60 0.60 8.04
N ARG A 460 -46.70 0.45 6.73
CA ARG A 460 -46.03 -0.65 6.04
C ARG A 460 -44.51 -0.46 6.02
N VAL A 461 -44.06 0.80 5.95
CA VAL A 461 -42.63 1.10 6.02
C VAL A 461 -42.10 0.69 7.39
N SER A 462 -42.77 1.19 8.43
CA SER A 462 -42.43 0.85 9.81
C SER A 462 -42.38 -0.68 10.02
N GLN A 463 -43.41 -1.35 9.52
CA GLN A 463 -43.51 -2.79 9.65
C GLN A 463 -42.36 -3.51 8.95
N ILE A 464 -42.03 -3.06 7.75
CA ILE A 464 -40.91 -3.62 6.99
C ILE A 464 -39.61 -3.46 7.77
N ILE A 465 -39.39 -2.28 8.33
CA ILE A 465 -38.22 -2.02 9.16
C ILE A 465 -38.17 -3.01 10.33
N LYS A 466 -39.29 -3.16 11.03
CA LYS A 466 -39.36 -4.09 12.15
C LYS A 466 -39.02 -5.52 11.75
N ASP A 467 -39.64 -6.00 10.67
CA ASP A 467 -39.43 -7.37 10.21
C ASP A 467 -37.98 -7.62 9.79
N GLU A 468 -37.42 -6.71 9.01
CA GLU A 468 -36.04 -6.88 8.55
C GLU A 468 -35.04 -6.80 9.71
N LEU A 469 -35.31 -5.92 10.68
CA LEU A 469 -34.54 -5.89 11.91
C LEU A 469 -34.60 -7.26 12.59
N ASP A 470 -35.81 -7.79 12.69
CA ASP A 470 -36.04 -9.10 13.28
C ASP A 470 -35.23 -10.18 12.59
N GLU A 471 -35.10 -10.07 11.27
CA GLU A 471 -34.33 -11.04 10.51
C GLU A 471 -32.83 -10.90 10.78
N VAL A 472 -32.35 -9.66 10.80
CA VAL A 472 -30.96 -9.39 11.14
C VAL A 472 -30.59 -9.97 12.50
N LYS A 473 -31.42 -9.67 13.50
CA LYS A 473 -31.24 -10.20 14.84
C LYS A 473 -31.29 -11.73 14.86
N ARG A 474 -32.23 -12.29 14.11
CA ARG A 474 -32.37 -13.74 14.00
C ARG A 474 -31.09 -14.37 13.45
N LYS A 475 -30.43 -13.65 12.55
CA LYS A 475 -29.28 -14.19 11.84
C LYS A 475 -27.93 -13.93 12.53
N PHE A 476 -27.85 -12.89 13.36
CA PHE A 476 -26.54 -12.47 13.86
C PHE A 476 -26.41 -12.27 15.38
N SER A 477 -27.52 -12.28 16.11
CA SER A 477 -27.48 -11.90 17.52
C SER A 477 -26.64 -12.82 18.39
N ASP A 478 -26.19 -12.29 19.52
CA ASP A 478 -25.32 -13.01 20.44
C ASP A 478 -26.00 -13.29 21.77
N LYS A 479 -25.40 -14.19 22.56
CA LYS A 479 -25.77 -14.35 23.95
C LYS A 479 -25.01 -13.30 24.75
N ARG A 480 -25.63 -12.77 25.80
CA ARG A 480 -25.01 -11.73 26.61
C ARG A 480 -23.71 -12.21 27.24
N ARG A 481 -22.74 -11.31 27.32
CA ARG A 481 -21.42 -11.63 27.87
C ARG A 481 -21.15 -10.87 29.17
N THR A 482 -21.52 -9.60 29.20
CA THR A 482 -21.26 -8.75 30.35
C THR A 482 -22.40 -8.81 31.37
N GLU A 483 -22.09 -9.35 32.55
CA GLU A 483 -23.08 -9.45 33.61
C GLU A 483 -23.22 -8.13 34.37
N LEU A 484 -24.44 -7.61 34.42
CA LEU A 484 -24.73 -6.39 35.15
C LEU A 484 -25.19 -6.73 36.55
N MET A 485 -24.52 -6.16 37.56
CA MET A 485 -24.84 -6.48 38.94
C MET A 485 -24.78 -5.24 39.84
N VAL A 486 -25.57 -5.26 40.91
CA VAL A 486 -25.58 -4.17 41.87
C VAL A 486 -24.66 -4.47 43.06
N LYS B 22 6.18 -30.90 39.59
CA LYS B 22 6.88 -30.28 38.48
C LYS B 22 7.33 -28.86 38.81
N HIS B 23 8.49 -28.47 38.29
CA HIS B 23 9.04 -27.14 38.55
C HIS B 23 8.69 -26.19 37.42
N MET B 24 8.03 -25.09 37.76
CA MET B 24 7.65 -24.07 36.78
C MET B 24 8.10 -22.69 37.23
N LYS B 25 8.16 -21.75 36.28
CA LYS B 25 8.47 -20.37 36.60
C LYS B 25 7.40 -19.77 37.50
N SER B 26 7.73 -18.70 38.21
CA SER B 26 6.81 -18.11 39.16
C SER B 26 6.53 -16.65 38.85
N GLY B 27 6.66 -16.28 37.58
CA GLY B 27 6.60 -14.88 37.21
C GLY B 27 7.71 -14.17 37.97
N LEU B 28 7.45 -12.94 38.42
CA LEU B 28 8.30 -12.26 39.40
C LEU B 28 9.79 -12.12 39.05
N GLU B 29 10.34 -13.12 38.35
CA GLU B 29 11.77 -13.18 38.06
C GLU B 29 12.26 -12.01 37.21
N ILE B 30 13.53 -11.66 37.38
CA ILE B 30 14.16 -10.60 36.60
C ILE B 30 14.61 -11.16 35.25
N SER B 31 15.24 -12.32 35.29
CA SER B 31 15.63 -13.07 34.09
C SER B 31 16.68 -12.38 33.20
N ASN B 32 16.36 -11.17 32.77
CA ASN B 32 17.22 -10.40 31.85
C ASN B 32 17.38 -11.07 30.48
N LEU B 33 16.34 -11.78 30.06
CA LEU B 33 16.27 -12.35 28.73
C LEU B 33 15.82 -11.25 27.75
N PRO B 34 16.09 -11.41 26.44
CA PRO B 34 15.77 -10.41 25.42
C PRO B 34 14.35 -9.81 25.50
N GLY B 35 14.21 -8.61 24.98
CA GLY B 35 12.94 -7.90 24.96
C GLY B 35 11.88 -8.64 24.17
N LYS B 36 12.31 -9.34 23.12
CA LYS B 36 11.43 -10.24 22.39
C LYS B 36 11.26 -11.51 23.21
N LEU B 37 11.37 -12.66 22.55
CA LEU B 37 11.35 -13.95 23.23
C LEU B 37 10.14 -14.20 24.14
N ALA B 38 9.10 -14.79 23.57
CA ALA B 38 7.95 -15.21 24.36
C ALA B 38 8.28 -16.52 25.07
N ASP B 39 9.03 -16.43 26.16
CA ASP B 39 9.51 -17.60 26.88
C ASP B 39 8.35 -18.46 27.40
N CYS B 40 8.64 -19.74 27.64
CA CYS B 40 7.63 -20.66 28.14
C CYS B 40 7.53 -20.60 29.67
N SER B 41 6.59 -21.35 30.23
CA SER B 41 6.34 -21.32 31.66
C SER B 41 7.06 -22.45 32.41
N SER B 42 7.91 -23.17 31.70
CA SER B 42 8.65 -24.29 32.29
C SER B 42 10.11 -23.93 32.53
N ASN B 43 10.82 -24.84 33.18
CA ASN B 43 12.25 -24.68 33.45
C ASN B 43 13.03 -25.94 33.13
N ASN B 44 12.36 -26.90 32.49
CA ASN B 44 12.97 -28.18 32.16
C ASN B 44 13.56 -28.16 30.76
N PRO B 45 14.90 -28.11 30.66
CA PRO B 45 15.59 -28.07 29.37
C PRO B 45 15.63 -29.44 28.71
N ALA B 46 14.54 -30.20 28.84
CA ALA B 46 14.42 -31.52 28.22
C ALA B 46 12.97 -31.74 27.81
N GLU B 47 12.18 -30.68 27.91
CA GLU B 47 10.78 -30.72 27.52
C GLU B 47 10.40 -29.43 26.81
N THR B 48 11.16 -28.38 27.08
CA THR B 48 10.91 -27.08 26.48
C THR B 48 11.47 -27.00 25.06
N GLU B 49 10.99 -26.03 24.29
CA GLU B 49 11.42 -25.85 22.91
C GLU B 49 11.61 -24.37 22.59
N LEU B 50 12.44 -24.07 21.60
CA LEU B 50 12.65 -22.68 21.18
C LEU B 50 12.52 -22.56 19.67
N PHE B 51 11.46 -21.90 19.22
CA PHE B 51 11.23 -21.69 17.79
C PHE B 51 11.85 -20.38 17.32
N ILE B 52 12.86 -20.50 16.44
CA ILE B 52 13.41 -19.32 15.78
C ILE B 52 12.52 -18.95 14.59
N VAL B 53 12.03 -17.72 14.58
CA VAL B 53 10.98 -17.32 13.66
C VAL B 53 11.35 -16.09 12.82
N GLU B 54 11.06 -16.16 11.52
CA GLU B 54 11.34 -15.05 10.61
C GLU B 54 10.35 -13.90 10.80
N GLY B 55 10.78 -12.87 11.54
CA GLY B 55 9.98 -11.68 11.71
C GLY B 55 8.83 -11.80 12.71
N ASP B 56 8.31 -10.66 13.12
CA ASP B 56 7.21 -10.63 14.09
C ASP B 56 5.86 -10.85 13.42
N SER B 57 5.86 -10.91 12.09
CA SER B 57 4.66 -11.24 11.34
C SER B 57 4.26 -12.68 11.62
N ALA B 58 5.27 -13.55 11.68
CA ALA B 58 5.08 -14.93 12.09
C ALA B 58 5.27 -15.02 13.60
N GLY B 59 5.96 -14.02 14.15
CA GLY B 59 6.17 -13.92 15.58
C GLY B 59 4.88 -13.86 16.37
N GLY B 60 3.92 -13.08 15.88
CA GLY B 60 2.64 -12.97 16.55
C GLY B 60 1.85 -14.25 16.51
N SER B 61 1.82 -14.88 15.33
CA SER B 61 1.11 -16.15 15.14
C SER B 61 1.69 -17.24 16.03
N ALA B 62 3.02 -17.30 16.13
CA ALA B 62 3.67 -18.29 16.97
C ALA B 62 3.39 -17.99 18.44
N LYS B 63 3.64 -16.75 18.85
CA LYS B 63 3.47 -16.32 20.24
C LYS B 63 2.05 -16.56 20.77
N SER B 64 1.04 -16.29 19.95
CA SER B 64 -0.33 -16.45 20.37
C SER B 64 -0.97 -17.73 19.83
N GLY B 65 -0.54 -18.87 20.37
CA GLY B 65 -1.04 -20.17 19.97
C GLY B 65 0.07 -21.20 19.92
N ARG B 66 0.77 -21.35 21.04
CA ARG B 66 1.99 -22.16 21.07
C ARG B 66 2.07 -23.08 22.27
N ASN B 67 1.02 -23.14 23.07
CA ASN B 67 1.09 -23.81 24.38
C ASN B 67 2.22 -23.20 25.18
N ARG B 68 1.94 -22.08 25.83
CA ARG B 68 2.97 -21.26 26.47
C ARG B 68 3.58 -21.88 27.73
N GLU B 69 3.39 -23.17 27.91
CA GLU B 69 3.98 -23.89 29.03
C GLU B 69 5.36 -24.40 28.68
N PHE B 70 5.53 -24.85 27.44
CA PHE B 70 6.78 -25.50 27.04
C PHE B 70 7.38 -24.98 25.74
N GLN B 71 6.73 -24.01 25.10
CA GLN B 71 7.22 -23.51 23.82
C GLN B 71 7.53 -22.01 23.84
N ALA B 72 8.79 -21.67 23.56
CA ALA B 72 9.22 -20.28 23.50
C ALA B 72 9.43 -19.83 22.05
N ILE B 73 9.29 -18.53 21.81
CA ILE B 73 9.39 -17.99 20.46
C ILE B 73 10.39 -16.86 20.36
N LEU B 74 11.41 -17.02 19.49
CA LEU B 74 12.41 -15.97 19.29
C LEU B 74 12.40 -15.50 17.85
N PRO B 75 11.89 -14.28 17.61
CA PRO B 75 11.90 -13.65 16.29
C PRO B 75 13.28 -13.12 15.90
N ILE B 76 13.86 -13.68 14.85
CA ILE B 76 15.08 -13.14 14.23
C ILE B 76 14.66 -12.26 13.06
N ARG B 77 15.08 -11.01 13.09
CA ARG B 77 14.65 -10.04 12.09
C ARG B 77 15.60 -9.94 10.90
N GLY B 78 15.07 -10.20 9.71
CA GLY B 78 15.83 -10.03 8.49
C GLY B 78 16.80 -11.16 8.18
N LYS B 79 17.76 -10.88 7.31
CA LYS B 79 18.76 -11.88 6.94
C LYS B 79 19.95 -11.84 7.89
N ILE B 80 20.07 -12.86 8.73
CA ILE B 80 21.16 -12.95 9.70
C ILE B 80 22.51 -12.94 9.00
N LEU B 81 23.52 -12.43 9.71
CA LEU B 81 24.85 -12.28 9.15
C LEU B 81 25.50 -13.62 8.81
N ASN B 82 26.07 -13.71 7.61
CA ASN B 82 26.85 -14.87 7.22
C ASN B 82 28.23 -14.78 7.86
N VAL B 83 28.44 -15.59 8.89
CA VAL B 83 29.66 -15.55 9.69
C VAL B 83 30.92 -15.88 8.88
N GLU B 84 30.76 -16.67 7.83
CA GLU B 84 31.86 -17.00 6.94
C GLU B 84 32.37 -15.76 6.22
N LYS B 85 31.45 -14.85 5.92
CA LYS B 85 31.80 -13.60 5.24
C LYS B 85 31.69 -12.41 6.19
N ALA B 86 32.27 -12.57 7.39
CA ALA B 86 32.21 -11.52 8.40
C ALA B 86 33.36 -11.61 9.38
N SER B 87 33.78 -10.47 9.90
CA SER B 87 34.81 -10.42 10.94
C SER B 87 34.20 -10.83 12.27
N MET B 88 35.03 -11.38 13.15
CA MET B 88 34.57 -11.78 14.48
C MET B 88 34.16 -10.55 15.27
N ASP B 89 34.79 -9.43 14.96
CA ASP B 89 34.46 -8.14 15.56
C ASP B 89 33.06 -7.73 15.14
N LYS B 90 32.64 -8.17 13.96
CA LYS B 90 31.30 -7.90 13.46
C LYS B 90 30.31 -8.91 14.04
N ILE B 91 30.79 -10.12 14.31
CA ILE B 91 29.95 -11.16 14.88
C ILE B 91 29.57 -10.83 16.32
N LEU B 92 30.57 -10.47 17.12
CA LEU B 92 30.36 -10.13 18.52
C LEU B 92 29.65 -8.78 18.67
N ALA B 93 29.48 -8.07 17.56
CA ALA B 93 28.80 -6.78 17.58
C ALA B 93 27.32 -6.93 17.26
N ASN B 94 27.03 -7.78 16.28
CA ASN B 94 25.65 -8.05 15.85
C ASN B 94 24.76 -8.50 17.00
N GLU B 95 23.60 -7.85 17.13
CA GLU B 95 22.73 -8.06 18.29
C GLU B 95 21.69 -9.17 18.10
N GLU B 96 21.52 -9.64 16.87
CA GLU B 96 20.60 -10.73 16.60
C GLU B 96 21.17 -12.05 17.10
N ILE B 97 22.39 -12.35 16.67
CA ILE B 97 23.11 -13.52 17.14
C ILE B 97 23.29 -13.43 18.65
N ARG B 98 23.56 -12.22 19.13
CA ARG B 98 23.69 -11.98 20.57
C ARG B 98 22.42 -12.33 21.30
N SER B 99 21.27 -11.98 20.70
CA SER B 99 19.97 -12.26 21.29
C SER B 99 19.70 -13.76 21.31
N LEU B 100 20.09 -14.44 20.24
CA LEU B 100 19.93 -15.89 20.15
C LEU B 100 20.75 -16.60 21.23
N PHE B 101 22.04 -16.25 21.32
CA PHE B 101 22.92 -16.81 22.34
C PHE B 101 22.41 -16.52 23.75
N THR B 102 21.87 -15.31 23.93
CA THR B 102 21.31 -14.93 25.23
C THR B 102 20.11 -15.80 25.56
N ALA B 103 19.29 -16.07 24.56
CA ALA B 103 18.11 -16.91 24.72
C ALA B 103 18.50 -18.35 25.06
N MET B 104 19.60 -18.82 24.47
CA MET B 104 20.08 -20.16 24.75
C MET B 104 20.78 -20.25 26.11
N GLY B 105 21.42 -19.15 26.51
CA GLY B 105 22.13 -19.10 27.76
C GLY B 105 23.27 -20.11 27.81
N THR B 106 23.84 -20.39 26.65
CA THR B 106 24.91 -21.37 26.53
C THR B 106 26.30 -20.75 26.74
N GLY B 107 26.51 -19.59 26.13
CA GLY B 107 27.80 -18.94 26.17
C GLY B 107 28.41 -18.89 24.78
N PHE B 108 29.48 -18.13 24.62
CA PHE B 108 30.08 -17.94 23.31
C PHE B 108 31.51 -18.48 23.22
N GLY B 109 31.72 -19.40 22.29
CA GLY B 109 33.04 -19.96 22.01
C GLY B 109 33.75 -20.55 23.21
N ALA B 110 34.55 -19.72 23.88
CA ALA B 110 35.32 -20.16 25.03
C ALA B 110 34.51 -20.07 26.33
N GLU B 111 33.26 -20.50 26.25
CA GLU B 111 32.36 -20.50 27.41
C GLU B 111 31.12 -21.33 27.06
N PHE B 112 31.14 -21.93 25.89
CA PHE B 112 30.00 -22.71 25.39
C PHE B 112 29.78 -23.99 26.18
N ASP B 113 28.91 -23.92 27.17
CA ASP B 113 28.56 -25.08 27.98
C ASP B 113 27.23 -25.67 27.50
N VAL B 114 27.29 -26.84 26.87
CA VAL B 114 26.08 -27.49 26.37
C VAL B 114 25.20 -27.98 27.50
N SER B 115 25.84 -28.36 28.61
CA SER B 115 25.12 -28.86 29.78
C SER B 115 24.57 -27.73 30.65
N LYS B 116 24.39 -26.56 30.04
CA LYS B 116 23.82 -25.41 30.72
C LYS B 116 22.92 -24.62 29.78
N ALA B 117 22.24 -25.33 28.89
CA ALA B 117 21.33 -24.70 27.94
C ALA B 117 19.93 -24.56 28.55
N ARG B 118 19.08 -23.79 27.90
CA ARG B 118 17.74 -23.54 28.40
C ARG B 118 16.71 -24.33 27.61
N TYR B 119 17.09 -24.78 26.42
CA TYR B 119 16.23 -25.59 25.58
C TYR B 119 17.06 -26.65 24.87
N GLN B 120 16.62 -27.91 24.96
CA GLN B 120 17.29 -28.99 24.26
C GLN B 120 16.61 -29.29 22.93
N LYS B 121 15.67 -28.43 22.55
CA LYS B 121 14.97 -28.59 21.28
C LYS B 121 14.82 -27.24 20.59
N LEU B 122 15.80 -26.92 19.75
CA LEU B 122 15.81 -25.66 19.01
C LEU B 122 15.26 -25.85 17.61
N VAL B 123 14.01 -25.41 17.40
CA VAL B 123 13.35 -25.58 16.12
C VAL B 123 13.59 -24.38 15.20
N LEU B 124 14.08 -24.64 14.00
CA LEU B 124 14.22 -23.60 12.99
C LEU B 124 12.92 -23.48 12.19
N MET B 125 12.18 -22.42 12.43
CA MET B 125 10.87 -22.26 11.81
C MET B 125 10.84 -21.08 10.84
N THR B 126 11.69 -21.15 9.82
CA THR B 126 11.75 -20.10 8.81
C THR B 126 10.53 -20.15 7.89
N ASP B 127 10.29 -19.05 7.18
CA ASP B 127 9.17 -18.97 6.24
C ASP B 127 9.30 -19.99 5.10
N ALA B 128 8.18 -20.26 4.44
CA ALA B 128 8.13 -21.31 3.43
C ALA B 128 8.48 -20.81 2.03
N ASP B 129 9.01 -19.60 1.93
CA ASP B 129 9.49 -19.09 0.65
C ASP B 129 10.98 -19.38 0.49
N VAL B 130 11.56 -18.86 -0.58
CA VAL B 130 12.98 -19.11 -0.86
C VAL B 130 13.89 -18.30 0.05
N ASP B 131 13.44 -17.11 0.43
CA ASP B 131 14.18 -16.27 1.35
C ASP B 131 14.21 -16.94 2.73
N GLY B 132 13.16 -17.70 3.02
CA GLY B 132 13.11 -18.50 4.23
C GLY B 132 14.19 -19.56 4.21
N ALA B 133 14.40 -20.16 3.05
CA ALA B 133 15.46 -21.13 2.87
C ALA B 133 16.82 -20.46 3.06
N HIS B 134 16.93 -19.22 2.60
CA HIS B 134 18.15 -18.43 2.78
C HIS B 134 18.44 -18.21 4.28
N ILE B 135 17.43 -17.76 5.01
CA ILE B 135 17.56 -17.52 6.44
C ILE B 135 17.92 -18.81 7.18
N ARG B 136 17.28 -19.90 6.77
CA ARG B 136 17.58 -21.22 7.32
C ARG B 136 19.05 -21.56 7.11
N THR B 137 19.54 -21.29 5.90
CA THR B 137 20.94 -21.51 5.57
C THR B 137 21.88 -20.73 6.49
N LEU B 138 21.66 -19.42 6.55
CA LEU B 138 22.47 -18.54 7.41
C LEU B 138 22.48 -19.01 8.87
N LEU B 139 21.29 -19.34 9.37
CA LEU B 139 21.13 -19.84 10.74
C LEU B 139 21.91 -21.14 10.96
N LEU B 140 21.87 -22.02 9.97
CA LEU B 140 22.60 -23.28 10.05
C LEU B 140 24.11 -23.06 10.06
N THR B 141 24.57 -22.05 9.31
CA THR B 141 25.98 -21.69 9.33
C THR B 141 26.37 -21.19 10.71
N LEU B 142 25.54 -20.31 11.27
CA LEU B 142 25.79 -19.79 12.62
C LEU B 142 25.86 -20.91 13.65
N ILE B 143 24.93 -21.85 13.55
CA ILE B 143 24.82 -22.94 14.51
C ILE B 143 25.96 -23.95 14.38
N TYR B 144 26.41 -24.21 13.17
CA TYR B 144 27.50 -25.15 12.96
C TYR B 144 28.85 -24.54 13.32
N ARG B 145 28.96 -23.21 13.13
CA ARG B 145 30.24 -22.54 13.31
C ARG B 145 30.46 -21.97 14.71
N TYR B 146 29.39 -21.74 15.46
CA TYR B 146 29.51 -21.11 16.77
C TYR B 146 28.61 -21.70 17.86
N MET B 147 27.88 -22.75 17.50
CA MET B 147 27.07 -23.48 18.48
C MET B 147 27.17 -24.97 18.19
N LYS B 148 28.34 -25.40 17.75
CA LYS B 148 28.55 -26.77 17.28
C LYS B 148 28.12 -27.90 18.23
N PRO B 149 28.39 -27.76 19.55
CA PRO B 149 27.91 -28.81 20.46
C PRO B 149 26.40 -29.00 20.44
N ILE B 150 25.66 -27.92 20.24
CA ILE B 150 24.19 -27.98 20.17
C ILE B 150 23.73 -28.91 19.05
N LEU B 151 24.31 -28.75 17.87
CA LEU B 151 24.01 -29.61 16.74
C LEU B 151 24.55 -31.02 16.97
N GLU B 152 25.68 -31.10 17.69
CA GLU B 152 26.30 -32.38 17.99
C GLU B 152 25.47 -33.19 18.98
N ALA B 153 24.90 -32.51 19.96
CA ALA B 153 24.07 -33.16 20.96
C ALA B 153 22.71 -33.55 20.40
N GLY B 154 22.38 -32.99 19.23
CA GLY B 154 21.12 -33.29 18.58
C GLY B 154 19.98 -32.45 19.11
N TYR B 155 20.23 -31.16 19.30
CA TYR B 155 19.22 -30.24 19.82
C TYR B 155 18.57 -29.43 18.70
N VAL B 156 19.24 -29.36 17.55
CA VAL B 156 18.76 -28.55 16.44
C VAL B 156 17.74 -29.28 15.58
N TYR B 157 16.51 -28.78 15.58
CA TYR B 157 15.45 -29.36 14.76
C TYR B 157 14.92 -28.36 13.75
N ILE B 158 14.37 -28.86 12.66
CA ILE B 158 13.83 -28.02 11.61
C ILE B 158 12.38 -28.36 11.32
N ALA B 159 11.51 -27.36 11.42
CA ALA B 159 10.07 -27.56 11.21
C ALA B 159 9.76 -27.84 9.75
N GLN B 160 8.84 -28.78 9.52
CA GLN B 160 8.43 -29.15 8.18
C GLN B 160 6.93 -28.90 8.00
N PRO B 161 6.56 -27.65 7.67
CA PRO B 161 5.17 -27.23 7.50
C PRO B 161 4.48 -27.92 6.32
N PRO B 162 3.13 -27.92 6.31
CA PRO B 162 2.38 -28.43 5.16
C PRO B 162 2.20 -27.34 4.10
N LEU B 208 4.47 -17.75 6.89
CA LEU B 208 3.90 -18.13 8.17
C LEU B 208 3.00 -17.05 8.73
N GLY B 209 3.28 -15.80 8.35
CA GLY B 209 2.45 -14.68 8.76
C GLY B 209 1.08 -14.74 8.10
N GLU B 210 1.02 -15.41 6.96
CA GLU B 210 -0.23 -15.59 6.22
C GLU B 210 -0.97 -16.82 6.73
N MET B 211 -0.87 -17.08 8.03
CA MET B 211 -1.52 -18.22 8.63
C MET B 211 -2.10 -17.83 9.98
N ASP B 212 -3.15 -18.52 10.40
CA ASP B 212 -3.82 -18.21 11.66
C ASP B 212 -3.11 -18.86 12.84
N ASP B 213 -3.62 -18.64 14.04
CA ASP B 213 -3.09 -19.27 15.24
C ASP B 213 -3.35 -20.77 15.18
N HIS B 214 -4.62 -21.10 15.00
CA HIS B 214 -5.09 -22.48 14.98
C HIS B 214 -4.40 -23.31 13.90
N GLN B 215 -4.21 -22.72 12.73
CA GLN B 215 -3.54 -23.41 11.63
C GLN B 215 -2.08 -23.68 11.98
N LEU B 216 -1.37 -22.63 12.41
CA LEU B 216 0.04 -22.75 12.79
C LEU B 216 0.23 -23.87 13.80
N TRP B 217 -0.56 -23.83 14.87
CA TRP B 217 -0.49 -24.84 15.91
C TRP B 217 -0.82 -26.24 15.41
N GLU B 218 -2.04 -26.42 14.93
CA GLU B 218 -2.55 -27.73 14.54
C GLU B 218 -1.76 -28.38 13.40
N THR B 219 -1.03 -27.57 12.64
CA THR B 219 -0.27 -28.11 11.51
C THR B 219 1.22 -28.30 11.79
N THR B 220 1.82 -27.40 12.56
CA THR B 220 3.29 -27.38 12.66
C THR B 220 3.86 -27.43 14.08
N MET B 221 3.05 -27.09 15.08
CA MET B 221 3.57 -26.92 16.44
C MET B 221 3.04 -27.98 17.42
N ASP B 222 1.92 -28.60 17.07
CA ASP B 222 1.36 -29.66 17.89
C ASP B 222 2.13 -30.95 17.64
N PRO B 223 2.82 -31.45 18.68
CA PRO B 223 3.67 -32.64 18.56
C PRO B 223 2.90 -33.90 18.17
N GLU B 224 1.58 -33.85 18.32
CA GLU B 224 0.73 -34.98 18.00
C GLU B 224 0.44 -35.10 16.51
N HIS B 225 0.68 -34.01 15.77
CA HIS B 225 0.36 -33.98 14.34
C HIS B 225 1.37 -33.23 13.49
N ARG B 226 2.50 -32.84 14.08
CA ARG B 226 3.52 -32.11 13.34
C ARG B 226 4.62 -33.03 12.85
N LEU B 227 5.36 -32.59 11.84
CA LEU B 227 6.50 -33.34 11.33
C LEU B 227 7.75 -32.49 11.41
N MET B 228 8.75 -32.99 12.15
CA MET B 228 10.00 -32.25 12.34
C MET B 228 11.21 -33.06 11.90
N ALA B 229 12.31 -32.37 11.64
CA ALA B 229 13.53 -33.03 11.20
C ALA B 229 14.69 -32.80 12.17
N ARG B 230 15.34 -33.88 12.59
CA ARG B 230 16.53 -33.76 13.42
C ARG B 230 17.76 -33.55 12.55
N VAL B 231 18.46 -32.44 12.76
CA VAL B 231 19.66 -32.14 12.00
C VAL B 231 20.85 -32.93 12.53
N SER B 232 21.34 -33.86 11.74
CA SER B 232 22.46 -34.70 12.14
C SER B 232 23.56 -34.70 11.07
N VAL B 233 24.78 -34.39 11.50
CA VAL B 233 25.92 -34.30 10.59
C VAL B 233 26.43 -35.70 10.22
N ASP B 234 26.86 -35.85 8.98
CA ASP B 234 27.48 -37.09 8.53
C ASP B 234 28.98 -37.05 8.87
N ASP B 235 29.74 -36.39 8.01
CA ASP B 235 31.17 -36.17 8.25
C ASP B 235 31.45 -34.68 8.37
N ALA B 236 32.31 -34.31 9.32
CA ALA B 236 32.62 -32.91 9.57
C ALA B 236 33.45 -32.29 8.45
N ALA B 237 34.18 -33.13 7.72
CA ALA B 237 35.01 -32.65 6.62
C ALA B 237 34.15 -32.11 5.48
N GLU B 238 33.26 -32.96 4.99
CA GLU B 238 32.35 -32.60 3.90
C GLU B 238 31.47 -31.41 4.31
N ALA B 239 31.09 -31.38 5.58
CA ALA B 239 30.30 -30.28 6.12
C ALA B 239 31.08 -28.97 6.03
N ASP B 240 32.25 -28.94 6.67
CA ASP B 240 33.10 -27.76 6.67
C ASP B 240 33.40 -27.27 5.26
N LYS B 241 33.63 -28.20 4.36
CA LYS B 241 33.87 -27.86 2.96
C LYS B 241 32.63 -27.22 2.34
N ILE B 242 31.47 -27.79 2.62
CA ILE B 242 30.21 -27.30 2.08
C ILE B 242 29.92 -25.87 2.55
N PHE B 243 30.13 -25.62 3.84
CA PHE B 243 29.97 -24.28 4.39
C PHE B 243 30.99 -23.32 3.81
N ASP B 244 32.20 -23.82 3.57
CA ASP B 244 33.27 -23.01 2.99
C ASP B 244 32.96 -22.64 1.55
N MET B 245 32.17 -23.47 0.88
CA MET B 245 31.81 -23.24 -0.52
C MET B 245 30.59 -22.35 -0.66
N LEU B 246 29.47 -22.78 -0.10
CA LEU B 246 28.20 -22.07 -0.25
C LEU B 246 28.20 -20.72 0.45
N MET B 247 28.97 -20.61 1.53
CA MET B 247 28.92 -19.44 2.40
C MET B 247 30.23 -18.67 2.46
N GLY B 248 31.33 -19.35 2.11
CA GLY B 248 32.64 -18.74 2.15
C GLY B 248 32.77 -17.61 1.15
N ASP B 249 33.77 -16.75 1.35
CA ASP B 249 33.98 -15.60 0.49
C ASP B 249 34.39 -15.98 -0.93
N ARG B 250 34.76 -17.24 -1.12
CA ARG B 250 35.14 -17.74 -2.44
C ARG B 250 33.91 -17.83 -3.35
N VAL B 251 33.86 -16.95 -4.35
CA VAL B 251 32.71 -16.84 -5.22
C VAL B 251 32.73 -17.88 -6.34
N GLU B 252 33.85 -17.97 -7.05
CA GLU B 252 34.00 -18.85 -8.21
C GLU B 252 33.59 -20.32 -7.98
N PRO B 253 34.07 -20.94 -6.89
CA PRO B 253 33.65 -22.33 -6.66
C PRO B 253 32.15 -22.44 -6.41
N ARG B 254 31.56 -21.41 -5.79
CA ARG B 254 30.12 -21.40 -5.54
C ARG B 254 29.35 -21.31 -6.86
N ARG B 255 29.84 -20.44 -7.75
CA ARG B 255 29.23 -20.29 -9.06
C ARG B 255 29.35 -21.59 -9.84
N GLU B 256 30.47 -22.29 -9.66
CA GLU B 256 30.68 -23.59 -10.28
C GLU B 256 29.67 -24.60 -9.74
N PHE B 257 29.43 -24.54 -8.43
CA PHE B 257 28.46 -25.42 -7.79
C PHE B 257 27.05 -25.18 -8.31
N ILE B 258 26.69 -23.91 -8.48
CA ILE B 258 25.37 -23.54 -8.94
C ILE B 258 25.21 -23.81 -10.44
N GLU B 259 26.32 -23.85 -11.15
CA GLU B 259 26.28 -24.11 -12.59
C GLU B 259 26.36 -25.59 -12.91
N GLU B 260 26.80 -26.38 -11.93
CA GLU B 260 26.94 -27.82 -12.13
C GLU B 260 25.89 -28.64 -11.39
N ASN B 261 25.19 -28.01 -10.45
CA ASN B 261 24.21 -28.73 -9.65
C ASN B 261 22.85 -28.02 -9.54
N ALA B 262 22.41 -27.43 -10.65
CA ALA B 262 21.11 -26.79 -10.70
C ALA B 262 20.36 -27.15 -11.98
N VAL B 263 19.14 -27.67 -11.82
CA VAL B 263 18.32 -28.05 -12.95
C VAL B 263 17.26 -26.99 -13.22
N TYR B 264 17.52 -26.13 -14.20
CA TYR B 264 16.59 -25.06 -14.54
C TYR B 264 15.34 -25.61 -15.21
N GLN C 2 8.35 -33.70 23.02
CA GLN C 2 8.58 -34.98 22.35
C GLN C 2 7.61 -35.19 21.20
N ASP C 3 8.14 -35.60 20.05
CA ASP C 3 7.32 -35.76 18.85
C ASP C 3 6.87 -37.19 18.63
N LYS C 4 5.78 -37.34 17.88
CA LYS C 4 5.27 -38.66 17.51
C LYS C 4 5.90 -39.10 16.19
N ASN C 5 5.87 -38.20 15.20
CA ASN C 5 6.46 -38.47 13.90
C ASN C 5 7.70 -37.60 13.67
N LEU C 6 8.87 -38.23 13.74
CA LEU C 6 10.13 -37.52 13.53
C LEU C 6 10.94 -38.16 12.41
N VAL C 7 11.71 -37.34 11.71
CA VAL C 7 12.55 -37.82 10.62
C VAL C 7 13.95 -37.21 10.72
N ASN C 8 14.94 -37.90 10.17
CA ASN C 8 16.31 -37.41 10.20
C ASN C 8 16.64 -36.58 8.97
N VAL C 9 17.46 -35.55 9.17
CA VAL C 9 17.86 -34.68 8.08
C VAL C 9 19.36 -34.40 8.11
N ASN C 10 20.06 -34.89 7.09
CA ASN C 10 21.49 -34.63 6.96
C ASN C 10 21.74 -33.14 6.74
N LEU C 11 22.77 -32.63 7.41
CA LEU C 11 23.08 -31.20 7.35
C LEU C 11 23.43 -30.75 5.94
N THR C 12 24.42 -31.40 5.35
CA THR C 12 24.90 -31.06 4.01
C THR C 12 23.78 -31.14 2.97
N LYS C 13 22.86 -32.09 3.17
CA LYS C 13 21.74 -32.28 2.26
C LYS C 13 20.82 -31.06 2.24
N GLU C 14 20.28 -30.72 3.41
CA GLU C 14 19.36 -29.60 3.55
C GLU C 14 20.04 -28.29 3.17
N MET C 15 21.30 -28.15 3.54
CA MET C 15 22.08 -26.98 3.15
C MET C 15 22.14 -26.85 1.63
N LYS C 16 22.51 -27.94 0.96
CA LYS C 16 22.61 -27.95 -0.49
C LYS C 16 21.28 -27.63 -1.17
N ALA C 17 20.22 -28.32 -0.73
CA ALA C 17 18.90 -28.14 -1.32
C ALA C 17 18.37 -26.71 -1.15
N SER C 18 18.38 -26.24 0.10
CA SER C 18 17.92 -24.89 0.41
C SER C 18 18.71 -23.85 -0.36
N PHE C 19 20.04 -23.99 -0.37
CA PHE C 19 20.88 -23.03 -1.06
C PHE C 19 20.65 -23.00 -2.56
N ILE C 20 20.55 -24.18 -3.17
CA ILE C 20 20.29 -24.27 -4.61
C ILE C 20 18.94 -23.62 -4.93
N ASP C 21 17.97 -23.85 -4.05
CA ASP C 21 16.66 -23.24 -4.19
C ASP C 21 16.75 -21.73 -4.22
N TYR C 22 17.31 -21.15 -3.16
CA TYR C 22 17.42 -19.70 -3.06
C TYR C 22 18.22 -19.11 -4.22
N ALA C 23 19.37 -19.70 -4.51
CA ALA C 23 20.23 -19.25 -5.60
C ALA C 23 19.52 -19.22 -6.94
N MET C 24 18.95 -20.35 -7.32
CA MET C 24 18.23 -20.45 -8.60
C MET C 24 17.08 -19.44 -8.67
N SER C 25 16.33 -19.33 -7.57
CA SER C 25 15.20 -18.43 -7.53
C SER C 25 15.61 -16.96 -7.64
N VAL C 26 16.79 -16.63 -7.11
CA VAL C 26 17.31 -15.27 -7.16
C VAL C 26 17.88 -14.95 -8.55
N ILE C 27 18.50 -15.95 -9.17
CA ILE C 27 19.06 -15.76 -10.50
C ILE C 27 17.97 -15.60 -11.56
N VAL C 28 17.12 -16.61 -11.67
CA VAL C 28 16.16 -16.68 -12.76
C VAL C 28 14.80 -16.06 -12.46
N ALA C 29 14.70 -15.28 -11.38
CA ALA C 29 13.42 -14.71 -11.00
C ALA C 29 13.51 -13.51 -10.05
N ARG C 30 14.60 -12.75 -10.12
CA ARG C 30 14.77 -11.61 -9.22
C ARG C 30 15.85 -10.62 -9.67
N ALA C 31 17.10 -11.06 -9.63
CA ALA C 31 18.22 -10.16 -9.80
C ALA C 31 18.63 -9.89 -11.24
N LEU C 32 18.31 -10.83 -12.14
CA LEU C 32 18.74 -10.72 -13.52
C LEU C 32 17.56 -10.51 -14.47
N PRO C 33 17.80 -9.75 -15.56
CA PRO C 33 16.76 -9.47 -16.54
C PRO C 33 16.67 -10.54 -17.62
N ASP C 34 15.60 -10.51 -18.40
CA ASP C 34 15.46 -11.38 -19.55
C ASP C 34 16.15 -10.70 -20.73
N VAL C 35 16.85 -11.49 -21.54
CA VAL C 35 17.59 -10.94 -22.68
C VAL C 35 16.65 -10.31 -23.71
N ARG C 36 15.40 -10.76 -23.72
CA ARG C 36 14.43 -10.33 -24.72
C ARG C 36 13.84 -8.95 -24.44
N ASP C 37 13.28 -8.75 -23.25
CA ASP C 37 12.66 -7.46 -22.92
C ASP C 37 13.50 -6.61 -21.95
N GLY C 38 14.62 -7.17 -21.51
CA GLY C 38 15.53 -6.46 -20.63
C GLY C 38 14.93 -6.12 -19.27
N LEU C 39 13.96 -6.93 -18.84
CA LEU C 39 13.27 -6.66 -17.59
C LEU C 39 13.45 -7.75 -16.53
N LYS C 40 13.56 -7.32 -15.29
CA LYS C 40 13.52 -8.23 -14.15
C LYS C 40 12.10 -8.21 -13.57
N PRO C 41 11.65 -9.36 -13.02
CA PRO C 41 10.26 -9.61 -12.60
C PRO C 41 9.51 -8.41 -12.01
N VAL C 42 10.12 -7.69 -11.08
CA VAL C 42 9.45 -6.54 -10.46
C VAL C 42 9.08 -5.46 -11.48
N HIS C 43 9.99 -5.15 -12.40
CA HIS C 43 9.75 -4.14 -13.42
C HIS C 43 8.65 -4.56 -14.40
N ARG C 44 8.73 -5.81 -14.85
CA ARG C 44 7.74 -6.35 -15.78
C ARG C 44 6.36 -6.33 -15.14
N ARG C 45 6.31 -6.74 -13.88
CA ARG C 45 5.05 -6.75 -13.13
C ARG C 45 4.52 -5.34 -12.90
N ILE C 46 5.42 -4.36 -12.74
CA ILE C 46 4.98 -2.99 -12.59
C ILE C 46 4.40 -2.45 -13.89
N LEU C 47 5.07 -2.71 -15.01
CA LEU C 47 4.59 -2.26 -16.31
C LEU C 47 3.25 -2.89 -16.68
N TYR C 48 3.13 -4.21 -16.49
CA TYR C 48 1.87 -4.90 -16.77
C TYR C 48 0.77 -4.44 -15.82
N GLY C 49 1.13 -4.27 -14.55
CA GLY C 49 0.19 -3.83 -13.54
C GLY C 49 -0.36 -2.45 -13.86
N MET C 50 0.53 -1.58 -14.32
CA MET C 50 0.14 -0.24 -14.76
C MET C 50 -0.74 -0.33 -16.00
N ASN C 51 -0.44 -1.30 -16.88
CA ASN C 51 -1.23 -1.50 -18.08
C ASN C 51 -2.68 -1.84 -17.74
N GLU C 52 -2.86 -2.88 -16.94
CA GLU C 52 -4.20 -3.32 -16.55
C GLU C 52 -4.93 -2.26 -15.74
N LEU C 53 -4.17 -1.42 -15.04
CA LEU C 53 -4.73 -0.35 -14.22
C LEU C 53 -5.27 0.80 -15.06
N GLY C 54 -4.90 0.82 -16.34
CA GLY C 54 -5.36 1.86 -17.23
C GLY C 54 -4.68 3.19 -17.01
N VAL C 55 -3.41 3.16 -16.62
CA VAL C 55 -2.62 4.38 -16.53
C VAL C 55 -1.68 4.52 -17.73
N THR C 56 -2.26 4.41 -18.91
CA THR C 56 -1.57 4.67 -20.16
C THR C 56 -1.33 6.19 -20.27
N PRO C 57 -0.32 6.59 -21.09
CA PRO C 57 0.05 8.01 -21.20
C PRO C 57 -1.10 8.96 -21.53
N ASP C 58 -2.15 8.45 -22.15
CA ASP C 58 -3.32 9.27 -22.47
C ASP C 58 -4.16 9.53 -21.24
N LYS C 59 -4.38 8.49 -20.44
CA LYS C 59 -5.16 8.59 -19.22
C LYS C 59 -4.38 9.33 -18.13
N PRO C 60 -5.10 9.98 -17.19
CA PRO C 60 -4.44 10.71 -16.10
C PRO C 60 -3.74 9.78 -15.10
N HIS C 61 -2.90 10.37 -14.24
CA HIS C 61 -2.13 9.60 -13.28
C HIS C 61 -3.02 8.98 -12.20
N LYS C 62 -2.51 7.92 -11.58
CA LYS C 62 -3.14 7.33 -10.40
C LYS C 62 -2.10 7.32 -9.28
N LYS C 63 -2.54 7.50 -8.03
CA LYS C 63 -1.65 7.54 -6.89
C LYS C 63 -0.77 6.29 -6.80
N SER C 64 0.45 6.46 -6.30
CA SER C 64 1.41 5.37 -6.25
C SER C 64 0.95 4.22 -5.38
N ALA C 65 0.18 4.52 -4.34
CA ALA C 65 -0.31 3.48 -3.43
C ALA C 65 -1.30 2.56 -4.14
N ARG C 66 -2.04 3.12 -5.09
CA ARG C 66 -2.98 2.36 -5.90
C ARG C 66 -2.23 1.32 -6.72
N ILE C 67 -1.21 1.77 -7.43
CA ILE C 67 -0.41 0.93 -8.30
C ILE C 67 0.36 -0.12 -7.51
N THR C 68 1.02 0.31 -6.43
CA THR C 68 1.78 -0.59 -5.58
C THR C 68 0.86 -1.66 -5.00
N GLY C 69 -0.30 -1.23 -4.52
CA GLY C 69 -1.29 -2.13 -3.97
C GLY C 69 -1.74 -3.19 -4.96
N ASP C 70 -2.16 -2.74 -6.14
CA ASP C 70 -2.62 -3.65 -7.18
C ASP C 70 -1.51 -4.63 -7.61
N VAL C 71 -0.31 -4.11 -7.81
CA VAL C 71 0.82 -4.92 -8.25
C VAL C 71 1.19 -5.99 -7.23
N MET C 72 1.23 -5.61 -5.95
CA MET C 72 1.53 -6.59 -4.91
C MET C 72 0.43 -7.62 -4.77
N GLY C 73 -0.82 -7.16 -4.73
CA GLY C 73 -1.95 -8.04 -4.54
C GLY C 73 -2.14 -9.03 -5.67
N LYS C 74 -1.81 -8.61 -6.89
CA LYS C 74 -2.08 -9.43 -8.06
C LYS C 74 -0.87 -10.21 -8.58
N TYR C 75 0.29 -9.58 -8.63
CA TYR C 75 1.42 -10.17 -9.32
C TYR C 75 2.69 -10.37 -8.47
N HIS C 76 3.14 -9.30 -7.84
CA HIS C 76 4.42 -9.33 -7.12
C HIS C 76 4.23 -9.59 -5.63
N PRO C 77 4.53 -10.81 -5.19
CA PRO C 77 4.31 -11.22 -3.80
C PRO C 77 5.42 -10.77 -2.86
N HIS C 78 5.67 -9.47 -2.77
CA HIS C 78 6.70 -8.94 -1.90
C HIS C 78 6.25 -7.64 -1.22
N GLY C 79 7.21 -6.85 -0.75
CA GLY C 79 6.90 -5.66 0.02
C GLY C 79 6.60 -4.42 -0.80
N ASP C 80 5.95 -3.45 -0.18
CA ASP C 80 5.61 -2.18 -0.83
C ASP C 80 6.86 -1.43 -1.24
N SER C 81 7.78 -1.28 -0.28
CA SER C 81 8.99 -0.49 -0.46
C SER C 81 9.80 -0.89 -1.70
N SER C 82 9.90 -2.18 -1.96
CA SER C 82 10.65 -2.68 -3.10
C SER C 82 10.01 -2.26 -4.43
N ILE C 83 8.72 -2.55 -4.56
CA ILE C 83 7.97 -2.21 -5.77
C ILE C 83 8.02 -0.71 -6.03
N TYR C 84 7.71 0.07 -5.00
CA TYR C 84 7.70 1.52 -5.13
C TYR C 84 9.09 2.06 -5.47
N GLU C 85 10.12 1.47 -4.86
CA GLU C 85 11.50 1.84 -5.19
C GLU C 85 11.81 1.61 -6.66
N ALA C 86 11.39 0.45 -7.17
CA ALA C 86 11.58 0.12 -8.58
C ALA C 86 10.89 1.14 -9.47
N MET C 87 9.62 1.42 -9.17
CA MET C 87 8.84 2.39 -9.93
C MET C 87 9.49 3.77 -9.93
N VAL C 88 9.99 4.18 -8.77
CA VAL C 88 10.68 5.46 -8.65
C VAL C 88 11.93 5.48 -9.53
N ARG C 89 12.70 4.40 -9.49
CA ARG C 89 13.89 4.28 -10.33
C ARG C 89 13.55 4.30 -11.82
N MET C 90 12.35 3.87 -12.16
CA MET C 90 11.92 3.87 -13.56
C MET C 90 11.34 5.23 -13.98
N ALA C 91 11.48 6.23 -13.12
CA ALA C 91 10.93 7.55 -13.40
C ALA C 91 11.95 8.68 -13.20
N GLN C 92 13.22 8.32 -13.09
CA GLN C 92 14.27 9.30 -12.86
C GLN C 92 15.19 9.40 -14.07
N TRP C 93 15.42 10.63 -14.54
CA TRP C 93 16.19 10.83 -15.76
C TRP C 93 17.64 10.39 -15.62
N TRP C 94 18.17 10.47 -14.41
CA TRP C 94 19.57 10.13 -14.18
C TRP C 94 19.78 8.63 -13.92
N SER C 95 18.68 7.89 -13.81
CA SER C 95 18.74 6.45 -13.60
C SER C 95 18.48 5.70 -14.90
N TYR C 96 17.30 5.90 -15.47
CA TYR C 96 16.94 5.29 -16.73
C TYR C 96 17.18 6.25 -17.90
N ARG C 97 18.03 5.84 -18.82
CA ARG C 97 18.35 6.63 -20.01
C ARG C 97 17.09 6.98 -20.80
N TYR C 98 16.17 6.02 -20.86
CA TYR C 98 14.85 6.26 -21.43
C TYR C 98 13.78 5.79 -20.44
N MET C 99 13.24 6.75 -19.70
CA MET C 99 12.34 6.49 -18.57
C MET C 99 11.09 5.72 -18.98
N LEU C 100 10.72 4.74 -18.16
CA LEU C 100 9.55 3.90 -18.44
C LEU C 100 8.35 4.33 -17.61
N VAL C 101 8.58 5.21 -16.64
CA VAL C 101 7.50 5.71 -15.79
C VAL C 101 7.47 7.24 -15.76
N ASP C 102 6.29 7.82 -15.95
CA ASP C 102 6.10 9.25 -15.83
C ASP C 102 5.34 9.55 -14.56
N GLY C 103 5.99 10.26 -13.63
CA GLY C 103 5.41 10.51 -12.33
C GLY C 103 5.30 11.98 -11.94
N HIS C 104 4.36 12.27 -11.04
CA HIS C 104 4.18 13.61 -10.51
C HIS C 104 4.55 13.66 -9.04
N GLY C 105 5.10 14.78 -8.60
CA GLY C 105 5.51 14.95 -7.22
C GLY C 105 6.97 14.56 -7.03
N ASN C 106 7.43 14.62 -5.78
CA ASN C 106 8.81 14.30 -5.47
C ASN C 106 9.16 12.84 -5.74
N PHE C 107 10.06 12.62 -6.69
CA PHE C 107 10.54 11.29 -7.01
C PHE C 107 12.05 11.19 -6.76
N GLY C 108 12.54 12.00 -5.83
CA GLY C 108 13.95 12.01 -5.49
C GLY C 108 14.77 12.90 -6.38
N SER C 109 15.96 13.27 -5.93
CA SER C 109 16.86 14.11 -6.70
C SER C 109 18.14 13.37 -7.04
N MET C 110 18.99 13.99 -7.85
CA MET C 110 20.29 13.42 -8.17
C MET C 110 21.15 13.35 -6.91
N ASP C 111 20.89 14.26 -5.98
CA ASP C 111 21.68 14.37 -4.76
C ASP C 111 21.25 13.41 -3.67
N GLY C 112 20.88 12.20 -4.06
CA GLY C 112 20.61 11.13 -3.12
C GLY C 112 19.27 11.16 -2.42
N ASP C 113 18.59 12.31 -2.46
CA ASP C 113 17.30 12.47 -1.81
C ASP C 113 16.30 11.42 -2.30
N SER C 114 15.55 10.84 -1.37
CA SER C 114 14.60 9.78 -1.70
C SER C 114 13.29 10.37 -2.20
N ALA C 115 12.44 9.49 -2.73
CA ALA C 115 11.13 9.90 -3.22
C ALA C 115 10.20 10.19 -2.05
N ALA C 116 9.11 10.90 -2.33
CA ALA C 116 8.09 11.16 -1.32
C ALA C 116 7.30 9.87 -1.09
N ALA C 117 6.48 9.86 -0.05
CA ALA C 117 5.68 8.68 0.27
C ALA C 117 4.69 8.37 -0.85
N GLN C 118 4.19 7.14 -0.88
CA GLN C 118 3.27 6.71 -1.92
C GLN C 118 1.95 7.47 -1.87
N ARG C 119 1.67 8.10 -0.73
CA ARG C 119 0.43 8.82 -0.53
C ARG C 119 0.53 10.27 -1.01
N TYR C 120 1.61 10.59 -1.70
CA TYR C 120 1.83 11.94 -2.18
C TYR C 120 2.19 11.98 -3.66
N THR C 121 2.60 10.83 -4.19
CA THR C 121 3.04 10.76 -5.58
C THR C 121 2.13 9.90 -6.42
N GLU C 122 1.78 10.39 -7.61
CA GLU C 122 1.01 9.61 -8.56
C GLU C 122 1.87 9.32 -9.79
N ALA C 123 1.48 8.33 -10.57
CA ALA C 123 2.29 7.93 -11.71
C ALA C 123 1.51 7.19 -12.79
N ARG C 124 2.02 7.26 -14.01
CA ARG C 124 1.48 6.49 -15.13
C ARG C 124 2.64 6.03 -15.99
N MET C 125 2.34 5.26 -17.03
CA MET C 125 3.36 4.78 -17.95
C MET C 125 3.92 5.95 -18.76
N SER C 126 5.18 5.82 -19.18
CA SER C 126 5.76 6.78 -20.10
C SER C 126 5.23 6.45 -21.49
N LYS C 127 5.45 7.37 -22.43
CA LYS C 127 5.01 7.14 -23.81
C LYS C 127 5.77 5.98 -24.43
N ILE C 128 7.05 5.86 -24.07
CA ILE C 128 7.91 4.84 -24.66
C ILE C 128 7.67 3.45 -24.08
N ALA C 129 7.13 3.38 -22.85
CA ALA C 129 6.82 2.10 -22.22
C ALA C 129 5.68 1.39 -22.96
N LEU C 130 4.86 2.19 -23.65
CA LEU C 130 3.78 1.66 -24.46
C LEU C 130 4.36 0.75 -25.54
N GLU C 131 5.58 1.05 -25.97
CA GLU C 131 6.29 0.21 -26.93
C GLU C 131 6.66 -1.12 -26.28
N MET C 132 6.98 -1.09 -24.99
CA MET C 132 7.23 -2.31 -24.25
C MET C 132 5.93 -3.13 -24.18
N LEU C 133 4.79 -2.43 -24.23
CA LEU C 133 3.51 -3.12 -24.10
C LEU C 133 2.69 -3.22 -25.40
N ARG C 134 3.30 -2.87 -26.52
CA ARG C 134 2.62 -2.90 -27.81
C ARG C 134 2.04 -4.27 -28.16
N ASP C 135 0.73 -4.30 -28.42
CA ASP C 135 0.03 -5.50 -28.86
C ASP C 135 0.20 -6.69 -27.92
N ILE C 136 0.27 -6.41 -26.62
CA ILE C 136 0.32 -7.45 -25.60
C ILE C 136 -1.02 -8.20 -25.59
N ASN C 137 -2.06 -7.51 -26.06
CA ASN C 137 -3.40 -8.08 -26.10
C ASN C 137 -3.71 -8.79 -27.41
N LYS C 138 -2.66 -9.15 -28.15
CA LYS C 138 -2.84 -9.85 -29.42
C LYS C 138 -2.09 -11.18 -29.45
N ASN C 139 -2.04 -11.85 -28.31
CA ASN C 139 -1.33 -13.12 -28.17
C ASN C 139 0.10 -13.07 -28.71
N THR C 140 0.82 -12.02 -28.35
CA THR C 140 2.21 -11.86 -28.75
C THR C 140 3.14 -12.41 -27.67
N VAL C 141 2.56 -12.73 -26.52
CA VAL C 141 3.33 -13.10 -25.35
C VAL C 141 2.65 -14.20 -24.53
N ASP C 142 3.45 -15.16 -24.05
CA ASP C 142 2.93 -16.23 -23.21
C ASP C 142 2.61 -15.76 -21.79
N PHE C 143 1.53 -16.29 -21.24
CA PHE C 143 1.09 -15.92 -19.90
C PHE C 143 1.21 -17.09 -18.93
N VAL C 144 1.20 -16.78 -17.64
CA VAL C 144 1.28 -17.78 -16.58
C VAL C 144 0.42 -17.35 -15.39
N ASP C 145 -0.05 -18.33 -14.61
CA ASP C 145 -0.77 -18.04 -13.39
C ASP C 145 0.14 -17.31 -12.40
N ASN C 146 -0.43 -16.34 -11.68
CA ASN C 146 0.32 -15.63 -10.65
C ASN C 146 0.62 -16.51 -9.45
N TYR C 147 1.25 -15.93 -8.42
CA TYR C 147 1.64 -16.70 -7.24
C TYR C 147 0.42 -17.31 -6.52
N ASP C 148 -0.67 -16.54 -6.47
CA ASP C 148 -1.90 -17.02 -5.85
C ASP C 148 -2.67 -17.95 -6.77
N ALA C 149 -2.24 -18.00 -8.03
CA ALA C 149 -2.90 -18.80 -9.06
C ALA C 149 -4.35 -18.40 -9.27
N ASN C 150 -4.62 -17.10 -9.19
CA ASN C 150 -5.95 -16.57 -9.46
C ASN C 150 -5.91 -15.32 -10.35
N GLU C 151 -4.73 -15.07 -10.92
CA GLU C 151 -4.56 -14.03 -11.93
C GLU C 151 -3.60 -14.58 -12.97
N ARG C 152 -3.38 -13.85 -14.05
CA ARG C 152 -2.38 -14.24 -15.04
C ARG C 152 -1.48 -13.07 -15.48
N GLU C 153 -0.23 -13.37 -15.77
CA GLU C 153 0.77 -12.35 -16.07
C GLU C 153 1.68 -12.80 -17.21
N PRO C 154 2.20 -11.83 -17.99
CA PRO C 154 3.10 -12.13 -19.11
C PRO C 154 4.44 -12.66 -18.65
N LEU C 155 4.95 -13.70 -19.31
CA LEU C 155 6.28 -14.21 -19.01
C LEU C 155 7.33 -13.21 -19.47
N VAL C 156 7.05 -12.56 -20.59
CA VAL C 156 7.93 -11.56 -21.16
C VAL C 156 7.05 -10.46 -21.76
N LEU C 157 7.66 -9.38 -22.24
CA LEU C 157 6.89 -8.34 -22.91
C LEU C 157 7.34 -8.25 -24.36
N PRO C 158 6.45 -7.78 -25.25
CA PRO C 158 6.80 -7.61 -26.67
C PRO C 158 8.06 -6.77 -26.83
N ALA C 159 8.17 -5.71 -26.03
CA ALA C 159 9.35 -4.84 -26.01
C ALA C 159 9.77 -4.39 -27.40
N ARG C 160 9.00 -3.45 -27.97
CA ARG C 160 9.25 -3.03 -29.35
C ARG C 160 10.47 -2.12 -29.50
N PHE C 161 11.18 -1.88 -28.40
CA PHE C 161 12.49 -1.26 -28.46
C PHE C 161 13.44 -2.04 -27.55
N PRO C 162 14.70 -2.24 -28.01
CA PRO C 162 15.67 -3.07 -27.30
C PRO C 162 16.01 -2.55 -25.90
N ASN C 163 15.11 -2.78 -24.95
CA ASN C 163 15.22 -2.21 -23.61
C ASN C 163 16.49 -2.62 -22.85
N LEU C 164 17.00 -3.82 -23.13
CA LEU C 164 18.15 -4.35 -22.42
C LEU C 164 19.39 -3.48 -22.62
N LEU C 165 19.79 -3.31 -23.89
CA LEU C 165 20.97 -2.51 -24.22
C LEU C 165 20.71 -1.01 -24.01
N VAL C 166 19.49 -0.59 -24.36
CA VAL C 166 19.10 0.81 -24.28
C VAL C 166 19.10 1.35 -22.86
N ASN C 167 18.50 0.61 -21.93
CA ASN C 167 18.42 1.06 -20.54
C ASN C 167 19.44 0.41 -19.61
N GLY C 168 20.18 -0.56 -20.12
CA GLY C 168 21.18 -1.25 -19.32
C GLY C 168 20.58 -2.17 -18.28
N ALA C 169 21.43 -2.73 -17.43
CA ALA C 169 20.97 -3.67 -16.40
C ALA C 169 21.90 -3.74 -15.18
N THR C 170 21.34 -4.18 -14.05
CA THR C 170 22.07 -4.30 -12.80
C THR C 170 21.16 -4.98 -11.76
N GLY C 171 21.72 -5.83 -10.90
CA GLY C 171 23.13 -6.17 -10.92
C GLY C 171 23.47 -7.43 -10.14
N ILE C 172 23.46 -7.34 -8.82
CA ILE C 172 23.95 -8.40 -7.94
C ILE C 172 22.98 -9.56 -7.76
N ALA C 173 23.50 -10.78 -7.91
CA ALA C 173 22.72 -11.99 -7.68
C ALA C 173 23.48 -12.93 -6.73
N VAL C 174 23.33 -14.23 -6.95
CA VAL C 174 24.06 -15.22 -6.16
C VAL C 174 25.04 -15.97 -7.05
N GLY C 175 26.33 -15.87 -6.73
CA GLY C 175 27.37 -16.51 -7.49
C GLY C 175 27.71 -15.78 -8.77
N MET C 176 26.97 -14.72 -9.05
CA MET C 176 27.14 -13.95 -10.28
C MET C 176 26.50 -12.57 -10.17
N ALA C 177 26.87 -11.68 -11.08
CA ALA C 177 26.29 -10.35 -11.14
C ALA C 177 26.35 -9.82 -12.56
N THR C 178 25.55 -8.79 -12.85
CA THR C 178 25.52 -8.23 -14.19
C THR C 178 25.74 -6.71 -14.18
N ASN C 179 26.30 -6.20 -15.27
CA ASN C 179 26.43 -4.76 -15.46
C ASN C 179 26.46 -4.39 -16.94
N ILE C 180 25.39 -3.75 -17.39
CA ILE C 180 25.26 -3.32 -18.78
C ILE C 180 24.92 -1.84 -18.79
N PRO C 181 25.64 -1.04 -19.59
CA PRO C 181 25.39 0.40 -19.62
C PRO C 181 24.20 0.73 -20.51
N PRO C 182 23.64 1.94 -20.36
CA PRO C 182 22.57 2.42 -21.24
C PRO C 182 23.11 2.83 -22.60
N HIS C 183 22.25 2.82 -23.61
CA HIS C 183 22.66 3.21 -24.96
C HIS C 183 21.65 4.16 -25.59
N ASN C 184 22.11 4.92 -26.57
CA ASN C 184 21.23 5.78 -27.35
C ASN C 184 20.26 4.93 -28.17
N LEU C 185 18.99 5.29 -28.13
CA LEU C 185 17.92 4.53 -28.80
C LEU C 185 18.21 4.33 -30.28
N GLY C 186 18.43 5.44 -30.98
CA GLY C 186 18.68 5.43 -32.41
C GLY C 186 19.81 4.53 -32.82
N GLU C 187 20.90 4.55 -32.06
CA GLU C 187 22.09 3.76 -32.38
C GLU C 187 21.85 2.26 -32.18
N THR C 188 21.15 1.92 -31.11
CA THR C 188 20.81 0.52 -30.84
C THR C 188 19.91 -0.01 -31.95
N ILE C 189 18.95 0.82 -32.36
CA ILE C 189 18.07 0.46 -33.47
C ILE C 189 18.85 0.28 -34.77
N ASP C 190 19.79 1.17 -35.02
CA ASP C 190 20.68 1.06 -36.18
C ASP C 190 21.45 -0.25 -36.14
N ALA C 191 21.86 -0.65 -34.95
CA ALA C 191 22.61 -1.90 -34.78
C ALA C 191 21.73 -3.12 -35.06
N VAL C 192 20.49 -3.07 -34.58
CA VAL C 192 19.54 -4.16 -34.83
C VAL C 192 19.29 -4.30 -36.33
N LYS C 193 18.98 -3.18 -36.97
CA LYS C 193 18.75 -3.16 -38.42
C LYS C 193 19.97 -3.63 -39.21
N LEU C 194 21.16 -3.28 -38.70
CA LEU C 194 22.40 -3.66 -39.36
C LEU C 194 22.62 -5.17 -39.25
N VAL C 195 22.31 -5.73 -38.09
CA VAL C 195 22.41 -7.17 -37.88
C VAL C 195 21.40 -7.92 -38.74
N MET C 196 20.23 -7.31 -38.92
CA MET C 196 19.19 -7.91 -39.74
C MET C 196 19.55 -7.90 -41.23
N ASP C 197 20.16 -6.80 -41.67
CA ASP C 197 20.54 -6.65 -43.07
C ASP C 197 21.70 -7.58 -43.45
N ASN C 198 22.84 -7.39 -42.81
CA ASN C 198 24.02 -8.22 -43.08
C ASN C 198 24.43 -9.07 -41.89
N PRO C 199 24.06 -10.36 -41.92
CA PRO C 199 24.36 -11.31 -40.85
C PRO C 199 25.85 -11.61 -40.73
N GLU C 200 26.62 -11.29 -41.77
CA GLU C 200 28.05 -11.54 -41.77
C GLU C 200 28.84 -10.37 -41.19
N VAL C 201 28.15 -9.53 -40.41
CA VAL C 201 28.78 -8.34 -39.83
C VAL C 201 29.70 -8.70 -38.68
N THR C 202 30.65 -7.80 -38.38
CA THR C 202 31.59 -8.00 -37.29
C THR C 202 31.36 -7.00 -36.18
N THR C 203 32.23 -7.01 -35.17
CA THR C 203 32.09 -6.14 -34.01
C THR C 203 32.40 -4.68 -34.37
N LYS C 204 33.46 -4.47 -35.13
CA LYS C 204 33.88 -3.13 -35.54
C LYS C 204 32.78 -2.43 -36.35
N ASP C 205 32.24 -3.15 -37.33
CA ASP C 205 31.15 -2.64 -38.15
C ASP C 205 29.97 -2.21 -37.29
N LEU C 206 29.66 -3.02 -36.28
CA LEU C 206 28.60 -2.68 -35.34
C LEU C 206 28.95 -1.40 -34.57
N MET C 207 30.23 -1.28 -34.20
CA MET C 207 30.68 -0.13 -33.43
C MET C 207 30.69 1.15 -34.26
N GLU C 208 30.64 0.99 -35.57
CA GLU C 208 30.55 2.15 -36.47
C GLU C 208 29.28 2.96 -36.22
N VAL C 209 28.16 2.26 -36.02
CA VAL C 209 26.89 2.93 -35.75
C VAL C 209 26.52 2.91 -34.27
N LEU C 210 27.23 2.09 -33.50
CA LEU C 210 27.08 2.07 -32.05
C LEU C 210 28.43 2.27 -31.41
N PRO C 211 28.88 3.54 -31.31
CA PRO C 211 30.19 3.92 -30.78
C PRO C 211 30.44 3.37 -29.38
N GLY C 212 29.43 3.47 -28.53
CA GLY C 212 29.54 2.99 -27.16
C GLY C 212 28.35 3.37 -26.31
N PRO C 213 28.52 3.36 -24.98
CA PRO C 213 27.44 3.68 -24.04
C PRO C 213 27.02 5.14 -24.13
N ASP C 214 25.76 5.40 -23.84
CA ASP C 214 25.24 6.77 -23.80
C ASP C 214 24.55 6.99 -22.46
N PHE C 215 25.29 7.53 -21.50
CA PHE C 215 24.80 7.67 -20.14
C PHE C 215 23.85 8.85 -19.97
N PRO C 216 22.78 8.64 -19.20
CA PRO C 216 21.75 9.66 -18.91
C PRO C 216 22.33 10.93 -18.29
N THR C 217 23.45 10.80 -17.59
CA THR C 217 24.10 11.96 -17.00
C THR C 217 24.98 12.66 -18.02
N GLY C 218 25.40 11.92 -19.04
CA GLY C 218 26.26 12.45 -20.08
C GLY C 218 27.72 12.14 -19.84
N ALA C 219 28.50 13.19 -19.56
CA ALA C 219 29.92 13.06 -19.23
C ALA C 219 30.74 12.40 -20.33
N LEU C 220 31.97 12.00 -20.00
CA LEU C 220 32.90 11.49 -21.00
C LEU C 220 33.38 10.08 -20.69
N VAL C 221 33.75 9.36 -21.75
CA VAL C 221 34.33 8.03 -21.63
C VAL C 221 35.71 8.03 -22.28
N MET C 222 36.71 7.57 -21.53
CA MET C 222 38.09 7.58 -22.02
C MET C 222 38.53 6.21 -22.53
N GLY C 223 38.87 6.15 -23.81
CA GLY C 223 39.31 4.90 -24.42
C GLY C 223 38.20 4.21 -25.18
N LYS C 224 38.58 3.27 -26.04
CA LYS C 224 37.61 2.53 -26.86
C LYS C 224 37.92 1.03 -26.87
N SER C 225 39.18 0.70 -26.58
CA SER C 225 39.64 -0.68 -26.57
C SER C 225 38.81 -1.53 -25.62
N GLY C 226 38.56 -0.98 -24.43
CA GLY C 226 37.74 -1.65 -23.43
C GLY C 226 36.32 -1.85 -23.93
N ILE C 227 35.82 -0.89 -24.69
CA ILE C 227 34.48 -0.98 -25.25
C ILE C 227 34.40 -2.13 -26.26
N HIS C 228 35.43 -2.22 -27.11
CA HIS C 228 35.48 -3.29 -28.11
C HIS C 228 35.57 -4.65 -27.44
N LYS C 229 36.46 -4.77 -26.46
CA LYS C 229 36.61 -6.00 -25.70
C LYS C 229 35.28 -6.38 -25.04
N ALA C 230 34.57 -5.37 -24.58
CA ALA C 230 33.27 -5.56 -23.94
C ALA C 230 32.24 -6.13 -24.92
N TYR C 231 31.98 -5.39 -25.99
CA TYR C 231 30.99 -5.80 -26.98
C TYR C 231 31.32 -7.13 -27.63
N GLU C 232 32.61 -7.47 -27.67
CA GLU C 232 33.05 -8.71 -28.29
C GLU C 232 32.94 -9.91 -27.34
N THR C 233 33.32 -9.72 -26.09
CA THR C 233 33.41 -10.84 -25.14
C THR C 233 32.30 -10.86 -24.10
N GLY C 234 31.64 -9.73 -23.90
CA GLY C 234 30.60 -9.62 -22.89
C GLY C 234 31.12 -9.04 -21.59
N LYS C 235 32.44 -9.05 -21.44
CA LYS C 235 33.08 -8.53 -20.25
C LYS C 235 34.23 -7.59 -20.61
N GLY C 236 34.29 -6.44 -19.96
CA GLY C 236 35.32 -5.47 -20.24
C GLY C 236 35.44 -4.36 -19.21
N SER C 237 36.24 -3.35 -19.51
CA SER C 237 36.46 -2.25 -18.59
C SER C 237 36.66 -0.93 -19.34
N ILE C 238 35.93 0.11 -18.90
CA ILE C 238 36.05 1.43 -19.50
C ILE C 238 36.12 2.50 -18.42
N VAL C 239 36.86 3.57 -18.69
CA VAL C 239 37.03 4.66 -17.74
C VAL C 239 36.06 5.80 -18.04
N LEU C 240 35.51 6.39 -16.98
CA LEU C 240 34.55 7.49 -17.12
C LEU C 240 35.04 8.74 -16.39
N ARG C 241 34.88 9.89 -17.04
CA ARG C 241 35.31 11.16 -16.47
C ARG C 241 34.23 12.24 -16.60
N SER C 242 34.35 13.28 -15.77
CA SER C 242 33.36 14.34 -15.70
C SER C 242 33.55 15.37 -16.81
N ARG C 243 32.45 16.03 -17.21
CA ARG C 243 32.51 17.12 -18.17
C ARG C 243 32.61 18.46 -17.44
N THR C 244 33.74 19.14 -17.66
CA THR C 244 34.09 20.34 -16.90
C THR C 244 34.47 21.52 -17.80
N GLU C 245 34.83 22.64 -17.16
CA GLU C 245 35.28 23.84 -17.86
C GLU C 245 35.83 24.87 -16.86
N ILE C 246 37.01 25.41 -17.15
CA ILE C 246 37.65 26.39 -16.27
C ILE C 246 37.40 27.82 -16.74
N GLU C 247 36.46 28.49 -16.09
CA GLU C 247 36.05 29.83 -16.50
C GLU C 247 36.97 30.92 -15.96
N THR C 248 36.52 32.16 -16.07
CA THR C 248 37.27 33.31 -15.60
C THR C 248 36.37 34.26 -14.80
N THR C 249 36.82 34.65 -13.61
CA THR C 249 36.03 35.47 -12.72
C THR C 249 36.11 36.96 -13.05
N LYS C 250 35.22 37.74 -12.45
CA LYS C 250 35.21 39.19 -12.64
C LYS C 250 36.38 39.84 -11.91
N THR C 251 36.96 39.11 -10.97
CA THR C 251 38.14 39.56 -10.26
C THR C 251 39.39 39.31 -11.09
N GLY C 252 39.25 38.45 -12.10
CA GLY C 252 40.34 38.14 -13.00
C GLY C 252 41.13 36.91 -12.57
N ARG C 253 40.43 35.89 -12.09
CA ARG C 253 41.08 34.67 -11.62
C ARG C 253 40.61 33.44 -12.39
N GLU C 254 40.78 32.27 -11.79
CA GLU C 254 40.33 31.02 -12.40
C GLU C 254 39.16 30.45 -11.63
N ARG C 255 38.41 29.54 -12.26
CA ARG C 255 37.21 28.99 -11.65
C ARG C 255 36.83 27.66 -12.31
N ILE C 256 37.27 26.56 -11.70
CA ILE C 256 37.02 25.22 -12.26
C ILE C 256 35.60 24.75 -11.98
N VAL C 257 34.76 24.76 -13.02
CA VAL C 257 33.35 24.39 -12.86
C VAL C 257 33.02 23.08 -13.56
N VAL C 258 32.46 22.14 -12.81
CA VAL C 258 32.05 20.85 -13.35
C VAL C 258 30.57 20.88 -13.72
N THR C 259 30.23 20.43 -14.93
CA THR C 259 28.86 20.49 -15.40
C THR C 259 28.21 19.11 -15.51
N GLU C 260 29.01 18.07 -15.74
CA GLU C 260 28.44 16.72 -15.85
C GLU C 260 29.19 15.67 -15.03
N PHE C 261 28.51 15.08 -14.06
CA PHE C 261 29.08 13.99 -13.25
C PHE C 261 28.81 12.64 -13.88
N PRO C 262 29.73 11.67 -13.67
CA PRO C 262 29.61 10.32 -14.24
C PRO C 262 28.36 9.56 -13.81
N TYR C 263 28.16 8.39 -14.39
CA TYR C 263 26.99 7.56 -14.12
C TYR C 263 26.96 7.06 -12.68
N MET C 264 25.79 7.10 -12.06
CA MET C 264 25.60 6.68 -10.67
C MET C 264 26.54 7.38 -9.69
N VAL C 265 26.78 8.67 -9.91
CA VAL C 265 27.66 9.45 -9.05
C VAL C 265 26.93 10.62 -8.40
N ASN C 266 27.05 10.73 -7.08
CA ASN C 266 26.39 11.78 -6.33
C ASN C 266 27.27 13.03 -6.21
N LYS C 267 26.75 14.16 -6.67
CA LYS C 267 27.47 15.43 -6.57
C LYS C 267 27.67 15.82 -5.12
N THR C 268 26.67 15.51 -4.29
CA THR C 268 26.74 15.81 -2.86
C THR C 268 27.81 14.98 -2.16
N LYS C 269 27.82 13.67 -2.43
CA LYS C 269 28.81 12.78 -1.85
C LYS C 269 30.23 13.16 -2.29
N VAL C 270 30.35 13.56 -3.55
CA VAL C 270 31.62 14.02 -4.09
C VAL C 270 32.05 15.31 -3.39
N HIS C 271 31.07 16.15 -3.08
CA HIS C 271 31.32 17.39 -2.35
C HIS C 271 31.88 17.07 -0.97
N GLU C 272 31.19 16.18 -0.26
CA GLU C 272 31.59 15.77 1.08
C GLU C 272 33.00 15.17 1.10
N HIS C 273 33.25 14.26 0.16
CA HIS C 273 34.54 13.59 0.09
C HIS C 273 35.65 14.57 -0.29
N ILE C 274 35.31 15.55 -1.13
CA ILE C 274 36.26 16.57 -1.56
C ILE C 274 36.64 17.49 -0.41
N VAL C 275 35.66 17.82 0.43
CA VAL C 275 35.92 18.62 1.62
C VAL C 275 36.77 17.83 2.61
N ARG C 276 36.39 16.56 2.80
CA ARG C 276 37.11 15.65 3.68
C ARG C 276 38.57 15.55 3.26
N LEU C 277 38.80 15.55 1.95
CA LEU C 277 40.16 15.50 1.41
C LEU C 277 40.82 16.88 1.44
N VAL C 278 40.00 17.92 1.57
CA VAL C 278 40.51 19.29 1.60
C VAL C 278 41.09 19.63 2.97
N GLN C 279 40.42 19.16 4.02
CA GLN C 279 40.92 19.37 5.37
C GLN C 279 41.95 18.31 5.76
N GLU C 280 42.74 17.88 4.77
CA GLU C 280 43.78 16.89 4.99
C GLU C 280 45.04 17.21 4.18
N LYS C 281 45.11 18.45 3.70
CA LYS C 281 46.28 18.97 2.98
C LYS C 281 46.63 18.19 1.71
N ARG C 282 45.65 17.51 1.12
CA ARG C 282 45.86 16.82 -0.14
C ARG C 282 45.66 17.76 -1.32
N ILE C 283 44.54 18.48 -1.30
CA ILE C 283 44.20 19.42 -2.37
C ILE C 283 44.32 20.87 -1.89
N GLU C 284 45.45 21.50 -2.21
CA GLU C 284 45.65 22.90 -1.87
C GLU C 284 45.31 23.78 -3.07
N GLY C 285 45.16 25.07 -2.82
CA GLY C 285 44.87 26.02 -3.89
C GLY C 285 43.42 26.44 -3.96
N ILE C 286 42.53 25.53 -3.58
CA ILE C 286 41.09 25.79 -3.63
C ILE C 286 40.66 26.84 -2.61
N THR C 287 39.89 27.83 -3.07
CA THR C 287 39.41 28.88 -2.21
C THR C 287 38.04 28.54 -1.63
N ALA C 288 37.15 28.05 -2.47
CA ALA C 288 35.79 27.68 -2.05
C ALA C 288 35.15 26.71 -3.04
N VAL C 289 34.41 25.73 -2.51
CA VAL C 289 33.71 24.76 -3.35
C VAL C 289 32.22 24.86 -3.12
N ARG C 290 31.54 25.65 -3.94
CA ARG C 290 30.11 25.87 -3.81
C ARG C 290 29.30 25.19 -4.92
N ASP C 291 28.38 24.33 -4.53
CA ASP C 291 27.51 23.65 -5.48
C ASP C 291 26.43 24.62 -5.95
N GLU C 292 26.50 25.03 -7.20
CA GLU C 292 25.58 26.01 -7.76
C GLU C 292 24.63 25.42 -8.79
N SER C 293 24.14 24.22 -8.52
CA SER C 293 23.23 23.55 -9.44
C SER C 293 21.79 24.04 -9.25
N ASN C 294 21.11 24.32 -10.34
CA ASN C 294 19.71 24.73 -10.29
C ASN C 294 18.81 23.62 -10.82
N ARG C 295 17.52 23.92 -10.96
CA ARG C 295 16.59 22.99 -11.57
C ARG C 295 16.67 23.07 -13.09
N GLU C 296 17.52 23.98 -13.57
CA GLU C 296 17.71 24.19 -15.00
C GLU C 296 18.98 23.51 -15.48
N GLY C 297 19.85 23.13 -14.56
CA GLY C 297 21.09 22.47 -14.91
C GLY C 297 22.08 22.36 -13.77
N VAL C 298 23.26 21.84 -14.06
CA VAL C 298 24.31 21.68 -13.07
C VAL C 298 25.43 22.70 -13.26
N PHE C 300 28.01 23.25 -10.22
CA PHE C 300 28.95 22.79 -9.20
C PHE C 300 30.30 23.48 -9.38
N VAL C 301 30.48 24.60 -8.70
CA VAL C 301 31.65 25.45 -8.89
C VAL C 301 32.75 25.19 -7.85
N ILE C 302 33.95 24.95 -8.34
CA ILE C 302 35.13 24.80 -7.48
C ILE C 302 36.17 25.85 -7.85
N GLU C 303 36.41 26.78 -6.94
CA GLU C 303 37.33 27.89 -7.22
C GLU C 303 38.73 27.61 -6.69
N VAL C 304 39.73 28.18 -7.36
CA VAL C 304 41.12 28.00 -6.97
C VAL C 304 41.84 29.34 -6.85
N LYS C 305 43.04 29.32 -6.26
CA LYS C 305 43.83 30.53 -6.09
C LYS C 305 45.13 30.47 -6.87
N ARG C 306 45.84 31.59 -6.93
CA ARG C 306 47.11 31.67 -7.63
C ARG C 306 48.14 30.73 -7.01
N ASP C 307 48.60 29.76 -7.80
CA ASP C 307 49.52 28.72 -7.34
C ASP C 307 48.95 27.93 -6.17
N SER C 309 47.70 27.21 -11.69
CA SER C 309 47.82 25.88 -11.11
C SER C 309 46.50 25.14 -11.17
N ALA C 310 45.54 25.71 -11.90
CA ALA C 310 44.19 25.16 -11.97
C ALA C 310 44.13 23.79 -12.63
N ASN C 311 44.92 23.60 -13.70
CA ASN C 311 44.96 22.33 -14.41
C ASN C 311 45.45 21.21 -13.50
N VAL C 312 46.48 21.51 -12.71
CA VAL C 312 47.02 20.56 -11.75
C VAL C 312 45.99 20.20 -10.70
N ILE C 313 45.27 21.21 -10.22
CA ILE C 313 44.28 21.02 -9.17
C ILE C 313 43.09 20.19 -9.64
N LEU C 314 42.68 20.40 -10.89
CA LEU C 314 41.57 19.65 -11.46
C LEU C 314 42.00 18.22 -11.77
N ASN C 315 43.23 18.07 -12.25
CA ASN C 315 43.81 16.76 -12.48
C ASN C 315 43.85 15.97 -11.18
N ASN C 316 44.17 16.67 -10.08
CA ASN C 316 44.14 16.08 -8.76
C ASN C 316 42.73 15.69 -8.35
N LEU C 317 41.78 16.60 -8.58
CA LEU C 317 40.38 16.37 -8.23
C LEU C 317 39.79 15.20 -9.01
N PHE C 318 40.39 14.88 -10.15
CA PHE C 318 39.97 13.73 -10.94
C PHE C 318 40.69 12.47 -10.48
N LYS C 319 41.96 12.62 -10.08
CA LYS C 319 42.78 11.47 -9.68
C LYS C 319 42.61 11.11 -8.21
N MET C 320 41.73 11.82 -7.52
CA MET C 320 41.54 11.60 -6.08
C MET C 320 40.30 10.76 -5.76
N THR C 321 39.16 11.18 -6.29
CA THR C 321 37.90 10.50 -6.02
C THR C 321 37.88 9.08 -6.59
N MET C 323 34.21 11.76 -9.56
CA MET C 323 34.78 12.58 -10.63
C MET C 323 35.37 11.72 -11.73
N GLN C 324 35.83 10.52 -11.36
CA GLN C 324 36.35 9.56 -12.33
C GLN C 324 36.08 8.15 -11.85
N THR C 325 35.39 7.36 -12.67
CA THR C 325 34.97 6.03 -12.27
C THR C 325 35.37 4.94 -13.25
N ASN C 326 35.20 3.69 -12.84
CA ASN C 326 35.49 2.54 -13.67
C ASN C 326 34.25 1.70 -13.94
N PHE C 327 33.74 1.78 -15.16
CA PHE C 327 32.62 0.93 -15.56
C PHE C 327 33.14 -0.45 -15.97
N GLY C 328 32.61 -1.48 -15.33
CA GLY C 328 33.00 -2.84 -15.66
C GLY C 328 31.89 -3.60 -16.36
N PHE C 329 32.03 -3.74 -17.68
CA PHE C 329 31.11 -4.54 -18.46
C PHE C 329 31.10 -5.99 -17.98
N ASN C 330 29.93 -6.45 -17.57
CA ASN C 330 29.73 -7.86 -17.27
C ASN C 330 28.34 -8.25 -17.75
N MET C 331 28.13 -8.13 -19.06
CA MET C 331 26.82 -8.31 -19.66
C MET C 331 26.26 -9.73 -19.47
N LEU C 332 25.61 -9.94 -18.33
CA LEU C 332 25.01 -11.22 -18.00
C LEU C 332 23.49 -11.11 -18.01
N ALA C 333 22.82 -11.99 -18.73
CA ALA C 333 21.36 -11.96 -18.80
C ALA C 333 20.77 -13.36 -18.90
N ILE C 334 19.50 -13.48 -18.53
CA ILE C 334 18.79 -14.76 -18.60
C ILE C 334 18.34 -15.02 -20.03
N GLN C 335 18.68 -16.19 -20.55
CA GLN C 335 18.34 -16.57 -21.91
C GLN C 335 17.95 -18.05 -21.96
N ASN C 336 16.70 -18.31 -22.34
CA ASN C 336 16.16 -19.67 -22.37
C ASN C 336 16.20 -20.36 -21.02
N GLY C 337 15.99 -19.58 -19.96
CA GLY C 337 15.97 -20.11 -18.61
C GLY C 337 17.30 -20.01 -17.91
N ILE C 338 18.38 -20.31 -18.63
CA ILE C 338 19.72 -20.26 -18.04
C ILE C 338 20.37 -18.89 -18.23
N PRO C 339 21.16 -18.45 -17.24
CA PRO C 339 21.88 -17.18 -17.33
C PRO C 339 23.14 -17.32 -18.19
N LYS C 340 23.52 -16.25 -18.87
CA LYS C 340 24.69 -16.30 -19.74
C LYS C 340 25.38 -14.94 -19.88
N ILE C 341 26.70 -14.97 -19.99
CA ILE C 341 27.49 -13.78 -20.32
C ILE C 341 27.43 -13.59 -21.83
N LEU C 342 26.64 -12.62 -22.27
CA LEU C 342 26.37 -12.45 -23.69
C LEU C 342 27.20 -11.33 -24.32
N SER C 343 27.56 -11.52 -25.58
CA SER C 343 28.22 -10.48 -26.36
C SER C 343 27.18 -9.48 -26.84
N LEU C 344 27.58 -8.58 -27.72
CA LEU C 344 26.65 -7.63 -28.31
C LEU C 344 25.80 -8.33 -29.35
N ARG C 345 26.46 -9.14 -30.18
CA ARG C 345 25.80 -9.88 -31.25
C ARG C 345 24.74 -10.85 -30.73
N GLN C 346 25.02 -11.49 -29.60
CA GLN C 346 24.10 -12.45 -29.03
C GLN C 346 22.83 -11.78 -28.50
N ILE C 347 23.02 -10.65 -27.82
CA ILE C 347 21.89 -9.86 -27.33
C ILE C 347 21.04 -9.39 -28.50
N LEU C 348 21.70 -8.83 -29.52
CA LEU C 348 21.03 -8.34 -30.71
C LEU C 348 20.22 -9.44 -31.41
N ASP C 349 20.85 -10.59 -31.63
CA ASP C 349 20.19 -11.73 -32.26
C ASP C 349 18.98 -12.19 -31.46
N ALA C 350 19.15 -12.26 -30.14
CA ALA C 350 18.07 -12.66 -29.25
C ALA C 350 16.88 -11.72 -29.38
N TYR C 351 17.15 -10.42 -29.30
CA TYR C 351 16.09 -9.42 -29.43
C TYR C 351 15.41 -9.48 -30.78
N ILE C 352 16.20 -9.67 -31.84
CA ILE C 352 15.66 -9.78 -33.19
C ILE C 352 14.70 -10.95 -33.32
N GLU C 353 15.15 -12.13 -32.89
CA GLU C 353 14.34 -13.34 -32.93
C GLU C 353 13.05 -13.15 -32.13
N HIS C 354 13.17 -12.54 -30.95
CA HIS C 354 12.01 -12.25 -30.12
C HIS C 354 11.02 -11.36 -30.87
N GLN C 355 11.55 -10.38 -31.58
CA GLN C 355 10.72 -9.46 -32.35
C GLN C 355 10.00 -10.18 -33.49
N LYS C 356 10.70 -11.13 -34.11
CA LYS C 356 10.10 -11.93 -35.17
C LYS C 356 8.93 -12.75 -34.61
N GLU C 357 9.15 -13.38 -33.46
CA GLU C 357 8.10 -14.18 -32.83
C GLU C 357 6.90 -13.30 -32.48
N VAL C 358 7.16 -12.11 -31.94
CA VAL C 358 6.09 -11.19 -31.58
C VAL C 358 5.27 -10.76 -32.80
N VAL C 359 5.95 -10.27 -33.83
CA VAL C 359 5.28 -9.82 -35.05
C VAL C 359 4.48 -10.95 -35.71
N VAL C 360 5.08 -12.13 -35.80
CA VAL C 360 4.40 -13.29 -36.38
C VAL C 360 3.14 -13.67 -35.59
N ARG C 361 3.29 -13.81 -34.28
CA ARG C 361 2.16 -14.12 -33.40
C ARG C 361 1.03 -13.11 -33.54
N ARG C 362 1.38 -11.83 -33.54
CA ARG C 362 0.41 -10.75 -33.74
C ARG C 362 -0.33 -10.91 -35.06
N THR C 363 0.43 -11.12 -36.13
CA THR C 363 -0.14 -11.30 -37.46
C THR C 363 -1.12 -12.47 -37.49
N ARG C 364 -0.77 -13.54 -36.78
CA ARG C 364 -1.63 -14.71 -36.68
C ARG C 364 -2.94 -14.37 -35.95
N PHE C 365 -2.83 -13.65 -34.85
CA PHE C 365 -4.00 -13.21 -34.09
C PHE C 365 -4.95 -12.40 -34.97
N ASP C 366 -4.40 -11.37 -35.61
CA ASP C 366 -5.17 -10.55 -36.54
C ASP C 366 -5.84 -11.38 -37.63
N LYS C 367 -5.07 -12.33 -38.18
CA LYS C 367 -5.57 -13.25 -39.20
C LYS C 367 -6.82 -13.98 -38.72
N GLU C 368 -6.70 -14.66 -37.59
CA GLU C 368 -7.80 -15.44 -37.04
C GLU C 368 -9.04 -14.59 -36.79
N LYS C 369 -8.82 -13.42 -36.17
CA LYS C 369 -9.92 -12.51 -35.88
C LYS C 369 -10.65 -12.11 -37.16
N ALA C 370 -9.87 -11.67 -38.16
CA ALA C 370 -10.41 -11.24 -39.44
C ALA C 370 -11.23 -12.35 -40.10
N GLU C 371 -10.68 -13.56 -40.12
CA GLU C 371 -11.35 -14.69 -40.74
C GLU C 371 -12.67 -15.05 -40.06
N ALA C 372 -12.65 -15.05 -38.72
CA ALA C 372 -13.87 -15.32 -37.95
C ALA C 372 -14.95 -14.29 -38.29
N ARG C 373 -14.57 -13.02 -38.24
CA ARG C 373 -15.48 -11.93 -38.55
C ARG C 373 -16.06 -12.08 -39.96
N ALA C 374 -15.21 -12.50 -40.89
CA ALA C 374 -15.63 -12.72 -42.27
C ALA C 374 -16.67 -13.83 -42.36
N HIS C 375 -16.42 -14.93 -41.64
CA HIS C 375 -17.36 -16.05 -41.60
C HIS C 375 -18.74 -15.59 -41.12
N ILE C 376 -18.75 -14.96 -39.96
CA ILE C 376 -19.99 -14.44 -39.39
C ILE C 376 -20.69 -13.50 -40.38
N LEU C 377 -19.91 -12.66 -41.06
CA LEU C 377 -20.46 -11.72 -42.03
C LEU C 377 -21.07 -12.40 -43.25
N GLU C 378 -20.50 -13.53 -43.66
CA GLU C 378 -21.08 -14.34 -44.72
C GLU C 378 -22.46 -14.80 -44.26
N GLY C 379 -22.50 -15.35 -43.05
CA GLY C 379 -23.76 -15.76 -42.46
C GLY C 379 -24.82 -14.67 -42.48
N LEU C 380 -24.45 -13.51 -41.95
CA LEU C 380 -25.36 -12.36 -41.88
C LEU C 380 -25.84 -11.91 -43.25
N LEU C 381 -24.92 -11.89 -44.22
CA LEU C 381 -25.26 -11.51 -45.60
C LEU C 381 -26.32 -12.46 -46.17
N ILE C 382 -26.12 -13.75 -45.96
CA ILE C 382 -27.11 -14.73 -46.38
C ILE C 382 -28.46 -14.45 -45.71
N ALA C 383 -28.42 -14.18 -44.40
CA ALA C 383 -29.63 -13.88 -43.64
C ALA C 383 -30.41 -12.70 -44.22
N LEU C 384 -29.70 -11.61 -44.52
CA LEU C 384 -30.33 -10.42 -45.08
C LEU C 384 -30.81 -10.67 -46.50
N ASP C 385 -30.17 -11.61 -47.20
CA ASP C 385 -30.61 -11.98 -48.54
C ASP C 385 -31.89 -12.82 -48.48
N HIS C 386 -32.11 -13.49 -47.35
CA HIS C 386 -33.31 -14.28 -47.18
C HIS C 386 -34.01 -13.91 -45.87
N ILE C 387 -34.23 -12.61 -45.68
CA ILE C 387 -34.83 -12.09 -44.44
C ILE C 387 -36.20 -12.69 -44.13
N ASP C 388 -37.11 -12.65 -45.10
CA ASP C 388 -38.48 -13.13 -44.90
C ASP C 388 -38.53 -14.60 -44.54
N GLU C 389 -37.75 -15.41 -45.25
CA GLU C 389 -37.70 -16.85 -45.00
C GLU C 389 -37.07 -17.12 -43.64
N VAL C 390 -36.06 -16.34 -43.30
CA VAL C 390 -35.38 -16.46 -42.02
C VAL C 390 -36.33 -16.19 -40.86
N ILE C 391 -37.04 -15.07 -40.93
CA ILE C 391 -37.99 -14.69 -39.89
C ILE C 391 -39.16 -15.68 -39.85
N ARG C 392 -39.50 -16.24 -41.00
CA ARG C 392 -40.50 -17.29 -41.08
C ARG C 392 -40.06 -18.50 -40.26
N ILE C 393 -38.81 -18.92 -40.47
CA ILE C 393 -38.24 -20.03 -39.74
C ILE C 393 -38.18 -19.76 -38.23
N ILE C 394 -37.76 -18.55 -37.88
CA ILE C 394 -37.62 -18.14 -36.48
C ILE C 394 -38.97 -18.11 -35.76
N ARG C 395 -39.99 -17.61 -36.45
CA ARG C 395 -41.34 -17.53 -35.89
C ARG C 395 -41.95 -18.91 -35.75
N ALA C 396 -41.72 -19.75 -36.75
CA ALA C 396 -42.24 -21.11 -36.72
C ALA C 396 -41.63 -21.92 -35.59
N SER C 397 -40.44 -21.54 -35.15
CA SER C 397 -39.75 -22.24 -34.08
C SER C 397 -40.35 -21.90 -32.71
N GLU C 398 -40.26 -22.85 -31.78
CA GLU C 398 -40.75 -22.66 -30.43
C GLU C 398 -39.59 -22.34 -29.47
N THR C 399 -38.50 -23.08 -29.61
CA THR C 399 -37.29 -22.83 -28.83
C THR C 399 -36.13 -22.50 -29.75
N ASP C 400 -35.23 -21.64 -29.28
CA ASP C 400 -34.13 -21.14 -30.10
C ASP C 400 -33.24 -22.24 -30.69
N ALA C 401 -33.23 -23.40 -30.05
CA ALA C 401 -32.43 -24.53 -30.50
C ALA C 401 -32.87 -25.03 -31.87
N GLU C 402 -34.16 -25.34 -31.99
CA GLU C 402 -34.73 -25.84 -33.24
C GLU C 402 -34.69 -24.76 -34.31
N ALA C 403 -34.72 -23.50 -33.89
CA ALA C 403 -34.58 -22.37 -34.80
C ALA C 403 -33.19 -22.40 -35.43
N GLN C 404 -32.18 -22.52 -34.57
CA GLN C 404 -30.79 -22.58 -35.00
C GLN C 404 -30.57 -23.77 -35.93
N ALA C 405 -31.08 -24.93 -35.54
CA ALA C 405 -30.93 -26.14 -36.35
C ALA C 405 -31.60 -25.99 -37.71
N GLU C 406 -32.78 -25.36 -37.72
CA GLU C 406 -33.53 -25.16 -38.95
C GLU C 406 -32.82 -24.19 -39.89
N LEU C 407 -32.25 -23.12 -39.33
CA LEU C 407 -31.46 -22.18 -40.11
C LEU C 407 -30.22 -22.84 -40.69
N MET C 408 -29.56 -23.64 -39.86
CA MET C 408 -28.36 -24.35 -40.26
C MET C 408 -28.63 -25.39 -41.35
N SER C 409 -29.83 -25.96 -41.33
CA SER C 409 -30.22 -26.95 -42.34
C SER C 409 -30.63 -26.29 -43.64
N LYS C 410 -31.40 -25.20 -43.54
CA LYS C 410 -31.95 -24.52 -44.70
C LYS C 410 -30.90 -23.71 -45.47
N PHE C 411 -30.13 -22.90 -44.75
CA PHE C 411 -29.19 -21.98 -45.40
C PHE C 411 -27.75 -22.46 -45.37
N LYS C 412 -27.56 -23.71 -44.93
CA LYS C 412 -26.23 -24.32 -44.85
C LYS C 412 -25.27 -23.45 -44.03
N LEU C 413 -25.58 -23.27 -42.75
CA LEU C 413 -24.77 -22.42 -41.89
C LEU C 413 -24.11 -23.20 -40.77
N SER C 414 -23.11 -22.59 -40.16
CA SER C 414 -22.47 -23.16 -38.98
C SER C 414 -23.23 -22.74 -37.73
N GLU C 415 -22.83 -23.27 -36.58
CA GLU C 415 -23.46 -22.91 -35.32
C GLU C 415 -23.23 -21.44 -35.00
N ARG C 416 -22.02 -20.96 -35.30
CA ARG C 416 -21.64 -19.59 -35.03
C ARG C 416 -22.46 -18.62 -35.88
N GLN C 417 -22.59 -18.94 -37.17
CA GLN C 417 -23.34 -18.10 -38.10
C GLN C 417 -24.82 -18.00 -37.73
N SER C 418 -25.42 -19.16 -37.42
CA SER C 418 -26.83 -19.20 -37.03
C SER C 418 -27.03 -18.46 -35.71
N GLN C 419 -26.08 -18.60 -34.80
CA GLN C 419 -26.12 -17.91 -33.53
C GLN C 419 -26.09 -16.39 -33.75
N ALA C 420 -25.22 -15.96 -34.66
CA ALA C 420 -25.08 -14.55 -34.97
C ALA C 420 -26.34 -14.00 -35.63
N ILE C 421 -26.97 -14.82 -36.48
CA ILE C 421 -28.20 -14.45 -37.15
C ILE C 421 -29.34 -14.32 -36.15
N LEU C 422 -29.35 -15.21 -35.16
CA LEU C 422 -30.38 -15.17 -34.12
C LEU C 422 -30.16 -13.97 -33.19
N ASP C 423 -28.90 -13.59 -33.01
CA ASP C 423 -28.56 -12.46 -32.15
C ASP C 423 -28.51 -11.15 -32.91
N MET C 424 -29.31 -11.05 -33.98
CA MET C 424 -29.35 -9.84 -34.79
C MET C 424 -30.40 -8.86 -34.29
N ARG C 425 -29.97 -7.63 -34.06
CA ARG C 425 -30.90 -6.55 -33.72
C ARG C 425 -31.81 -6.30 -34.91
N LEU C 426 -33.05 -5.88 -34.63
CA LEU C 426 -34.00 -5.59 -35.69
C LEU C 426 -33.57 -4.40 -36.53
N ARG C 427 -32.86 -3.46 -35.92
CA ARG C 427 -32.47 -2.23 -36.60
C ARG C 427 -31.44 -2.44 -37.71
N ARG C 428 -30.88 -3.64 -37.80
CA ARG C 428 -29.91 -3.95 -38.84
C ARG C 428 -30.57 -4.66 -40.02
N LEU C 429 -31.90 -4.67 -40.03
CA LEU C 429 -32.66 -5.27 -41.13
C LEU C 429 -33.08 -4.20 -42.13
N THR C 430 -32.45 -3.04 -42.03
CA THR C 430 -32.76 -1.93 -42.93
C THR C 430 -32.14 -2.13 -44.30
N GLY C 431 -32.26 -1.13 -45.16
CA GLY C 431 -31.76 -1.23 -46.53
C GLY C 431 -30.26 -1.04 -46.64
N LEU C 432 -29.77 0.09 -46.12
CA LEU C 432 -28.37 0.46 -46.27
C LEU C 432 -27.41 -0.40 -45.44
N GLU C 433 -27.97 -1.24 -44.57
CA GLU C 433 -27.15 -2.04 -43.66
C GLU C 433 -26.42 -3.18 -44.38
N ARG C 434 -27.10 -3.82 -45.33
CA ARG C 434 -26.52 -4.92 -46.10
C ARG C 434 -25.24 -4.51 -46.83
N ASP C 435 -25.28 -3.32 -47.44
CA ASP C 435 -24.15 -2.82 -48.22
C ASP C 435 -22.94 -2.56 -47.34
N LYS C 436 -23.17 -1.99 -46.16
CA LYS C 436 -22.11 -1.73 -45.21
C LYS C 436 -21.41 -3.03 -44.82
N ILE C 437 -22.20 -4.06 -44.57
CA ILE C 437 -21.68 -5.38 -44.26
C ILE C 437 -20.85 -5.91 -45.42
N GLN C 438 -21.33 -5.70 -46.64
CA GLN C 438 -20.58 -6.09 -47.84
C GLN C 438 -19.22 -5.42 -47.90
N SER C 439 -19.18 -4.12 -47.65
CA SER C 439 -17.95 -3.35 -47.68
C SER C 439 -16.96 -3.85 -46.63
N GLU C 440 -17.45 -4.01 -45.40
CA GLU C 440 -16.62 -4.53 -44.31
C GLU C 440 -16.06 -5.91 -44.69
N TYR C 441 -16.89 -6.70 -45.36
CA TYR C 441 -16.51 -8.05 -45.78
C TYR C 441 -15.38 -8.02 -46.81
N ASP C 442 -15.52 -7.15 -47.82
CA ASP C 442 -14.50 -7.02 -48.85
C ASP C 442 -13.16 -6.55 -48.27
N ASP C 443 -13.22 -5.49 -47.47
CA ASP C 443 -12.04 -4.99 -46.77
C ASP C 443 -11.37 -6.11 -45.98
N LEU C 444 -12.20 -6.91 -45.32
CA LEU C 444 -11.72 -8.07 -44.58
C LEU C 444 -11.00 -9.05 -45.48
N LEU C 445 -11.54 -9.30 -46.67
CA LEU C 445 -10.91 -10.20 -47.63
C LEU C 445 -9.50 -9.72 -47.98
N ALA C 446 -9.41 -8.45 -48.37
CA ALA C 446 -8.11 -7.86 -48.69
C ALA C 446 -7.13 -8.02 -47.51
N LEU C 447 -7.60 -7.68 -46.32
CA LEU C 447 -6.82 -7.80 -45.10
C LEU C 447 -6.27 -9.21 -44.90
N ILE C 448 -7.15 -10.20 -44.95
CA ILE C 448 -6.78 -11.59 -44.78
C ILE C 448 -5.73 -12.02 -45.81
N ALA C 449 -5.93 -11.59 -47.06
CA ALA C 449 -4.96 -11.87 -48.11
C ALA C 449 -3.58 -11.34 -47.72
N ASP C 450 -3.55 -10.08 -47.28
CA ASP C 450 -2.30 -9.43 -46.88
C ASP C 450 -1.60 -10.16 -45.72
N LEU C 451 -2.38 -10.54 -44.71
CA LEU C 451 -1.84 -11.22 -43.54
C LEU C 451 -1.30 -12.61 -43.87
N ALA C 452 -2.03 -13.33 -44.71
CA ALA C 452 -1.60 -14.65 -45.17
C ALA C 452 -0.29 -14.51 -45.94
N ASP C 453 -0.21 -13.47 -46.75
CA ASP C 453 1.02 -13.19 -47.50
C ASP C 453 2.18 -12.92 -46.56
N ILE C 454 1.91 -12.15 -45.50
CA ILE C 454 2.92 -11.87 -44.48
C ILE C 454 3.41 -13.16 -43.81
N LEU C 455 2.48 -14.04 -43.49
CA LEU C 455 2.82 -15.31 -42.83
C LEU C 455 3.54 -16.26 -43.78
N ALA C 456 3.36 -16.07 -45.09
CA ALA C 456 4.02 -16.92 -46.07
C ALA C 456 5.41 -16.42 -46.45
N LYS C 457 5.74 -15.21 -46.00
CA LYS C 457 7.01 -14.58 -46.36
C LYS C 457 7.72 -13.93 -45.17
N PRO C 458 8.84 -14.53 -44.75
CA PRO C 458 9.66 -14.03 -43.64
C PRO C 458 10.22 -12.63 -43.91
N GLU C 459 10.59 -12.38 -45.16
CA GLU C 459 11.16 -11.10 -45.57
C GLU C 459 10.23 -9.93 -45.22
N ARG C 460 8.93 -10.12 -45.43
CA ARG C 460 7.95 -9.10 -45.10
C ARG C 460 7.91 -8.84 -43.59
N VAL C 461 7.97 -9.90 -42.79
CA VAL C 461 8.01 -9.77 -41.34
C VAL C 461 9.22 -8.96 -40.90
N SER C 462 10.38 -9.31 -41.46
CA SER C 462 11.61 -8.59 -41.17
C SER C 462 11.47 -7.11 -41.51
N GLN C 463 10.87 -6.84 -42.67
CA GLN C 463 10.65 -5.46 -43.11
C GLN C 463 9.71 -4.72 -42.16
N ILE C 464 8.69 -5.39 -41.66
CA ILE C 464 7.76 -4.81 -40.71
C ILE C 464 8.51 -4.40 -39.45
N ILE C 465 9.34 -5.32 -38.96
CA ILE C 465 10.18 -5.04 -37.80
C ILE C 465 11.04 -3.80 -38.02
N LYS C 466 11.73 -3.76 -39.16
CA LYS C 466 12.58 -2.62 -39.47
C LYS C 466 11.82 -1.30 -39.54
N ASP C 467 10.66 -1.32 -40.19
CA ASP C 467 9.81 -0.14 -40.30
C ASP C 467 9.37 0.39 -38.94
N GLU C 468 8.79 -0.50 -38.13
CA GLU C 468 8.29 -0.11 -36.82
C GLU C 468 9.41 0.37 -35.90
N LEU C 469 10.55 -0.31 -35.97
CA LEU C 469 11.75 0.12 -35.24
C LEU C 469 12.15 1.53 -35.65
N ASP C 470 12.15 1.78 -36.96
CA ASP C 470 12.46 3.11 -37.48
C ASP C 470 11.48 4.15 -36.96
N GLU C 471 10.22 3.77 -36.82
CA GLU C 471 9.21 4.69 -36.30
C GLU C 471 9.43 5.00 -34.83
N VAL C 472 9.85 4.00 -34.05
CA VAL C 472 10.24 4.23 -32.67
C VAL C 472 11.42 5.20 -32.59
N LYS C 473 12.43 4.93 -33.43
CA LYS C 473 13.61 5.78 -33.51
C LYS C 473 13.25 7.23 -33.83
N ARG C 474 12.30 7.41 -34.73
CA ARG C 474 11.85 8.74 -35.11
C ARG C 474 11.10 9.42 -33.97
N LYS C 475 10.24 8.66 -33.29
CA LYS C 475 9.38 9.22 -32.27
C LYS C 475 10.06 9.55 -30.94
N PHE C 476 11.09 8.79 -30.58
CA PHE C 476 11.58 8.86 -29.20
C PHE C 476 13.07 9.19 -28.99
N SER C 477 13.92 8.82 -29.94
CA SER C 477 15.37 8.91 -29.74
C SER C 477 15.88 10.31 -29.39
N ASP C 478 16.88 10.35 -28.51
CA ASP C 478 17.53 11.60 -28.14
C ASP C 478 18.86 11.74 -28.85
N LYS C 479 19.41 12.95 -28.83
CA LYS C 479 20.77 13.19 -29.30
C LYS C 479 21.73 12.55 -28.29
N ARG C 480 22.95 12.26 -28.73
CA ARG C 480 23.92 11.62 -27.84
C ARG C 480 24.31 12.54 -26.68
N ARG C 481 24.31 11.97 -25.48
CA ARG C 481 24.64 12.73 -24.28
C ARG C 481 26.11 12.58 -23.91
N THR C 482 26.65 11.38 -24.13
CA THR C 482 28.02 11.08 -23.75
C THR C 482 28.99 11.26 -24.92
N GLU C 483 30.03 12.05 -24.70
CA GLU C 483 31.06 12.25 -25.70
C GLU C 483 32.21 11.26 -25.46
N LEU C 484 32.59 10.53 -26.51
CA LEU C 484 33.65 9.55 -26.41
C LEU C 484 34.99 10.17 -26.84
N MET C 485 36.04 9.87 -26.08
CA MET C 485 37.35 10.45 -26.33
C MET C 485 38.40 9.35 -26.51
N VAL C 486 39.65 9.76 -26.75
CA VAL C 486 40.76 8.83 -26.86
C VAL C 486 42.04 9.45 -26.31
N MET D 24 28.71 35.05 -0.03
CA MET D 24 28.66 33.59 0.01
C MET D 24 29.55 33.04 1.11
N LYS D 25 29.47 31.74 1.34
CA LYS D 25 30.32 31.09 2.34
C LYS D 25 31.60 30.56 1.70
N SER D 26 32.01 29.36 2.10
CA SER D 26 33.21 28.75 1.57
C SER D 26 33.24 27.25 1.81
N GLY D 27 32.20 26.73 2.46
CA GLY D 27 32.13 25.32 2.78
C GLY D 27 33.25 24.90 3.70
N LEU D 28 33.70 23.66 3.55
CA LEU D 28 34.86 23.12 4.28
C LEU D 28 34.69 23.03 5.80
N GLU D 29 33.69 23.73 6.34
CA GLU D 29 33.46 23.75 7.78
C GLU D 29 32.99 22.40 8.29
N ILE D 30 32.98 22.25 9.61
CA ILE D 30 32.56 21.00 10.25
C ILE D 30 31.04 20.89 10.29
N PRO D 34 22.80 20.26 11.70
CA PRO D 34 21.83 19.18 11.91
C PRO D 34 21.93 18.08 10.86
N GLY D 35 21.38 16.91 11.16
CA GLY D 35 21.36 15.81 10.22
C GLY D 35 20.60 16.20 8.97
N LYS D 36 19.42 16.77 9.17
CA LYS D 36 18.64 17.34 8.06
C LYS D 36 19.20 18.70 7.69
N LEU D 37 18.31 19.65 7.44
CA LEU D 37 18.69 21.03 7.12
C LEU D 37 19.67 21.16 5.95
N ALA D 38 19.12 21.33 4.75
CA ALA D 38 19.95 21.66 3.60
C ALA D 38 20.23 23.15 3.61
N ASP D 39 21.43 23.52 4.06
CA ASP D 39 21.76 24.93 4.22
C ASP D 39 21.87 25.66 2.88
N CYS D 40 22.11 26.96 2.93
CA CYS D 40 22.19 27.80 1.73
C CYS D 40 23.61 27.88 1.23
N SER D 41 24.10 29.10 1.06
CA SER D 41 25.46 29.34 0.60
C SER D 41 25.94 30.73 1.01
N SER D 42 25.01 31.69 1.04
CA SER D 42 25.37 33.06 1.41
C SER D 42 25.32 33.26 2.92
N ASN D 43 26.36 33.86 3.46
CA ASN D 43 26.41 34.19 4.88
C ASN D 43 25.87 35.59 5.13
N ASN D 44 24.59 35.79 4.85
CA ASN D 44 23.96 37.10 4.99
C ASN D 44 22.54 37.00 5.54
N PRO D 45 22.39 37.24 6.85
CA PRO D 45 21.09 37.20 7.54
C PRO D 45 20.21 38.42 7.23
N ALA D 46 20.38 38.99 6.04
CA ALA D 46 19.56 40.12 5.60
C ALA D 46 18.78 39.72 4.36
N GLU D 47 19.25 38.68 3.68
N GLU D 47 19.25 38.70 3.66
CA GLU D 47 18.62 38.22 2.44
CA GLU D 47 18.58 38.21 2.46
C GLU D 47 18.22 36.75 2.56
C GLU D 47 18.18 36.75 2.61
N THR D 48 19.04 35.98 3.27
CA THR D 48 18.84 34.54 3.42
C THR D 48 17.52 34.18 4.10
N GLU D 49 16.94 33.05 3.71
CA GLU D 49 15.62 32.65 4.17
C GLU D 49 15.60 31.19 4.58
N LEU D 50 14.96 30.90 5.70
CA LEU D 50 14.80 29.53 6.19
C LEU D 50 13.34 29.10 6.01
N PHE D 51 13.13 28.05 5.21
CA PHE D 51 11.80 27.54 4.97
C PHE D 51 11.51 26.32 5.83
N ILE D 52 10.64 26.49 6.82
CA ILE D 52 10.18 25.37 7.62
C ILE D 52 9.15 24.57 6.83
N VAL D 53 9.58 23.42 6.32
CA VAL D 53 8.70 22.56 5.54
C VAL D 53 8.44 21.28 6.34
N GLU D 54 7.27 20.67 6.17
CA GLU D 54 6.96 19.48 6.95
C GLU D 54 7.28 18.17 6.22
N GLY D 55 8.11 17.35 6.84
CA GLY D 55 8.47 16.05 6.31
C GLY D 55 9.50 16.11 5.19
N ASP D 56 10.20 14.99 5.01
CA ASP D 56 11.20 14.87 3.96
C ASP D 56 10.54 14.73 2.58
N SER D 57 9.23 14.48 2.58
CA SER D 57 8.47 14.37 1.35
C SER D 57 8.35 15.76 0.71
N ALA D 58 8.07 16.76 1.53
CA ALA D 58 8.08 18.15 1.07
C ALA D 58 9.51 18.64 0.98
N GLY D 59 10.35 18.09 1.85
CA GLY D 59 11.76 18.43 1.88
C GLY D 59 12.46 18.17 0.56
N GLY D 60 12.14 17.04 -0.07
CA GLY D 60 12.73 16.67 -1.34
C GLY D 60 12.50 17.71 -2.42
N SER D 61 11.24 18.07 -2.64
CA SER D 61 10.88 19.06 -3.66
C SER D 61 11.41 20.44 -3.30
N ALA D 62 11.13 20.87 -2.07
CA ALA D 62 11.54 22.19 -1.61
C ALA D 62 13.04 22.40 -1.76
N LYS D 63 13.82 21.38 -1.40
CA LYS D 63 15.28 21.45 -1.52
C LYS D 63 15.73 21.35 -2.98
N SER D 64 15.05 20.52 -3.75
CA SER D 64 15.39 20.32 -5.15
C SER D 64 15.24 21.60 -5.96
N GLY D 65 14.23 22.40 -5.62
CA GLY D 65 14.04 23.69 -6.26
C GLY D 65 14.01 24.82 -5.25
N ARG D 66 15.17 25.37 -4.92
CA ARG D 66 15.24 26.34 -3.83
C ARG D 66 16.21 27.51 -4.01
N ASN D 67 17.01 27.50 -5.08
CA ASN D 67 18.06 28.51 -5.25
C ASN D 67 19.03 28.48 -4.06
N ARG D 68 20.04 27.61 -4.14
CA ARG D 68 20.96 27.42 -3.02
C ARG D 68 21.97 28.55 -2.86
N GLU D 69 21.47 29.73 -2.52
CA GLU D 69 22.33 30.85 -2.16
C GLU D 69 21.75 31.56 -0.94
N PHE D 70 20.49 31.97 -1.04
CA PHE D 70 19.81 32.65 0.07
C PHE D 70 18.55 31.93 0.55
N GLN D 71 18.48 30.62 0.31
CA GLN D 71 17.33 29.83 0.76
C GLN D 71 17.75 28.44 1.25
N ALA D 72 17.48 28.17 2.52
CA ALA D 72 17.75 26.87 3.12
C ALA D 72 16.44 26.27 3.64
N ILE D 73 16.39 24.95 3.70
CA ILE D 73 15.16 24.25 4.09
C ILE D 73 15.33 23.47 5.40
N LEU D 74 14.31 23.50 6.24
CA LEU D 74 14.33 22.72 7.47
C LEU D 74 13.05 21.90 7.60
N PRO D 75 13.19 20.57 7.53
CA PRO D 75 12.07 19.63 7.76
C PRO D 75 11.60 19.65 9.20
N ILE D 76 10.30 19.44 9.40
CA ILE D 76 9.71 19.33 10.73
C ILE D 76 8.94 18.03 10.82
N ARG D 77 9.66 16.96 11.15
CA ARG D 77 9.08 15.61 11.18
C ARG D 77 8.01 15.47 12.25
N GLY D 78 6.77 15.25 11.82
CA GLY D 78 5.66 15.04 12.74
C GLY D 78 5.10 16.32 13.29
N LYS D 79 4.03 16.20 14.08
CA LYS D 79 3.40 17.35 14.71
C LYS D 79 4.26 17.90 15.84
N ILE D 80 4.68 19.16 15.69
CA ILE D 80 5.52 19.81 16.69
C ILE D 80 4.82 19.87 18.04
N LEU D 81 5.62 19.93 19.10
CA LEU D 81 5.09 19.94 20.45
C LEU D 81 4.37 21.24 20.78
N ASN D 82 3.20 21.12 21.40
CA ASN D 82 2.46 22.28 21.88
C ASN D 82 3.11 22.77 23.18
N VAL D 83 3.78 23.91 23.10
CA VAL D 83 4.55 24.43 24.23
C VAL D 83 3.66 25.12 25.28
N GLU D 84 2.47 25.54 24.86
CA GLU D 84 1.53 26.19 25.77
C GLU D 84 0.89 25.20 26.74
N LYS D 85 1.19 23.91 26.56
CA LYS D 85 0.63 22.86 27.41
C LYS D 85 1.69 21.90 27.90
N ALA D 86 2.94 22.13 27.53
CA ALA D 86 4.02 21.22 27.87
C ALA D 86 4.95 21.80 28.93
N SER D 87 5.58 20.91 29.70
CA SER D 87 6.52 21.33 30.73
C SER D 87 7.85 21.73 30.09
N MET D 88 8.58 22.61 30.75
CA MET D 88 9.89 23.06 30.27
C MET D 88 10.83 21.88 30.08
N ASP D 89 10.71 20.89 30.96
CA ASP D 89 11.51 19.68 30.90
C ASP D 89 11.29 18.93 29.58
N LYS D 90 10.06 18.94 29.09
CA LYS D 90 9.74 18.27 27.84
C LYS D 90 10.01 19.17 26.64
N ILE D 91 9.93 20.48 26.85
CA ILE D 91 10.23 21.43 25.79
C ILE D 91 11.71 21.37 25.42
N LEU D 92 12.57 21.42 26.43
CA LEU D 92 14.02 21.36 26.23
C LEU D 92 14.44 19.98 25.70
N ALA D 93 13.59 18.99 25.93
CA ALA D 93 13.89 17.61 25.51
C ALA D 93 13.64 17.41 24.02
N ASN D 94 12.59 18.06 23.51
CA ASN D 94 12.19 17.89 22.10
C ASN D 94 13.31 18.22 21.11
N GLU D 95 13.58 17.28 20.20
CA GLU D 95 14.68 17.41 19.24
C GLU D 95 14.36 18.38 18.10
N GLU D 96 13.09 18.47 17.71
CA GLU D 96 12.68 19.33 16.61
C GLU D 96 12.87 20.80 16.97
N ILE D 97 12.40 21.18 18.15
CA ILE D 97 12.57 22.55 18.65
C ILE D 97 14.05 22.88 18.76
N ARG D 98 14.84 21.91 19.23
CA ARG D 98 16.28 22.09 19.34
C ARG D 98 16.92 22.28 17.96
N SER D 99 16.33 21.66 16.95
CA SER D 99 16.84 21.77 15.58
C SER D 99 16.51 23.13 14.99
N LEU D 100 15.31 23.62 15.29
CA LEU D 100 14.88 24.93 14.83
C LEU D 100 15.72 26.03 15.49
N PHE D 101 15.99 25.86 16.78
CA PHE D 101 16.80 26.82 17.52
C PHE D 101 18.28 26.74 17.13
N THR D 102 18.73 25.56 16.75
CA THR D 102 20.11 25.36 16.29
C THR D 102 20.28 26.03 14.93
N ALA D 103 19.30 25.83 14.06
CA ALA D 103 19.33 26.41 12.72
C ALA D 103 19.24 27.93 12.77
N MET D 104 18.29 28.45 13.53
CA MET D 104 18.09 29.89 13.63
C MET D 104 19.31 30.60 14.24
N GLY D 105 20.05 29.87 15.08
CA GLY D 105 21.26 30.41 15.68
C GLY D 105 20.99 31.55 16.65
N THR D 106 19.78 31.58 17.19
CA THR D 106 19.38 32.64 18.11
C THR D 106 19.86 32.36 19.53
N GLY D 107 19.69 31.12 19.96
CA GLY D 107 19.91 30.77 21.36
C GLY D 107 18.56 30.59 22.01
N PHE D 108 18.54 30.16 23.26
CA PHE D 108 17.26 29.89 23.93
C PHE D 108 17.16 30.62 25.26
N GLY D 109 15.96 31.12 25.55
CA GLY D 109 15.67 31.75 26.84
C GLY D 109 16.51 32.97 27.13
N ALA D 110 17.45 32.81 28.06
CA ALA D 110 18.32 33.91 28.46
C ALA D 110 19.53 34.03 27.53
N GLU D 111 19.36 33.63 26.28
CA GLU D 111 20.40 33.75 25.27
C GLU D 111 19.83 34.23 23.95
N PHE D 112 18.50 34.35 23.90
CA PHE D 112 17.80 34.75 22.68
C PHE D 112 18.35 36.05 22.09
N ASP D 113 19.52 35.95 21.49
CA ASP D 113 20.18 37.10 20.88
C ASP D 113 19.68 37.27 19.44
N VAL D 114 18.71 38.16 19.27
CA VAL D 114 18.10 38.38 17.96
C VAL D 114 19.11 38.97 16.96
N SER D 115 20.17 39.59 17.47
CA SER D 115 21.21 40.16 16.63
C SER D 115 22.24 39.10 16.24
N LYS D 116 21.88 37.84 16.46
CA LYS D 116 22.74 36.72 16.07
C LYS D 116 21.97 35.72 15.22
N ALA D 117 20.79 36.13 14.77
CA ALA D 117 19.96 35.29 13.91
C ALA D 117 20.66 35.04 12.58
N ARG D 118 20.41 33.86 12.01
CA ARG D 118 21.08 33.46 10.78
C ARG D 118 20.24 33.68 9.53
N TYR D 119 18.94 33.86 9.70
CA TYR D 119 18.03 34.04 8.57
C TYR D 119 17.13 35.26 8.74
N GLN D 120 16.99 36.04 7.67
CA GLN D 120 16.18 37.25 7.70
C GLN D 120 14.69 36.96 7.52
N LYS D 121 14.38 35.75 7.05
CA LYS D 121 13.00 35.38 6.80
C LYS D 121 12.73 33.94 7.23
N LEU D 122 12.00 33.76 8.32
CA LEU D 122 11.58 32.44 8.76
C LEU D 122 10.20 32.15 8.20
N VAL D 123 10.15 31.42 7.09
CA VAL D 123 8.90 31.16 6.39
C VAL D 123 8.25 29.85 6.82
N LEU D 124 7.00 29.93 7.26
CA LEU D 124 6.24 28.74 7.62
C LEU D 124 5.57 28.16 6.38
N MET D 125 6.17 27.10 5.84
CA MET D 125 5.69 26.50 4.61
C MET D 125 5.13 25.10 4.87
N THR D 126 4.00 25.06 5.57
CA THR D 126 3.35 23.80 5.88
C THR D 126 2.51 23.29 4.70
N ASP D 127 2.04 22.05 4.81
CA ASP D 127 1.19 21.46 3.77
C ASP D 127 -0.11 22.25 3.61
N ALA D 128 -0.80 22.03 2.50
CA ALA D 128 -2.02 22.77 2.20
C ALA D 128 -3.28 22.06 2.70
N ASP D 129 -3.13 21.14 3.63
CA ASP D 129 -4.28 20.50 4.26
C ASP D 129 -4.53 21.07 5.65
N VAL D 130 -5.53 20.54 6.34
CA VAL D 130 -5.88 21.02 7.67
C VAL D 130 -4.82 20.69 8.71
N ASP D 131 -4.19 19.53 8.57
CA ASP D 131 -3.10 19.15 9.47
C ASP D 131 -1.95 20.12 9.32
N GLY D 132 -1.77 20.63 8.10
CA GLY D 132 -0.76 21.65 7.83
C GLY D 132 -1.10 22.95 8.54
N ALA D 133 -2.39 23.27 8.60
CA ALA D 133 -2.83 24.45 9.33
C ALA D 133 -2.60 24.27 10.83
N HIS D 134 -2.81 23.05 11.31
CA HIS D 134 -2.56 22.70 12.70
C HIS D 134 -1.07 22.89 13.03
N ILE D 135 -0.21 22.36 12.18
CA ILE D 135 1.22 22.51 12.35
C ILE D 135 1.61 24.00 12.28
N ARG D 136 0.89 24.76 11.47
CA ARG D 136 1.11 26.19 11.39
C ARG D 136 0.80 26.85 12.73
N THR D 137 -0.31 26.44 13.35
CA THR D 137 -0.69 26.96 14.66
C THR D 137 0.37 26.62 15.70
N LEU D 138 0.74 25.35 15.77
CA LEU D 138 1.75 24.88 16.72
C LEU D 138 3.07 25.64 16.59
N LEU D 139 3.56 25.73 15.35
CA LEU D 139 4.79 26.45 15.05
C LEU D 139 4.66 27.92 15.43
N LEU D 140 3.48 28.50 15.23
CA LEU D 140 3.24 29.90 15.59
C LEU D 140 3.22 30.12 17.10
N THR D 141 2.79 29.09 17.84
CA THR D 141 2.83 29.15 19.29
C THR D 141 4.27 29.06 19.77
N LEU D 142 5.02 28.13 19.19
CA LEU D 142 6.43 27.98 19.50
C LEU D 142 7.19 29.29 19.26
N ILE D 143 6.95 29.89 18.10
CA ILE D 143 7.62 31.12 17.71
C ILE D 143 7.18 32.31 18.56
N TYR D 144 5.87 32.46 18.79
CA TYR D 144 5.39 33.59 19.57
C TYR D 144 5.82 33.52 21.04
N ARG D 145 5.86 32.32 21.58
CA ARG D 145 6.17 32.12 22.99
C ARG D 145 7.67 32.09 23.29
N TYR D 146 8.44 31.40 22.45
CA TYR D 146 9.86 31.19 22.73
C TYR D 146 10.81 31.79 21.70
N MET D 147 10.26 32.52 20.74
CA MET D 147 11.07 33.27 19.77
C MET D 147 10.41 34.61 19.51
N LYS D 148 9.88 35.20 20.58
CA LYS D 148 9.12 36.44 20.50
C LYS D 148 9.82 37.63 19.81
N PRO D 149 11.12 37.85 20.09
CA PRO D 149 11.78 38.95 19.37
C PRO D 149 11.81 38.75 17.85
N ILE D 150 11.89 37.49 17.41
CA ILE D 150 11.93 37.20 15.97
C ILE D 150 10.64 37.63 15.28
N LEU D 151 9.50 37.30 15.90
CA LEU D 151 8.20 37.68 15.34
C LEU D 151 7.91 39.15 15.56
N GLU D 152 8.57 39.73 16.57
CA GLU D 152 8.37 41.14 16.90
C GLU D 152 9.20 42.06 16.01
N ALA D 153 10.04 41.45 15.16
CA ALA D 153 10.91 42.23 14.29
C ALA D 153 10.66 41.94 12.80
N GLY D 154 9.52 41.33 12.51
CA GLY D 154 9.12 41.08 11.13
C GLY D 154 10.00 40.11 10.38
N TYR D 155 10.41 39.04 11.04
CA TYR D 155 11.23 38.01 10.42
C TYR D 155 10.41 36.79 10.02
N VAL D 156 9.23 36.64 10.62
CA VAL D 156 8.39 35.47 10.40
C VAL D 156 7.40 35.67 9.26
N TYR D 157 7.40 34.75 8.30
CA TYR D 157 6.47 34.80 7.18
C TYR D 157 5.66 33.51 7.06
N ILE D 158 4.55 33.60 6.32
CA ILE D 158 3.75 32.44 5.99
C ILE D 158 3.64 32.31 4.48
N ALA D 159 4.14 31.20 3.94
CA ALA D 159 4.06 30.93 2.52
C ALA D 159 2.61 30.70 2.11
N GLN D 160 2.28 31.01 0.85
CA GLN D 160 0.91 30.91 0.39
C GLN D 160 0.78 29.98 -0.82
N PRO D 161 0.80 28.66 -0.60
CA PRO D 161 0.65 27.69 -1.69
C PRO D 161 -0.76 27.72 -2.27
N PRO D 162 -0.91 27.30 -3.54
CA PRO D 162 -2.23 27.25 -4.19
C PRO D 162 -2.96 25.96 -3.87
N LEU D 208 1.92 18.80 -0.14
CA LEU D 208 2.90 19.61 -0.86
C LEU D 208 4.01 18.74 -1.44
N GLY D 209 3.99 17.46 -1.09
CA GLY D 209 4.92 16.50 -1.69
C GLY D 209 4.45 16.15 -3.08
N GLU D 210 3.17 16.41 -3.34
CA GLU D 210 2.58 16.20 -4.65
C GLU D 210 2.85 17.39 -5.54
N MET D 211 4.13 17.63 -5.83
CA MET D 211 4.52 18.79 -6.60
C MET D 211 5.96 18.64 -7.10
N ASP D 212 6.17 18.96 -8.37
CA ASP D 212 7.51 18.94 -8.94
C ASP D 212 8.33 20.09 -8.34
N ASP D 213 9.65 19.95 -8.39
CA ASP D 213 10.54 20.99 -7.86
C ASP D 213 10.37 22.30 -8.61
N HIS D 214 10.21 22.21 -9.92
CA HIS D 214 9.99 23.37 -10.76
C HIS D 214 8.64 24.00 -10.45
N GLN D 215 7.67 23.17 -10.13
CA GLN D 215 6.35 23.63 -9.74
C GLN D 215 6.42 24.45 -8.47
N LEU D 216 7.09 23.90 -7.46
CA LEU D 216 7.24 24.59 -6.18
C LEU D 216 8.01 25.89 -6.34
N TRP D 217 9.12 25.82 -7.06
CA TRP D 217 9.96 26.99 -7.32
C TRP D 217 9.15 28.11 -7.98
N GLU D 218 8.45 27.75 -9.06
CA GLU D 218 7.67 28.71 -9.82
C GLU D 218 6.47 29.26 -9.04
N THR D 219 5.95 28.46 -8.12
CA THR D 219 4.71 28.83 -7.45
C THR D 219 4.91 29.60 -6.14
N THR D 220 5.67 29.02 -5.21
CA THR D 220 5.71 29.54 -3.85
C THR D 220 7.09 29.93 -3.34
N MET D 221 8.14 29.58 -4.08
CA MET D 221 9.50 29.81 -3.60
C MET D 221 10.24 30.94 -4.33
N ASP D 222 9.67 31.42 -5.44
CA ASP D 222 10.35 32.45 -6.23
C ASP D 222 10.00 33.86 -5.75
N PRO D 223 11.03 34.64 -5.38
CA PRO D 223 10.91 35.99 -4.81
C PRO D 223 10.19 36.97 -5.74
N GLU D 224 10.58 37.02 -7.00
CA GLU D 224 9.99 37.94 -7.97
C GLU D 224 8.54 37.61 -8.27
N HIS D 225 8.11 36.43 -7.82
CA HIS D 225 6.71 36.04 -7.89
C HIS D 225 6.26 35.69 -6.47
N ARG D 226 5.30 34.78 -6.35
CA ARG D 226 4.82 34.26 -5.07
C ARG D 226 4.18 35.31 -4.15
N LEU D 227 3.32 34.85 -3.26
CA LEU D 227 2.69 35.71 -2.26
C LEU D 227 3.08 35.25 -0.86
N MET D 228 3.43 36.20 -0.01
CA MET D 228 3.84 35.88 1.35
C MET D 228 3.03 36.69 2.35
N ALA D 229 2.77 36.11 3.52
CA ALA D 229 2.10 36.85 4.58
C ALA D 229 3.09 37.22 5.67
N ARG D 230 3.20 38.51 5.96
CA ARG D 230 4.03 38.97 7.07
C ARG D 230 3.27 38.87 8.38
N VAL D 231 3.72 38.00 9.28
CA VAL D 231 3.08 37.83 10.57
C VAL D 231 3.30 39.08 11.42
N SER D 232 2.24 39.86 11.59
CA SER D 232 2.30 41.07 12.41
C SER D 232 1.46 40.92 13.68
N VAL D 233 2.00 41.38 14.80
CA VAL D 233 1.30 41.32 16.07
C VAL D 233 0.74 42.69 16.45
N ASP D 234 -0.55 42.74 16.75
CA ASP D 234 -1.19 43.98 17.17
C ASP D 234 -1.16 44.09 18.69
N ASP D 235 -2.33 43.98 19.31
CA ASP D 235 -2.43 43.99 20.77
C ASP D 235 -1.90 42.67 21.32
N ALA D 236 -0.76 42.74 22.00
CA ALA D 236 -0.11 41.54 22.56
C ALA D 236 -0.99 40.87 23.60
N ALA D 237 -1.89 41.64 24.21
CA ALA D 237 -2.85 41.10 25.16
C ALA D 237 -3.83 40.16 24.45
N GLU D 238 -4.28 40.59 23.27
CA GLU D 238 -5.19 39.79 22.46
C GLU D 238 -4.49 38.53 21.97
N ALA D 239 -3.21 38.67 21.61
CA ALA D 239 -2.40 37.53 21.19
C ALA D 239 -2.29 36.51 22.32
N ASP D 240 -1.80 36.96 23.46
CA ASP D 240 -1.66 36.10 24.63
C ASP D 240 -2.98 35.43 24.99
N LYS D 241 -4.08 36.19 24.88
CA LYS D 241 -5.41 35.68 25.16
C LYS D 241 -5.77 34.53 24.22
N ILE D 242 -5.64 34.78 22.92
CA ILE D 242 -5.98 33.78 21.91
C ILE D 242 -5.12 32.53 22.01
N PHE D 243 -3.83 32.70 22.30
CA PHE D 243 -2.92 31.57 22.47
C PHE D 243 -3.29 30.77 23.72
N ASP D 244 -3.67 31.47 24.79
CA ASP D 244 -4.08 30.81 26.02
C ASP D 244 -5.42 30.12 25.87
N MET D 245 -6.20 30.55 24.88
CA MET D 245 -7.53 29.98 24.65
C MET D 245 -7.49 28.77 23.75
N LEU D 246 -6.86 28.90 22.59
CA LEU D 246 -6.83 27.84 21.59
C LEU D 246 -5.90 26.71 21.99
N MET D 247 -4.67 27.06 22.39
CA MET D 247 -3.64 26.07 22.65
C MET D 247 -3.36 25.93 24.15
N GLY D 248 -4.26 26.46 24.97
CA GLY D 248 -4.10 26.45 26.40
C GLY D 248 -4.40 25.11 27.05
N ASP D 249 -4.21 25.04 28.36
CA ASP D 249 -4.49 23.82 29.12
C ASP D 249 -5.98 23.60 29.28
N ARG D 250 -6.72 24.70 29.43
CA ARG D 250 -8.17 24.64 29.59
C ARG D 250 -8.86 24.17 28.32
N VAL D 251 -9.80 23.24 28.45
CA VAL D 251 -10.52 22.69 27.32
C VAL D 251 -11.84 23.42 27.05
N GLU D 252 -12.57 23.73 28.12
CA GLU D 252 -13.88 24.38 28.01
C GLU D 252 -13.95 25.65 27.14
N PRO D 253 -13.00 26.60 27.33
CA PRO D 253 -13.05 27.80 26.47
C PRO D 253 -12.86 27.45 25.00
N ARG D 254 -12.13 26.37 24.73
CA ARG D 254 -11.89 25.92 23.37
C ARG D 254 -13.18 25.36 22.77
N ARG D 255 -13.94 24.64 23.59
CA ARG D 255 -15.22 24.09 23.19
C ARG D 255 -16.22 25.19 22.91
N GLU D 256 -16.22 26.21 23.77
CA GLU D 256 -17.09 27.36 23.58
C GLU D 256 -16.73 28.13 22.31
N PHE D 257 -15.42 28.32 22.10
CA PHE D 257 -14.95 29.02 20.91
C PHE D 257 -15.34 28.26 19.65
N ILE D 258 -15.21 26.94 19.71
CA ILE D 258 -15.61 26.08 18.60
C ILE D 258 -17.11 26.20 18.35
N GLU D 259 -17.89 26.25 19.42
CA GLU D 259 -19.34 26.33 19.31
C GLU D 259 -19.79 27.67 18.75
N GLU D 260 -19.00 28.71 19.00
CA GLU D 260 -19.38 30.07 18.61
C GLU D 260 -18.91 30.47 17.21
N ASN D 261 -17.64 30.23 16.92
CA ASN D 261 -17.04 30.72 15.69
C ASN D 261 -17.00 29.71 14.54
N ALA D 262 -17.94 28.76 14.53
CA ALA D 262 -17.96 27.74 13.50
C ALA D 262 -19.32 27.62 12.83
N VAL D 263 -19.30 27.58 11.50
CA VAL D 263 -20.52 27.38 10.72
C VAL D 263 -20.50 25.99 10.09
N TYR D 264 -21.36 25.11 10.60
CA TYR D 264 -21.42 23.73 10.13
C TYR D 264 -22.34 23.58 8.93
N SER D 265 -23.64 23.79 9.16
CA SER D 265 -24.63 23.66 8.11
C SER D 265 -25.53 24.89 8.04
F MFX I . 17.16 -1.66 8.64
O01 MFX I . 14.57 -5.72 9.24
O02 MFX I . 14.15 -1.60 4.86
O03 MFX I . 11.12 -3.91 3.26
O MFX I . 12.23 -2.03 2.88
N01 MFX I . 16.57 -4.00 10.09
N02 MFX I . 16.50 -4.29 13.47
N MFX I . 13.01 -5.05 6.67
C01 MFX I . 18.19 -4.90 11.60
C02 MFX I . 17.36 -3.82 12.35
C03 MFX I . 17.42 -5.17 10.28
C04 MFX I . 16.51 -3.13 11.26
C05 MFX I . 18.48 -6.23 12.36
C06 MFX I . 12.34 -6.32 6.99
C07 MFX I . 17.69 -6.45 13.68
C08 MFX I . 12.07 -6.99 8.39
C09 MFX I . 13.17 -7.60 7.41
C10 MFX I . 17.25 -5.16 14.39
C11 MFX I . 15.82 -3.74 8.91
C12 MFX I . 14.02 -4.34 7.25
C13 MFX I . 14.78 -4.62 8.45
C14 MFX I . 14.40 -3.12 6.58
C15 MFX I . 16.13 -2.58 8.20
C16 MFX I . 12.43 -4.63 5.55
C17 MFX I . 15.41 -2.28 7.06
C18 MFX I . 12.76 -3.46 4.87
C19 MFX I . 13.78 -2.68 5.40
C20 MFX I . 12.00 -3.14 3.63
C MFX I . 13.99 -5.59 10.51
F MFX J . 7.42 7.59 15.91
O01 MFX J . 7.30 10.94 12.39
O02 MFX J . 3.88 6.01 12.84
O03 MFX J . 2.17 7.32 9.28
O MFX J . 2.05 5.68 10.76
N01 MFX J . 8.38 9.99 14.77
N02 MFX J . 11.89 10.55 15.54
N MFX J . 5.15 9.45 11.07
C01 MFX J . 9.60 11.62 16.06
C02 MFX J . 10.46 10.32 15.88
C03 MFX J . 8.28 11.35 15.28
C04 MFX J . 9.74 9.46 14.81
C05 MFX J . 10.35 12.89 15.59
C06 MFX J . 5.47 10.64 10.30
C07 MFX J . 11.16 12.65 14.30
C08 MFX J . 4.72 11.99 10.65
C09 MFX J . 4.36 11.21 9.34
C10 MFX J . 12.05 11.37 14.31
C11 MFX J . 7.35 9.30 14.10
C12 MFX J . 5.74 9.06 12.23
C13 MFX J . 6.79 9.77 12.89
C14 MFX J . 5.29 7.86 12.84
C15 MFX J . 6.87 8.10 14.67
C16 MFX J . 4.19 8.73 10.52
C17 MFX J . 5.84 7.39 14.04
C18 MFX J . 3.69 7.53 11.06
C19 MFX J . 4.26 7.07 12.27
C20 MFX J . 2.60 6.84 10.34
C MFX J . 8.51 10.95 11.69
MG MG K . 2.18 4.94 12.63
MG MG L . 14.20 -1.66 2.83
#